data_2KE1
#
_entry.id   2KE1
#
loop_
_entity.id
_entity.type
_entity.pdbx_description
1 polymer 'Autoimmune regulator'
2 polymer H3K4me0
3 non-polymer 'ZINC ION'
#
loop_
_entity_poly.entity_id
_entity_poly.type
_entity_poly.pdbx_seq_one_letter_code
_entity_poly.pdbx_strand_id
1 'polypeptide(L)' GAMAQKNEDECAVCRDGGELICCDGCPRAFHLACLSPPLREIPSGTWRCSSCLQATVQEVQPRAEE A
2 'polypeptide(L)' ARTKQTARKS B
#
loop_
_chem_comp.id
_chem_comp.type
_chem_comp.name
_chem_comp.formula
ZN non-polymer 'ZINC ION' 'Zn 2'
#
# COMPACT_ATOMS: atom_id res chain seq x y z
N GLY A 1 8.89 21.43 -4.44
CA GLY A 1 9.45 20.57 -3.37
C GLY A 1 9.60 19.14 -3.82
N ALA A 2 10.52 18.41 -3.21
CA ALA A 2 10.75 17.02 -3.57
C ALA A 2 9.79 16.13 -2.81
N MET A 3 9.21 15.16 -3.51
CA MET A 3 8.26 14.24 -2.90
C MET A 3 9.01 13.13 -2.17
N ALA A 4 9.61 13.49 -1.05
CA ALA A 4 10.35 12.53 -0.24
C ALA A 4 9.38 11.74 0.63
N GLN A 5 8.82 10.70 0.04
CA GLN A 5 7.82 9.88 0.71
C GLN A 5 8.43 9.03 1.82
N LYS A 6 7.56 8.47 2.65
CA LYS A 6 7.97 7.64 3.76
C LYS A 6 7.23 6.33 3.68
N ASN A 7 7.90 5.25 4.03
CA ASN A 7 7.32 3.93 3.98
C ASN A 7 7.53 3.23 5.31
N GLU A 8 6.49 2.59 5.80
CA GLU A 8 6.56 1.86 7.04
C GLU A 8 7.39 0.60 6.88
N ASP A 9 8.24 0.34 7.85
CA ASP A 9 9.07 -0.86 7.83
C ASP A 9 8.30 -1.99 8.49
N GLU A 10 7.07 -1.69 8.89
CA GLU A 10 6.19 -2.66 9.51
C GLU A 10 4.88 -2.68 8.73
N CYS A 11 4.36 -3.86 8.50
CA CYS A 11 3.10 -4.04 7.79
C CYS A 11 1.93 -3.46 8.59
N ALA A 12 1.02 -2.77 7.90
CA ALA A 12 -0.17 -2.19 8.53
C ALA A 12 -1.11 -3.27 9.06
N VAL A 13 -0.91 -4.50 8.62
CA VAL A 13 -1.73 -5.61 9.05
C VAL A 13 -1.28 -6.15 10.42
N CYS A 14 -0.05 -6.65 10.49
CA CYS A 14 0.44 -7.31 11.71
C CYS A 14 1.66 -6.61 12.31
N ARG A 15 2.01 -5.45 11.74
CA ARG A 15 3.18 -4.66 12.15
C ARG A 15 4.46 -5.51 12.12
N ASP A 16 4.53 -6.43 11.17
CA ASP A 16 5.71 -7.26 10.98
C ASP A 16 6.51 -6.72 9.79
N GLY A 17 7.76 -7.17 9.63
CA GLY A 17 8.60 -6.63 8.59
C GLY A 17 8.82 -7.63 7.49
N GLY A 18 9.78 -7.38 6.61
CA GLY A 18 10.08 -8.35 5.58
C GLY A 18 9.59 -7.93 4.22
N GLU A 19 8.81 -8.79 3.58
CA GLU A 19 8.28 -8.53 2.26
C GLU A 19 7.12 -7.53 2.32
N LEU A 20 7.47 -6.25 2.25
CA LEU A 20 6.49 -5.19 2.36
C LEU A 20 6.18 -4.57 1.01
N ILE A 21 4.95 -4.12 0.87
CA ILE A 21 4.52 -3.38 -0.31
C ILE A 21 3.80 -2.12 0.16
N CYS A 22 4.42 -0.97 -0.07
CA CYS A 22 3.93 0.28 0.47
C CYS A 22 3.16 1.07 -0.58
N CYS A 23 2.16 1.81 -0.10
CA CYS A 23 1.32 2.64 -0.95
C CYS A 23 2.04 3.90 -1.38
N ASP A 24 1.67 4.42 -2.54
CA ASP A 24 2.22 5.69 -3.03
C ASP A 24 1.89 6.83 -2.08
N GLY A 25 0.61 7.18 -1.99
CA GLY A 25 0.20 8.34 -1.22
C GLY A 25 0.12 8.08 0.27
N CYS A 26 0.16 6.82 0.68
CA CYS A 26 0.09 6.47 2.09
C CYS A 26 1.30 5.67 2.51
N PRO A 27 1.94 6.08 3.62
CA PRO A 27 3.21 5.49 4.11
C PRO A 27 3.09 4.03 4.52
N ARG A 28 1.85 3.53 4.67
CA ARG A 28 1.64 2.15 5.09
C ARG A 28 2.25 1.16 4.12
N ALA A 29 2.94 0.19 4.66
CA ALA A 29 3.43 -0.94 3.89
C ALA A 29 2.73 -2.20 4.37
N PHE A 30 2.50 -3.15 3.48
CA PHE A 30 1.75 -4.34 3.83
C PHE A 30 2.50 -5.59 3.40
N HIS A 31 2.09 -6.74 3.93
CA HIS A 31 2.57 -8.02 3.44
C HIS A 31 1.68 -8.50 2.31
N LEU A 32 2.28 -9.18 1.35
CA LEU A 32 1.55 -9.60 0.15
C LEU A 32 0.27 -10.35 0.52
N ALA A 33 0.42 -11.41 1.29
CA ALA A 33 -0.70 -12.28 1.65
C ALA A 33 -1.63 -11.64 2.67
N CYS A 34 -1.11 -10.73 3.48
CA CYS A 34 -1.89 -10.09 4.53
C CYS A 34 -2.92 -9.12 3.96
N LEU A 35 -2.63 -8.62 2.76
CA LEU A 35 -3.55 -7.72 2.08
C LEU A 35 -4.85 -8.42 1.69
N SER A 36 -5.87 -7.61 1.46
CA SER A 36 -7.15 -8.09 0.94
C SER A 36 -7.68 -7.09 -0.07
N PRO A 37 -7.66 -7.43 -1.38
CA PRO A 37 -7.16 -8.72 -1.87
C PRO A 37 -5.63 -8.85 -1.76
N PRO A 38 -5.15 -10.06 -1.46
CA PRO A 38 -3.72 -10.32 -1.30
C PRO A 38 -2.96 -10.25 -2.63
N LEU A 39 -1.83 -9.55 -2.61
CA LEU A 39 -0.94 -9.49 -3.75
C LEU A 39 -0.10 -10.76 -3.81
N ARG A 40 -0.03 -11.37 -4.98
CA ARG A 40 0.81 -12.55 -5.16
C ARG A 40 2.10 -12.13 -5.85
N GLU A 41 2.04 -10.97 -6.48
CA GLU A 41 3.14 -10.43 -7.24
C GLU A 41 3.13 -8.91 -7.13
N ILE A 42 4.31 -8.31 -7.23
CA ILE A 42 4.45 -6.87 -7.07
C ILE A 42 3.93 -6.11 -8.29
N PRO A 43 3.06 -5.11 -8.05
CA PRO A 43 2.47 -4.29 -9.09
C PRO A 43 3.38 -3.15 -9.53
N SER A 44 3.46 -2.95 -10.83
CA SER A 44 4.28 -1.87 -11.38
C SER A 44 3.43 -0.62 -11.56
N GLY A 45 3.74 0.42 -10.79
CA GLY A 45 2.96 1.63 -10.84
C GLY A 45 2.79 2.22 -9.46
N THR A 46 1.89 3.18 -9.36
CA THR A 46 1.55 3.77 -8.08
C THR A 46 0.50 2.93 -7.38
N TRP A 47 0.94 2.15 -6.41
CA TRP A 47 0.05 1.23 -5.71
C TRP A 47 -0.66 1.94 -4.58
N ARG A 48 -1.91 1.59 -4.37
CA ARG A 48 -2.72 2.21 -3.34
C ARG A 48 -3.31 1.14 -2.41
N CYS A 49 -3.30 1.43 -1.11
CA CYS A 49 -3.89 0.53 -0.13
C CYS A 49 -5.42 0.49 -0.29
N SER A 50 -6.07 -0.42 0.43
CA SER A 50 -7.50 -0.62 0.29
C SER A 50 -8.28 0.67 0.55
N SER A 51 -7.87 1.39 1.59
CA SER A 51 -8.52 2.65 1.96
C SER A 51 -8.49 3.64 0.79
N CYS A 52 -7.35 3.72 0.12
CA CYS A 52 -7.18 4.63 -1.01
C CYS A 52 -8.10 4.24 -2.17
N LEU A 53 -8.19 2.95 -2.45
CA LEU A 53 -9.01 2.46 -3.56
C LEU A 53 -10.49 2.61 -3.23
N GLN A 54 -10.79 2.73 -1.96
CA GLN A 54 -12.15 2.91 -1.50
C GLN A 54 -12.48 4.39 -1.39
N ALA A 55 -11.45 5.22 -1.53
CA ALA A 55 -11.60 6.66 -1.34
C ALA A 55 -11.95 7.36 -2.65
N THR A 56 -12.55 6.63 -3.58
CA THR A 56 -13.09 7.22 -4.79
C THR A 56 -14.31 8.11 -4.47
N VAL A 57 -14.05 9.21 -3.78
CA VAL A 57 -15.09 10.16 -3.38
C VAL A 57 -15.83 10.76 -4.58
N GLN A 58 -15.12 10.93 -5.69
CA GLN A 58 -15.70 11.53 -6.88
C GLN A 58 -16.58 10.54 -7.63
N GLU A 59 -17.19 11.00 -8.72
CA GLU A 59 -18.04 10.15 -9.55
C GLU A 59 -17.27 8.93 -10.01
N VAL A 60 -17.77 7.74 -9.69
CA VAL A 60 -17.08 6.50 -10.03
C VAL A 60 -17.39 6.08 -11.46
N GLN A 61 -17.20 7.03 -12.38
CA GLN A 61 -17.35 6.79 -13.81
C GLN A 61 -18.75 6.29 -14.17
N PRO A 62 -19.69 7.22 -14.36
CA PRO A 62 -21.07 6.88 -14.69
C PRO A 62 -21.18 6.26 -16.08
N ARG A 63 -21.47 4.97 -16.13
CA ARG A 63 -21.48 4.24 -17.39
C ARG A 63 -22.91 4.08 -17.90
N ALA A 64 -23.73 5.10 -17.66
CA ALA A 64 -25.09 5.12 -18.18
C ALA A 64 -25.07 5.39 -19.68
N GLU A 65 -25.16 4.33 -20.46
CA GLU A 65 -25.11 4.45 -21.92
C GLU A 65 -26.51 4.49 -22.49
N GLU A 66 -27.49 4.37 -21.62
CA GLU A 66 -28.89 4.32 -22.03
C GLU A 66 -29.64 5.51 -21.46
N ALA B 1 5.19 -0.44 -7.27
CA ALA B 1 4.80 -0.39 -5.84
C ALA B 1 6.00 -0.03 -4.98
N ARG B 2 5.76 0.62 -3.85
CA ARG B 2 6.84 1.00 -2.94
C ARG B 2 7.25 -0.21 -2.11
N THR B 3 7.81 -1.19 -2.78
CA THR B 3 8.16 -2.45 -2.14
C THR B 3 9.39 -2.32 -1.26
N LYS B 4 9.37 -3.01 -0.14
CA LYS B 4 10.48 -3.01 0.81
C LYS B 4 10.82 -4.45 1.19
N GLN B 5 12.08 -4.69 1.52
CA GLN B 5 12.49 -5.99 1.99
C GLN B 5 13.30 -5.85 3.27
N THR B 6 12.59 -5.61 4.36
CA THR B 6 13.22 -5.43 5.67
C THR B 6 13.36 -6.77 6.38
N ALA B 7 13.81 -6.72 7.63
CA ALA B 7 13.90 -7.91 8.44
C ALA B 7 12.53 -8.25 9.04
N ARG B 8 12.18 -9.53 9.01
CA ARG B 8 10.95 -10.00 9.61
C ARG B 8 11.06 -9.89 11.13
N LYS B 9 9.97 -9.56 11.77
CA LYS B 9 9.95 -9.39 13.21
C LYS B 9 9.31 -10.61 13.86
N SER B 10 8.26 -11.11 13.20
CA SER B 10 7.54 -12.30 13.66
C SER B 10 7.02 -12.12 15.08
ZN ZN C . 1.03 -8.34 7.53
ZN ZN D . -2.62 4.49 0.85
N GLY A 1 12.03 22.48 -0.06
CA GLY A 1 12.59 22.16 1.26
C GLY A 1 12.93 20.68 1.39
N ALA A 2 12.13 19.97 2.17
CA ALA A 2 12.34 18.55 2.38
C ALA A 2 11.08 17.78 2.03
N MET A 3 11.14 16.96 1.00
CA MET A 3 9.99 16.20 0.57
C MET A 3 10.41 14.87 -0.02
N ALA A 4 10.69 13.93 0.85
CA ALA A 4 10.96 12.56 0.46
C ALA A 4 9.97 11.64 1.15
N GLN A 5 9.08 11.03 0.38
CA GLN A 5 8.05 10.18 0.94
C GLN A 5 8.68 9.02 1.71
N LYS A 6 7.95 8.47 2.64
CA LYS A 6 8.49 7.47 3.55
C LYS A 6 7.64 6.21 3.50
N ASN A 7 8.26 5.08 3.79
CA ASN A 7 7.56 3.81 3.82
C ASN A 7 7.81 3.13 5.15
N GLU A 8 6.76 2.58 5.73
CA GLU A 8 6.87 1.89 7.01
C GLU A 8 7.70 0.62 6.86
N ASP A 9 8.41 0.26 7.92
CA ASP A 9 9.14 -1.00 7.96
C ASP A 9 8.24 -2.05 8.57
N GLU A 10 7.02 -1.65 8.90
CA GLU A 10 6.06 -2.51 9.54
C GLU A 10 4.79 -2.55 8.71
N CYS A 11 4.27 -3.74 8.50
CA CYS A 11 3.02 -3.90 7.77
C CYS A 11 1.85 -3.30 8.55
N ALA A 12 0.95 -2.62 7.84
CA ALA A 12 -0.22 -2.01 8.46
C ALA A 12 -1.17 -3.07 9.02
N VAL A 13 -0.97 -4.31 8.58
CA VAL A 13 -1.82 -5.42 9.00
C VAL A 13 -1.37 -5.97 10.36
N CYS A 14 -0.15 -6.51 10.42
CA CYS A 14 0.32 -7.20 11.62
C CYS A 14 1.50 -6.48 12.27
N ARG A 15 1.86 -5.33 11.71
CA ARG A 15 2.99 -4.51 12.18
C ARG A 15 4.29 -5.31 12.20
N ASP A 16 4.43 -6.23 11.26
CA ASP A 16 5.65 -7.02 11.13
C ASP A 16 6.45 -6.54 9.93
N GLY A 17 7.59 -7.15 9.67
CA GLY A 17 8.45 -6.69 8.60
C GLY A 17 8.78 -7.79 7.61
N GLY A 18 9.57 -7.47 6.60
CA GLY A 18 9.91 -8.47 5.60
C GLY A 18 9.57 -8.00 4.20
N GLU A 19 8.81 -8.83 3.49
CA GLU A 19 8.39 -8.52 2.13
C GLU A 19 7.27 -7.49 2.16
N LEU A 20 7.65 -6.22 2.14
CA LEU A 20 6.68 -5.14 2.30
C LEU A 20 6.36 -4.46 0.97
N ILE A 21 5.12 -4.04 0.85
CA ILE A 21 4.65 -3.25 -0.28
C ILE A 21 3.94 -2.00 0.24
N CYS A 22 4.51 -0.84 -0.05
CA CYS A 22 4.00 0.41 0.50
C CYS A 22 3.18 1.17 -0.53
N CYS A 23 2.17 1.87 -0.05
CA CYS A 23 1.27 2.65 -0.88
C CYS A 23 1.93 3.93 -1.37
N ASP A 24 1.46 4.45 -2.49
CA ASP A 24 1.99 5.71 -3.03
C ASP A 24 1.77 6.87 -2.05
N GLY A 25 0.52 7.26 -1.87
CA GLY A 25 0.21 8.43 -1.06
C GLY A 25 0.12 8.14 0.43
N CYS A 26 0.37 6.89 0.81
CA CYS A 26 0.30 6.51 2.21
C CYS A 26 1.53 5.70 2.61
N PRO A 27 2.22 6.11 3.68
CA PRO A 27 3.48 5.50 4.12
C PRO A 27 3.31 4.06 4.61
N ARG A 28 2.07 3.62 4.78
CA ARG A 28 1.78 2.26 5.21
C ARG A 28 2.31 1.24 4.21
N ALA A 29 3.03 0.27 4.73
CA ALA A 29 3.50 -0.85 3.94
C ALA A 29 2.75 -2.10 4.38
N PHE A 30 2.62 -3.07 3.49
CA PHE A 30 1.86 -4.27 3.80
C PHE A 30 2.62 -5.53 3.39
N HIS A 31 2.15 -6.67 3.88
CA HIS A 31 2.62 -7.95 3.40
C HIS A 31 1.67 -8.47 2.34
N LEU A 32 2.17 -9.18 1.35
CA LEU A 32 1.36 -9.60 0.22
C LEU A 32 0.15 -10.41 0.65
N ALA A 33 0.38 -11.43 1.46
CA ALA A 33 -0.68 -12.33 1.90
C ALA A 33 -1.56 -11.68 2.96
N CYS A 34 -1.05 -10.64 3.61
CA CYS A 34 -1.81 -9.93 4.63
C CYS A 34 -2.82 -8.97 4.01
N LEU A 35 -2.59 -8.63 2.75
CA LEU A 35 -3.54 -7.81 2.01
C LEU A 35 -4.78 -8.60 1.65
N SER A 36 -5.87 -7.88 1.43
CA SER A 36 -7.11 -8.48 1.00
C SER A 36 -7.77 -7.60 -0.05
N PRO A 37 -7.80 -8.03 -1.31
CA PRO A 37 -7.22 -9.32 -1.75
C PRO A 37 -5.70 -9.30 -1.78
N PRO A 38 -5.07 -10.44 -1.43
CA PRO A 38 -3.62 -10.60 -1.41
C PRO A 38 -3.01 -10.60 -2.81
N LEU A 39 -1.94 -9.82 -2.98
CA LEU A 39 -1.25 -9.73 -4.26
C LEU A 39 -0.26 -10.86 -4.43
N ARG A 40 -0.34 -11.55 -5.58
CA ARG A 40 0.57 -12.65 -5.86
C ARG A 40 1.90 -12.14 -6.39
N GLU A 41 1.86 -10.95 -7.00
CA GLU A 41 3.07 -10.31 -7.51
C GLU A 41 2.98 -8.80 -7.34
N ILE A 42 4.13 -8.16 -7.32
CA ILE A 42 4.22 -6.72 -7.08
C ILE A 42 3.79 -5.91 -8.30
N PRO A 43 2.77 -5.05 -8.10
CA PRO A 43 2.28 -4.15 -9.14
C PRO A 43 3.36 -3.19 -9.62
N SER A 44 3.40 -2.97 -10.93
CA SER A 44 4.44 -2.16 -11.54
C SER A 44 3.97 -0.71 -11.69
N GLY A 45 3.53 -0.14 -10.58
CA GLY A 45 3.13 1.25 -10.57
C GLY A 45 2.76 1.71 -9.19
N THR A 46 2.15 2.88 -9.11
CA THR A 46 1.71 3.42 -7.84
C THR A 46 0.61 2.57 -7.24
N TRP A 47 0.92 1.92 -6.12
CA TRP A 47 -0.03 1.06 -5.47
C TRP A 47 -0.83 1.85 -4.45
N ARG A 48 -2.09 1.46 -4.24
CA ARG A 48 -2.98 2.17 -3.34
C ARG A 48 -3.65 1.20 -2.37
N CYS A 49 -3.59 1.53 -1.08
CA CYS A 49 -4.19 0.69 -0.05
C CYS A 49 -5.71 0.81 -0.08
N SER A 50 -6.39 -0.03 0.70
CA SER A 50 -7.84 -0.01 0.77
C SER A 50 -8.38 1.39 1.02
N SER A 51 -7.73 2.10 1.93
CA SER A 51 -8.10 3.46 2.31
C SER A 51 -8.16 4.38 1.08
N CYS A 52 -7.16 4.25 0.22
CA CYS A 52 -7.07 5.07 -0.99
C CYS A 52 -8.21 4.76 -1.95
N LEU A 53 -8.50 3.47 -2.11
CA LEU A 53 -9.49 3.04 -3.08
C LEU A 53 -10.91 3.38 -2.60
N GLN A 54 -11.12 3.27 -1.30
CA GLN A 54 -12.43 3.53 -0.71
C GLN A 54 -12.70 5.03 -0.65
N ALA A 55 -11.67 5.84 -0.84
CA ALA A 55 -11.81 7.29 -0.75
C ALA A 55 -12.10 7.91 -2.11
N THR A 56 -12.33 7.07 -3.11
CA THR A 56 -12.62 7.55 -4.44
C THR A 56 -13.98 7.04 -4.92
N VAL A 57 -14.96 7.08 -4.03
CA VAL A 57 -16.30 6.60 -4.33
C VAL A 57 -17.25 7.77 -4.55
N GLN A 58 -16.93 8.90 -3.94
CA GLN A 58 -17.74 10.11 -4.02
C GLN A 58 -17.86 10.60 -5.46
N GLU A 59 -19.04 11.08 -5.82
CA GLU A 59 -19.25 11.66 -7.14
C GLU A 59 -18.36 12.88 -7.34
N VAL A 60 -17.57 12.86 -8.40
CA VAL A 60 -16.70 13.97 -8.72
C VAL A 60 -17.44 14.93 -9.62
N GLN A 61 -18.49 14.42 -10.21
CA GLN A 61 -19.40 15.21 -11.03
C GLN A 61 -20.48 15.82 -10.16
N PRO A 62 -20.55 17.16 -10.10
CA PRO A 62 -21.56 17.88 -9.33
C PRO A 62 -22.93 17.83 -10.01
N ARG A 63 -23.95 18.29 -9.32
CA ARG A 63 -25.29 18.29 -9.88
C ARG A 63 -25.59 19.63 -10.55
N ALA A 64 -25.83 19.58 -11.84
CA ALA A 64 -26.19 20.75 -12.60
C ALA A 64 -27.60 20.58 -13.11
N GLU A 65 -28.54 21.27 -12.46
CA GLU A 65 -29.97 21.10 -12.72
C GLU A 65 -30.41 19.72 -12.25
N GLU A 66 -30.87 19.65 -11.01
CA GLU A 66 -31.27 18.38 -10.41
C GLU A 66 -32.63 17.96 -10.93
N ALA B 1 5.24 -0.31 -7.25
CA ALA B 1 4.83 -0.23 -5.83
C ALA B 1 6.04 0.07 -4.96
N ARG B 2 5.81 0.69 -3.81
CA ARG B 2 6.90 1.11 -2.93
C ARG B 2 7.35 -0.08 -2.07
N THR B 3 8.03 -1.03 -2.71
CA THR B 3 8.39 -2.28 -2.05
C THR B 3 9.58 -2.12 -1.12
N LYS B 4 9.61 -2.95 -0.08
CA LYS B 4 10.71 -2.98 0.87
C LYS B 4 11.03 -4.41 1.24
N GLN B 5 12.24 -4.64 1.72
CA GLN B 5 12.63 -5.96 2.19
C GLN B 5 13.33 -5.80 3.54
N THR B 6 12.53 -5.60 4.57
CA THR B 6 13.05 -5.32 5.90
C THR B 6 13.21 -6.60 6.71
N ALA B 7 13.80 -6.46 7.89
CA ALA B 7 13.92 -7.59 8.81
C ALA B 7 12.57 -7.85 9.47
N ARG B 8 12.17 -9.11 9.49
CA ARG B 8 10.87 -9.50 10.04
C ARG B 8 10.84 -9.22 11.54
N LYS B 9 9.69 -8.84 12.03
CA LYS B 9 9.54 -8.42 13.41
C LYS B 9 8.96 -9.54 14.26
N SER B 10 8.99 -10.74 13.71
CA SER B 10 8.54 -11.91 14.43
C SER B 10 9.65 -12.40 15.36
ZN ZN C . 1.23 -8.15 7.50
ZN ZN D . -2.55 4.67 0.81
N GLY A 1 4.64 20.31 -0.92
CA GLY A 1 4.59 19.35 -2.04
C GLY A 1 5.04 17.97 -1.62
N ALA A 2 5.43 17.14 -2.57
CA ALA A 2 5.85 15.79 -2.28
C ALA A 2 7.32 15.57 -2.62
N MET A 3 8.17 15.68 -1.61
CA MET A 3 9.60 15.44 -1.80
C MET A 3 10.18 14.75 -0.57
N ALA A 4 9.30 14.26 0.28
CA ALA A 4 9.72 13.64 1.53
C ALA A 4 8.79 12.50 1.91
N GLN A 5 8.78 11.45 1.09
CA GLN A 5 7.98 10.28 1.39
C GLN A 5 8.84 9.19 2.00
N LYS A 6 8.27 8.46 2.94
CA LYS A 6 8.95 7.39 3.64
C LYS A 6 8.00 6.22 3.79
N ASN A 7 8.52 5.02 3.67
CA ASN A 7 7.70 3.83 3.79
C ASN A 7 7.91 3.20 5.16
N GLU A 8 6.81 2.81 5.78
CA GLU A 8 6.86 2.23 7.11
C GLU A 8 7.43 0.81 7.04
N ASP A 9 8.27 0.47 7.99
CA ASP A 9 9.02 -0.77 7.94
C ASP A 9 8.27 -1.92 8.60
N GLU A 10 7.00 -1.69 8.89
CA GLU A 10 6.15 -2.73 9.45
C GLU A 10 4.76 -2.66 8.84
N CYS A 11 4.25 -3.81 8.49
CA CYS A 11 2.98 -3.94 7.79
C CYS A 11 1.82 -3.36 8.59
N ALA A 12 0.94 -2.62 7.90
CA ALA A 12 -0.23 -2.01 8.52
C ALA A 12 -1.22 -3.09 8.99
N VAL A 13 -1.00 -4.32 8.54
CA VAL A 13 -1.84 -5.44 8.93
C VAL A 13 -1.44 -6.00 10.30
N CYS A 14 -0.25 -6.58 10.38
CA CYS A 14 0.18 -7.30 11.58
C CYS A 14 1.40 -6.65 12.22
N ARG A 15 1.83 -5.52 11.67
CA ARG A 15 2.98 -4.78 12.17
C ARG A 15 4.25 -5.63 12.18
N ASP A 16 4.33 -6.56 11.23
CA ASP A 16 5.52 -7.37 11.04
C ASP A 16 6.33 -6.79 9.89
N GLY A 17 7.50 -7.32 9.65
CA GLY A 17 8.37 -6.75 8.63
C GLY A 17 8.76 -7.77 7.58
N GLY A 18 9.55 -7.35 6.62
CA GLY A 18 10.01 -8.25 5.58
C GLY A 18 9.65 -7.75 4.19
N GLU A 19 9.10 -8.64 3.38
CA GLU A 19 8.72 -8.31 2.01
C GLU A 19 7.48 -7.41 2.00
N LEU A 20 7.70 -6.14 2.29
CA LEU A 20 6.63 -5.17 2.40
C LEU A 20 6.34 -4.51 1.05
N ILE A 21 5.10 -4.12 0.88
CA ILE A 21 4.67 -3.34 -0.26
C ILE A 21 3.95 -2.11 0.22
N CYS A 22 4.50 -0.94 -0.07
CA CYS A 22 4.00 0.29 0.49
C CYS A 22 3.19 1.06 -0.55
N CYS A 23 2.18 1.77 -0.06
CA CYS A 23 1.32 2.56 -0.92
C CYS A 23 2.03 3.84 -1.36
N ASP A 24 1.65 4.34 -2.52
CA ASP A 24 2.14 5.62 -3.00
C ASP A 24 1.76 6.75 -2.04
N GLY A 25 0.46 7.02 -1.96
CA GLY A 25 -0.02 8.19 -1.23
C GLY A 25 0.01 8.04 0.29
N CYS A 26 0.25 6.84 0.79
CA CYS A 26 0.33 6.64 2.23
C CYS A 26 1.51 5.75 2.59
N PRO A 27 2.29 6.16 3.61
CA PRO A 27 3.54 5.49 4.00
C PRO A 27 3.37 4.05 4.47
N ARG A 28 2.12 3.60 4.60
CA ARG A 28 1.84 2.25 5.07
C ARG A 28 2.36 1.20 4.11
N ALA A 29 3.04 0.21 4.66
CA ALA A 29 3.48 -0.94 3.90
C ALA A 29 2.73 -2.17 4.37
N PHE A 30 2.57 -3.14 3.50
CA PHE A 30 1.80 -4.33 3.80
C PHE A 30 2.55 -5.58 3.36
N HIS A 31 2.09 -6.73 3.82
CA HIS A 31 2.59 -8.00 3.33
C HIS A 31 1.66 -8.52 2.25
N LEU A 32 2.22 -9.23 1.28
CA LEU A 32 1.45 -9.66 0.11
C LEU A 32 0.21 -10.46 0.53
N ALA A 33 0.42 -11.47 1.37
CA ALA A 33 -0.67 -12.36 1.78
C ALA A 33 -1.56 -11.71 2.84
N CYS A 34 -1.02 -10.72 3.55
CA CYS A 34 -1.78 -10.06 4.61
C CYS A 34 -2.82 -9.11 4.04
N LEU A 35 -2.58 -8.63 2.82
CA LEU A 35 -3.52 -7.75 2.15
C LEU A 35 -4.79 -8.49 1.73
N SER A 36 -5.84 -7.73 1.54
CA SER A 36 -7.07 -8.23 0.95
C SER A 36 -7.62 -7.18 0.00
N PRO A 37 -7.60 -7.45 -1.31
CA PRO A 37 -7.12 -8.72 -1.87
C PRO A 37 -5.59 -8.84 -1.81
N PRO A 38 -5.09 -10.04 -1.51
CA PRO A 38 -3.66 -10.29 -1.41
C PRO A 38 -2.98 -10.28 -2.76
N LEU A 39 -1.81 -9.67 -2.83
CA LEU A 39 -1.06 -9.60 -4.07
C LEU A 39 -0.13 -10.79 -4.20
N ARG A 40 -0.22 -11.48 -5.31
CA ARG A 40 0.66 -12.62 -5.59
C ARG A 40 1.97 -12.14 -6.18
N GLU A 41 1.92 -10.95 -6.77
CA GLU A 41 3.07 -10.35 -7.40
C GLU A 41 3.08 -8.85 -7.13
N ILE A 42 4.26 -8.24 -7.21
CA ILE A 42 4.40 -6.82 -6.97
C ILE A 42 3.95 -6.00 -8.17
N PRO A 43 2.96 -5.11 -7.95
CA PRO A 43 2.44 -4.24 -8.99
C PRO A 43 3.47 -3.23 -9.50
N SER A 44 3.48 -3.03 -10.80
CA SER A 44 4.49 -2.18 -11.44
C SER A 44 3.96 -0.77 -11.65
N GLY A 45 3.44 -0.18 -10.58
CA GLY A 45 2.94 1.16 -10.66
C GLY A 45 2.54 1.71 -9.31
N THR A 46 1.80 2.82 -9.33
CA THR A 46 1.33 3.45 -8.11
C THR A 46 0.29 2.58 -7.42
N TRP A 47 0.69 2.01 -6.29
CA TRP A 47 -0.20 1.13 -5.53
C TRP A 47 -0.88 1.91 -4.42
N ARG A 48 -2.12 1.55 -4.12
CA ARG A 48 -2.90 2.21 -3.08
C ARG A 48 -3.55 1.18 -2.16
N CYS A 49 -3.50 1.45 -0.86
CA CYS A 49 -4.09 0.56 0.14
C CYS A 49 -5.61 0.60 0.08
N SER A 50 -6.26 -0.28 0.83
CA SER A 50 -7.72 -0.34 0.86
C SER A 50 -8.32 1.03 1.21
N SER A 51 -7.76 1.67 2.23
CA SER A 51 -8.22 2.99 2.67
C SER A 51 -8.21 4.00 1.53
N CYS A 52 -7.14 3.98 0.74
CA CYS A 52 -6.99 4.87 -0.41
C CYS A 52 -8.03 4.59 -1.48
N LEU A 53 -8.27 3.31 -1.75
CA LEU A 53 -9.22 2.92 -2.79
C LEU A 53 -10.65 3.21 -2.35
N GLN A 54 -10.90 3.08 -1.05
CA GLN A 54 -12.22 3.34 -0.50
C GLN A 54 -12.39 4.83 -0.19
N ALA A 55 -11.43 5.64 -0.64
CA ALA A 55 -11.53 7.08 -0.48
C ALA A 55 -12.18 7.71 -1.71
N THR A 56 -12.65 6.85 -2.60
CA THR A 56 -13.28 7.29 -3.84
C THR A 56 -14.45 6.37 -4.20
N VAL A 57 -15.27 6.07 -3.21
CA VAL A 57 -16.44 5.22 -3.44
C VAL A 57 -17.60 6.06 -3.94
N GLN A 58 -17.83 7.19 -3.28
CA GLN A 58 -18.87 8.14 -3.68
C GLN A 58 -20.25 7.50 -3.65
N GLU A 59 -20.84 7.41 -2.47
CA GLU A 59 -22.16 6.81 -2.30
C GLU A 59 -23.24 7.88 -2.40
N VAL A 60 -22.88 8.99 -3.02
CA VAL A 60 -23.80 10.10 -3.18
C VAL A 60 -24.26 10.19 -4.63
N GLN A 61 -24.99 9.17 -5.04
CA GLN A 61 -25.51 9.09 -6.39
C GLN A 61 -26.99 8.76 -6.38
N PRO A 62 -27.84 9.75 -6.70
CA PRO A 62 -29.29 9.53 -6.84
C PRO A 62 -29.58 8.51 -7.94
N ARG A 63 -30.16 7.40 -7.55
CA ARG A 63 -30.40 6.32 -8.49
C ARG A 63 -31.87 5.93 -8.53
N ALA A 64 -32.58 6.51 -9.48
CA ALA A 64 -33.90 6.03 -9.85
C ALA A 64 -33.86 5.66 -11.32
N GLU A 65 -34.88 4.98 -11.81
CA GLU A 65 -34.86 4.52 -13.19
C GLU A 65 -35.71 5.44 -14.06
N GLU A 66 -35.87 6.67 -13.60
CA GLU A 66 -36.63 7.68 -14.30
C GLU A 66 -35.70 8.76 -14.84
N ALA B 1 5.28 -0.35 -7.26
CA ALA B 1 4.84 -0.21 -5.85
C ALA B 1 6.03 0.14 -4.97
N ARG B 2 5.76 0.70 -3.80
CA ARG B 2 6.83 1.11 -2.90
C ARG B 2 7.30 -0.09 -2.07
N THR B 3 7.87 -1.06 -2.76
CA THR B 3 8.26 -2.32 -2.15
C THR B 3 9.48 -2.14 -1.24
N LYS B 4 9.57 -3.00 -0.23
CA LYS B 4 10.66 -2.95 0.74
C LYS B 4 11.18 -4.35 1.03
N GLN B 5 12.49 -4.49 1.11
CA GLN B 5 13.11 -5.75 1.48
C GLN B 5 13.12 -5.88 3.00
N THR B 6 13.74 -4.90 3.66
CA THR B 6 13.66 -4.76 5.13
C THR B 6 14.04 -6.06 5.86
N ALA B 7 13.63 -6.17 7.11
CA ALA B 7 13.85 -7.35 7.92
C ALA B 7 12.54 -7.78 8.55
N ARG B 8 12.32 -9.09 8.62
CA ARG B 8 11.09 -9.63 9.17
C ARG B 8 11.06 -9.49 10.69
N LYS B 9 9.87 -9.44 11.25
CA LYS B 9 9.72 -9.32 12.69
C LYS B 9 9.20 -10.62 13.28
N SER B 10 9.19 -11.66 12.45
CA SER B 10 8.81 -12.98 12.90
C SER B 10 10.05 -13.75 13.33
ZN ZN C . 1.19 -8.17 7.42
ZN ZN D . -2.74 3.39 0.46
N GLY A 1 16.77 8.77 -3.09
CA GLY A 1 16.65 9.12 -1.66
C GLY A 1 15.38 9.88 -1.37
N ALA A 2 14.42 9.22 -0.72
CA ALA A 2 13.16 9.84 -0.37
C ALA A 2 13.35 10.81 0.79
N MET A 3 13.56 12.08 0.46
CA MET A 3 13.78 13.11 1.47
C MET A 3 12.48 13.78 1.85
N ALA A 4 11.44 13.45 1.12
CA ALA A 4 10.11 14.00 1.37
C ALA A 4 9.08 12.87 1.51
N GLN A 5 9.53 11.65 1.28
CA GLN A 5 8.65 10.50 1.32
C GLN A 5 9.08 9.56 2.45
N LYS A 6 8.13 8.82 3.00
CA LYS A 6 8.41 7.91 4.10
C LYS A 6 7.62 6.62 3.90
N ASN A 7 8.16 5.52 4.38
CA ASN A 7 7.51 4.22 4.30
C ASN A 7 7.69 3.48 5.61
N GLU A 8 6.60 2.89 6.10
CA GLU A 8 6.63 2.14 7.35
C GLU A 8 7.42 0.85 7.18
N ASP A 9 8.14 0.45 8.23
CA ASP A 9 8.99 -0.73 8.16
C ASP A 9 8.24 -1.97 8.59
N GLU A 10 6.98 -1.77 8.93
CA GLU A 10 6.13 -2.86 9.39
C GLU A 10 4.77 -2.75 8.75
N CYS A 11 4.25 -3.90 8.36
CA CYS A 11 2.97 -3.98 7.67
C CYS A 11 1.84 -3.48 8.55
N ALA A 12 0.93 -2.72 7.95
CA ALA A 12 -0.23 -2.19 8.67
C ALA A 12 -1.15 -3.31 9.11
N VAL A 13 -1.03 -4.47 8.49
CA VAL A 13 -1.85 -5.63 8.81
C VAL A 13 -1.40 -6.27 10.13
N CYS A 14 -0.18 -6.79 10.16
CA CYS A 14 0.28 -7.57 11.30
C CYS A 14 1.45 -6.92 12.03
N ARG A 15 1.82 -5.71 11.57
CA ARG A 15 2.90 -4.95 12.17
C ARG A 15 4.21 -5.73 12.22
N ASP A 16 4.44 -6.51 11.17
CA ASP A 16 5.68 -7.27 11.01
C ASP A 16 6.46 -6.71 9.83
N GLY A 17 7.69 -7.15 9.64
CA GLY A 17 8.52 -6.61 8.59
C GLY A 17 8.79 -7.64 7.51
N GLY A 18 9.75 -7.36 6.64
CA GLY A 18 10.10 -8.32 5.60
C GLY A 18 9.68 -7.87 4.23
N GLU A 19 8.86 -8.69 3.58
CA GLU A 19 8.39 -8.43 2.21
C GLU A 19 7.33 -7.33 2.23
N LEU A 20 7.76 -6.08 2.18
CA LEU A 20 6.84 -4.97 2.29
C LEU A 20 6.48 -4.35 0.95
N ILE A 21 5.23 -3.99 0.82
CA ILE A 21 4.73 -3.22 -0.31
C ILE A 21 3.97 -2.00 0.22
N CYS A 22 4.52 -0.82 -0.01
CA CYS A 22 3.96 0.39 0.55
C CYS A 22 3.15 1.14 -0.48
N CYS A 23 2.13 1.82 -0.02
CA CYS A 23 1.30 2.67 -0.86
C CYS A 23 2.07 3.93 -1.25
N ASP A 24 1.81 4.45 -2.44
CA ASP A 24 2.38 5.73 -2.84
C ASP A 24 1.91 6.85 -1.91
N GLY A 25 0.61 7.15 -1.97
CA GLY A 25 0.07 8.29 -1.24
C GLY A 25 0.08 8.12 0.27
N CYS A 26 0.17 6.88 0.74
CA CYS A 26 0.14 6.61 2.18
C CYS A 26 1.36 5.77 2.58
N PRO A 27 2.06 6.18 3.65
CA PRO A 27 3.33 5.56 4.06
C PRO A 27 3.16 4.13 4.57
N ARG A 28 1.91 3.68 4.72
CA ARG A 28 1.64 2.33 5.17
C ARG A 28 2.21 1.29 4.21
N ALA A 29 2.94 0.34 4.76
CA ALA A 29 3.46 -0.77 4.00
C ALA A 29 2.74 -2.03 4.42
N PHE A 30 2.67 -3.01 3.53
CA PHE A 30 1.93 -4.23 3.80
C PHE A 30 2.70 -5.46 3.34
N HIS A 31 2.19 -6.63 3.71
CA HIS A 31 2.68 -7.89 3.17
C HIS A 31 1.74 -8.37 2.08
N LEU A 32 2.25 -9.10 1.10
CA LEU A 32 1.44 -9.52 -0.03
C LEU A 32 0.21 -10.31 0.42
N ALA A 33 0.46 -11.38 1.17
CA ALA A 33 -0.61 -12.27 1.63
C ALA A 33 -1.47 -11.63 2.71
N CYS A 34 -0.91 -10.68 3.44
CA CYS A 34 -1.62 -10.03 4.53
C CYS A 34 -2.68 -9.08 4.02
N LEU A 35 -2.50 -8.60 2.80
CA LEU A 35 -3.48 -7.73 2.16
C LEU A 35 -4.77 -8.48 1.85
N SER A 36 -5.85 -7.72 1.69
CA SER A 36 -7.12 -8.25 1.32
C SER A 36 -7.79 -7.36 0.27
N PRO A 37 -7.90 -7.82 -0.99
CA PRO A 37 -7.37 -9.12 -1.44
C PRO A 37 -5.84 -9.12 -1.49
N PRO A 38 -5.23 -10.29 -1.22
CA PRO A 38 -3.78 -10.44 -1.20
C PRO A 38 -3.17 -10.34 -2.58
N LEU A 39 -1.98 -9.79 -2.65
CA LEU A 39 -1.28 -9.65 -3.91
C LEU A 39 -0.37 -10.87 -4.13
N ARG A 40 -0.38 -11.38 -5.34
CA ARG A 40 0.44 -12.54 -5.69
C ARG A 40 1.69 -12.09 -6.42
N GLU A 41 1.65 -10.89 -6.94
CA GLU A 41 2.76 -10.31 -7.65
C GLU A 41 2.82 -8.81 -7.41
N ILE A 42 4.04 -8.27 -7.43
CA ILE A 42 4.27 -6.87 -7.15
C ILE A 42 3.72 -5.99 -8.28
N PRO A 43 2.80 -5.08 -7.92
CA PRO A 43 2.19 -4.13 -8.86
C PRO A 43 3.21 -3.37 -9.69
N SER A 44 2.90 -3.20 -10.97
CA SER A 44 3.84 -2.65 -11.94
C SER A 44 3.72 -1.12 -12.02
N GLY A 45 3.34 -0.50 -10.90
CA GLY A 45 3.13 0.93 -10.89
C GLY A 45 2.87 1.45 -9.50
N THR A 46 2.25 2.61 -9.42
CA THR A 46 1.87 3.20 -8.15
C THR A 46 0.75 2.38 -7.49
N TRP A 47 1.07 1.77 -6.36
CA TRP A 47 0.10 0.95 -5.66
C TRP A 47 -0.68 1.80 -4.65
N ARG A 48 -1.95 1.48 -4.48
CA ARG A 48 -2.82 2.22 -3.58
C ARG A 48 -3.32 1.32 -2.45
N CYS A 49 -3.26 1.83 -1.22
CA CYS A 49 -3.78 1.12 -0.06
C CYS A 49 -5.29 1.30 0.04
N SER A 50 -5.91 0.69 1.05
CA SER A 50 -7.35 0.74 1.22
C SER A 50 -7.89 2.18 1.22
N SER A 51 -7.21 3.06 1.97
CA SER A 51 -7.61 4.47 2.06
C SER A 51 -7.67 5.11 0.67
N CYS A 52 -6.64 4.89 -0.13
CA CYS A 52 -6.57 5.44 -1.47
C CYS A 52 -7.64 4.83 -2.37
N LEU A 53 -7.83 3.52 -2.23
CA LEU A 53 -8.84 2.80 -3.01
C LEU A 53 -10.24 3.29 -2.66
N GLN A 54 -10.42 3.70 -1.42
CA GLN A 54 -11.70 4.19 -0.95
C GLN A 54 -12.05 5.52 -1.62
N ALA A 55 -11.02 6.25 -2.04
CA ALA A 55 -11.20 7.48 -2.78
C ALA A 55 -11.39 7.19 -4.27
N THR A 56 -12.19 6.16 -4.56
CA THR A 56 -12.55 5.78 -5.92
C THR A 56 -13.40 6.86 -6.59
N VAL A 57 -12.74 7.96 -6.95
CA VAL A 57 -13.40 9.03 -7.69
C VAL A 57 -13.40 8.69 -9.17
N GLN A 58 -12.29 8.13 -9.62
CA GLN A 58 -12.15 7.72 -11.00
C GLN A 58 -12.98 6.47 -11.26
N GLU A 59 -13.63 6.44 -12.42
CA GLU A 59 -14.55 5.36 -12.75
C GLU A 59 -14.06 4.58 -13.95
N VAL A 60 -12.75 4.46 -14.04
CA VAL A 60 -12.13 3.80 -15.17
C VAL A 60 -11.15 2.74 -14.66
N GLN A 61 -11.71 1.61 -14.27
CA GLN A 61 -10.91 0.47 -13.87
C GLN A 61 -10.51 -0.31 -15.12
N PRO A 62 -9.22 -0.28 -15.48
CA PRO A 62 -8.71 -0.91 -16.70
C PRO A 62 -9.01 -2.41 -16.76
N ARG A 63 -9.13 -2.92 -17.98
CA ARG A 63 -9.43 -4.32 -18.18
C ARG A 63 -8.28 -5.02 -18.89
N ALA A 64 -7.09 -4.46 -18.74
CA ALA A 64 -5.88 -5.10 -19.26
C ALA A 64 -5.49 -6.25 -18.35
N GLU A 65 -6.22 -7.35 -18.47
CA GLU A 65 -6.08 -8.48 -17.57
C GLU A 65 -5.02 -9.46 -18.07
N GLU A 66 -4.23 -9.96 -17.16
CA GLU A 66 -3.20 -10.93 -17.47
C GLU A 66 -3.67 -12.33 -17.09
N ALA B 1 5.18 -0.60 -7.19
CA ALA B 1 4.80 -0.44 -5.77
C ALA B 1 6.03 -0.04 -4.94
N ARG B 2 5.79 0.60 -3.79
CA ARG B 2 6.89 1.02 -2.92
C ARG B 2 7.37 -0.16 -2.10
N THR B 3 8.09 -1.06 -2.73
CA THR B 3 8.55 -2.26 -2.06
C THR B 3 9.65 -1.97 -1.06
N LYS B 4 9.71 -2.78 -0.01
CA LYS B 4 10.73 -2.64 1.03
C LYS B 4 11.27 -3.99 1.43
N GLN B 5 12.48 -4.00 1.96
CA GLN B 5 13.11 -5.20 2.46
C GLN B 5 13.61 -4.96 3.88
N THR B 6 12.74 -5.16 4.85
CA THR B 6 13.09 -4.92 6.24
C THR B 6 13.25 -6.24 6.98
N ALA B 7 13.74 -6.17 8.20
CA ALA B 7 13.90 -7.35 9.04
C ALA B 7 12.56 -7.78 9.62
N ARG B 8 12.29 -9.08 9.55
CA ARG B 8 11.07 -9.65 10.11
C ARG B 8 11.04 -9.44 11.61
N LYS B 9 9.85 -9.16 12.12
CA LYS B 9 9.66 -8.91 13.53
C LYS B 9 9.18 -10.17 14.24
N SER B 10 7.90 -10.47 14.07
CA SER B 10 7.28 -11.61 14.72
C SER B 10 7.58 -11.63 16.22
ZN ZN C . 1.11 -8.15 7.23
ZN ZN D . -2.37 5.34 0.49
N GLY A 1 13.98 8.49 -1.23
CA GLY A 1 12.72 8.80 -0.51
C GLY A 1 12.92 9.77 0.62
N ALA A 2 12.35 9.45 1.78
CA ALA A 2 12.47 10.23 3.02
C ALA A 2 11.71 11.54 2.94
N MET A 3 12.11 12.40 2.03
CA MET A 3 11.54 13.74 1.90
C MET A 3 10.12 13.70 1.34
N ALA A 4 9.14 13.99 2.20
CA ALA A 4 7.73 14.07 1.80
C ALA A 4 7.22 12.74 1.26
N GLN A 5 7.96 11.67 1.55
CA GLN A 5 7.66 10.35 1.03
C GLN A 5 8.36 9.30 1.87
N LYS A 6 7.60 8.61 2.69
CA LYS A 6 8.14 7.66 3.64
C LYS A 6 7.41 6.32 3.52
N ASN A 7 8.09 5.24 3.88
CA ASN A 7 7.48 3.92 3.91
C ASN A 7 7.70 3.29 5.27
N GLU A 8 6.65 2.67 5.80
CA GLU A 8 6.74 1.98 7.07
C GLU A 8 7.54 0.70 6.92
N ASP A 9 8.42 0.44 7.86
CA ASP A 9 9.16 -0.82 7.87
C ASP A 9 8.35 -1.87 8.62
N GLU A 10 7.09 -1.53 8.87
CA GLU A 10 6.18 -2.40 9.60
C GLU A 10 4.87 -2.47 8.83
N CYS A 11 4.39 -3.67 8.62
CA CYS A 11 3.14 -3.88 7.89
C CYS A 11 1.96 -3.27 8.66
N ALA A 12 1.07 -2.60 7.94
CA ALA A 12 -0.12 -2.00 8.52
C ALA A 12 -1.09 -3.06 9.03
N VAL A 13 -0.93 -4.27 8.51
CA VAL A 13 -1.80 -5.39 8.88
C VAL A 13 -1.44 -5.95 10.25
N CYS A 14 -0.22 -6.46 10.39
CA CYS A 14 0.18 -7.12 11.63
C CYS A 14 1.47 -6.55 12.21
N ARG A 15 1.89 -5.43 11.65
CA ARG A 15 3.08 -4.70 12.13
C ARG A 15 4.32 -5.58 12.15
N ASP A 16 4.42 -6.48 11.18
CA ASP A 16 5.61 -7.28 11.00
C ASP A 16 6.48 -6.66 9.90
N GLY A 17 7.56 -7.30 9.55
CA GLY A 17 8.47 -6.75 8.56
C GLY A 17 8.85 -7.77 7.52
N GLY A 18 9.74 -7.38 6.62
CA GLY A 18 10.17 -8.28 5.58
C GLY A 18 9.86 -7.77 4.20
N GLU A 19 9.19 -8.59 3.40
CA GLU A 19 8.82 -8.24 2.04
C GLU A 19 7.59 -7.33 2.04
N LEU A 20 7.85 -6.04 2.21
CA LEU A 20 6.78 -5.05 2.35
C LEU A 20 6.43 -4.39 1.02
N ILE A 21 5.15 -4.10 0.86
CA ILE A 21 4.65 -3.33 -0.26
C ILE A 21 3.88 -2.12 0.25
N CYS A 22 4.50 -0.96 0.15
CA CYS A 22 3.93 0.26 0.68
C CYS A 22 3.12 0.99 -0.38
N CYS A 23 2.08 1.67 0.07
CA CYS A 23 1.23 2.44 -0.83
C CYS A 23 1.93 3.71 -1.28
N ASP A 24 1.56 4.19 -2.46
CA ASP A 24 2.09 5.46 -2.95
C ASP A 24 1.72 6.61 -2.01
N GLY A 25 0.42 6.91 -1.96
CA GLY A 25 -0.05 8.11 -1.26
C GLY A 25 -0.03 8.00 0.26
N CYS A 26 0.20 6.81 0.78
CA CYS A 26 0.24 6.63 2.23
C CYS A 26 1.42 5.74 2.62
N PRO A 27 2.17 6.14 3.65
CA PRO A 27 3.43 5.48 4.04
C PRO A 27 3.26 4.03 4.48
N ARG A 28 2.01 3.59 4.64
CA ARG A 28 1.73 2.24 5.10
C ARG A 28 2.31 1.20 4.16
N ALA A 29 3.01 0.23 4.74
CA ALA A 29 3.52 -0.90 4.00
C ALA A 29 2.78 -2.15 4.44
N PHE A 30 2.65 -3.12 3.55
CA PHE A 30 1.90 -4.32 3.85
C PHE A 30 2.64 -5.56 3.40
N HIS A 31 2.14 -6.72 3.81
CA HIS A 31 2.61 -7.98 3.27
C HIS A 31 1.61 -8.47 2.23
N LEU A 32 2.08 -9.14 1.19
CA LEU A 32 1.22 -9.51 0.08
C LEU A 32 0.02 -10.34 0.55
N ALA A 33 0.30 -11.39 1.31
CA ALA A 33 -0.73 -12.30 1.78
C ALA A 33 -1.55 -11.70 2.92
N CYS A 34 -1.05 -10.62 3.51
CA CYS A 34 -1.76 -9.94 4.58
C CYS A 34 -2.81 -8.98 4.01
N LEU A 35 -2.63 -8.61 2.75
CA LEU A 35 -3.60 -7.76 2.06
C LEU A 35 -4.84 -8.54 1.66
N SER A 36 -5.94 -7.84 1.51
CA SER A 36 -7.18 -8.43 1.06
C SER A 36 -7.88 -7.47 0.09
N PRO A 37 -7.94 -7.80 -1.20
CA PRO A 37 -7.38 -9.05 -1.74
C PRO A 37 -5.85 -9.04 -1.77
N PRO A 38 -5.25 -10.21 -1.56
CA PRO A 38 -3.79 -10.36 -1.55
C PRO A 38 -3.19 -10.30 -2.96
N LEU A 39 -2.07 -9.61 -3.07
CA LEU A 39 -1.36 -9.50 -4.33
C LEU A 39 -0.42 -10.68 -4.52
N ARG A 40 -0.54 -11.36 -5.65
CA ARG A 40 0.32 -12.51 -5.92
C ARG A 40 1.71 -12.04 -6.37
N GLU A 41 1.76 -10.86 -6.94
CA GLU A 41 3.01 -10.27 -7.40
C GLU A 41 3.02 -8.76 -7.16
N ILE A 42 4.20 -8.19 -7.16
CA ILE A 42 4.34 -6.75 -6.95
C ILE A 42 3.98 -5.96 -8.20
N PRO A 43 2.95 -5.10 -8.09
CA PRO A 43 2.53 -4.24 -9.19
C PRO A 43 3.57 -3.21 -9.55
N SER A 44 3.81 -3.03 -10.83
CA SER A 44 4.85 -2.14 -11.31
C SER A 44 4.28 -0.75 -11.61
N GLY A 45 3.68 -0.16 -10.59
CA GLY A 45 3.14 1.19 -10.70
C GLY A 45 2.69 1.70 -9.36
N THR A 46 2.02 2.82 -9.35
CA THR A 46 1.51 3.42 -8.12
C THR A 46 0.47 2.51 -7.48
N TRP A 47 0.79 1.98 -6.31
CA TRP A 47 -0.12 1.09 -5.60
C TRP A 47 -0.83 1.85 -4.49
N ARG A 48 -2.07 1.47 -4.24
CA ARG A 48 -2.88 2.11 -3.22
C ARG A 48 -3.47 1.09 -2.25
N CYS A 49 -3.48 1.44 -0.96
CA CYS A 49 -4.03 0.56 0.07
C CYS A 49 -5.55 0.55 -0.03
N SER A 50 -6.20 -0.30 0.77
CA SER A 50 -7.65 -0.40 0.77
C SER A 50 -8.29 0.96 1.03
N SER A 51 -7.75 1.67 2.02
CA SER A 51 -8.27 2.98 2.39
C SER A 51 -8.27 3.92 1.19
N CYS A 52 -7.17 3.93 0.44
CA CYS A 52 -7.04 4.78 -0.75
C CYS A 52 -8.00 4.36 -1.86
N LEU A 53 -8.11 3.05 -2.09
CA LEU A 53 -8.97 2.54 -3.16
C LEU A 53 -10.44 2.84 -2.86
N GLN A 54 -10.77 2.86 -1.58
CA GLN A 54 -12.12 3.14 -1.13
C GLN A 54 -12.32 4.64 -0.93
N ALA A 55 -11.26 5.42 -1.12
CA ALA A 55 -11.33 6.87 -0.96
C ALA A 55 -11.72 7.54 -2.27
N THR A 56 -11.88 6.72 -3.30
CA THR A 56 -12.28 7.20 -4.61
C THR A 56 -13.43 6.34 -5.13
N VAL A 57 -14.65 6.77 -4.84
CA VAL A 57 -15.84 6.01 -5.21
C VAL A 57 -16.41 6.49 -6.54
N GLN A 58 -16.39 7.81 -6.74
CA GLN A 58 -16.96 8.40 -7.93
C GLN A 58 -15.98 8.34 -9.10
N GLU A 59 -15.05 9.28 -9.13
CA GLU A 59 -14.08 9.36 -10.20
C GLU A 59 -12.73 9.83 -9.68
N VAL A 60 -11.65 9.23 -10.16
CA VAL A 60 -10.31 9.54 -9.69
C VAL A 60 -9.62 10.55 -10.62
N GLN A 61 -10.40 11.13 -11.50
CA GLN A 61 -9.88 12.10 -12.46
C GLN A 61 -10.65 13.41 -12.34
N PRO A 62 -9.96 14.50 -12.01
CA PRO A 62 -10.57 15.83 -11.93
C PRO A 62 -11.06 16.32 -13.29
N ARG A 63 -12.36 16.58 -13.39
CA ARG A 63 -12.94 17.07 -14.63
C ARG A 63 -12.55 18.54 -14.83
N ALA A 64 -12.00 18.83 -16.00
CA ALA A 64 -11.51 20.17 -16.30
C ALA A 64 -12.17 20.69 -17.57
N GLU A 65 -13.44 21.11 -17.43
CA GLU A 65 -14.21 21.66 -18.54
C GLU A 65 -14.55 20.58 -19.57
N GLU A 66 -15.30 20.97 -20.58
CA GLU A 66 -15.77 20.05 -21.61
C GLU A 66 -15.91 20.77 -22.94
N ALA B 1 4.87 -0.15 -7.04
CA ALA B 1 4.59 -0.44 -5.63
C ALA B 1 5.85 -0.21 -4.80
N ARG B 2 5.70 0.47 -3.67
CA ARG B 2 6.84 0.87 -2.85
C ARG B 2 7.36 -0.32 -2.04
N THR B 3 8.22 -1.12 -2.64
CA THR B 3 8.66 -2.35 -2.00
C THR B 3 9.85 -2.16 -1.07
N LYS B 4 9.80 -2.83 0.06
CA LYS B 4 10.89 -2.80 1.03
C LYS B 4 11.30 -4.23 1.35
N GLN B 5 12.60 -4.49 1.34
CA GLN B 5 13.10 -5.80 1.73
C GLN B 5 13.79 -5.72 3.08
N THR B 6 12.99 -5.68 4.12
CA THR B 6 13.49 -5.57 5.47
C THR B 6 13.58 -6.95 6.12
N ALA B 7 14.07 -6.99 7.35
CA ALA B 7 14.08 -8.22 8.13
C ALA B 7 12.72 -8.44 8.75
N ARG B 8 12.22 -9.68 8.67
CA ARG B 8 10.91 -10.00 9.22
C ARG B 8 10.93 -9.93 10.74
N LYS B 9 9.81 -9.54 11.33
CA LYS B 9 9.72 -9.35 12.76
C LYS B 9 9.27 -10.64 13.44
N SER B 10 8.85 -11.60 12.64
CA SER B 10 8.39 -12.88 13.16
C SER B 10 9.58 -13.72 13.61
ZN ZN C . 1.36 -8.26 7.53
ZN ZN D . -2.89 3.54 0.41
N GLY A 1 8.65 17.12 -3.64
CA GLY A 1 9.69 17.60 -4.57
C GLY A 1 10.93 16.73 -4.53
N ALA A 2 11.77 16.92 -3.53
CA ALA A 2 13.02 16.18 -3.42
C ALA A 2 12.97 15.16 -2.28
N MET A 3 12.47 13.97 -2.59
CA MET A 3 12.47 12.83 -1.67
C MET A 3 11.88 13.21 -0.31
N ALA A 4 10.57 13.37 -0.27
CA ALA A 4 9.88 13.68 0.98
C ALA A 4 8.90 12.58 1.36
N GLN A 5 9.01 11.44 0.68
CA GLN A 5 8.13 10.31 0.95
C GLN A 5 8.83 9.28 1.83
N LYS A 6 8.04 8.48 2.51
CA LYS A 6 8.56 7.50 3.45
C LYS A 6 7.73 6.23 3.38
N ASN A 7 8.34 5.10 3.70
CA ASN A 7 7.64 3.84 3.76
C ASN A 7 7.77 3.22 5.15
N GLU A 8 6.68 2.67 5.65
CA GLU A 8 6.70 1.98 6.93
C GLU A 8 7.45 0.67 6.81
N ASP A 9 8.32 0.41 7.76
CA ASP A 9 9.04 -0.86 7.77
C ASP A 9 8.21 -1.90 8.52
N GLU A 10 6.96 -1.54 8.81
CA GLU A 10 6.05 -2.42 9.50
C GLU A 10 4.76 -2.50 8.69
N CYS A 11 4.25 -3.71 8.52
CA CYS A 11 3.02 -3.92 7.79
C CYS A 11 1.83 -3.31 8.53
N ALA A 12 0.93 -2.66 7.80
CA ALA A 12 -0.26 -2.06 8.40
C ALA A 12 -1.22 -3.13 8.91
N VAL A 13 -1.03 -4.36 8.46
CA VAL A 13 -1.87 -5.48 8.87
C VAL A 13 -1.47 -5.99 10.26
N CYS A 14 -0.26 -6.49 10.40
CA CYS A 14 0.17 -7.13 11.64
C CYS A 14 1.36 -6.41 12.28
N ARG A 15 1.74 -5.29 11.68
CA ARG A 15 2.90 -4.50 12.11
C ARG A 15 4.16 -5.34 12.16
N ASP A 16 4.28 -6.28 11.22
CA ASP A 16 5.47 -7.10 11.10
C ASP A 16 6.31 -6.58 9.93
N GLY A 17 7.49 -7.16 9.73
CA GLY A 17 8.37 -6.68 8.70
C GLY A 17 8.69 -7.75 7.68
N GLY A 18 9.56 -7.44 6.74
CA GLY A 18 9.96 -8.42 5.73
C GLY A 18 9.67 -7.95 4.34
N GLU A 19 8.99 -8.79 3.57
CA GLU A 19 8.61 -8.46 2.20
C GLU A 19 7.43 -7.49 2.20
N LEU A 20 7.75 -6.20 2.17
CA LEU A 20 6.74 -5.16 2.30
C LEU A 20 6.41 -4.51 0.96
N ILE A 21 5.16 -4.12 0.80
CA ILE A 21 4.72 -3.33 -0.33
C ILE A 21 4.02 -2.07 0.18
N CYS A 22 4.62 -0.92 -0.09
CA CYS A 22 4.14 0.34 0.47
C CYS A 22 3.31 1.12 -0.54
N CYS A 23 2.28 1.77 -0.03
CA CYS A 23 1.39 2.60 -0.84
C CYS A 23 2.08 3.90 -1.19
N ASP A 24 1.88 4.38 -2.40
CA ASP A 24 2.43 5.66 -2.81
C ASP A 24 1.88 6.80 -1.95
N GLY A 25 0.58 7.03 -2.04
CA GLY A 25 -0.05 8.13 -1.31
C GLY A 25 0.05 8.03 0.21
N CYS A 26 0.26 6.82 0.73
CA CYS A 26 0.33 6.62 2.16
C CYS A 26 1.49 5.72 2.55
N PRO A 27 2.29 6.12 3.55
CA PRO A 27 3.55 5.46 3.92
C PRO A 27 3.37 4.00 4.36
N ARG A 28 2.14 3.60 4.65
CA ARG A 28 1.85 2.25 5.13
C ARG A 28 2.33 1.20 4.13
N ALA A 29 3.02 0.20 4.65
CA ALA A 29 3.45 -0.94 3.85
C ALA A 29 2.71 -2.18 4.31
N PHE A 30 2.52 -3.13 3.42
CA PHE A 30 1.75 -4.32 3.73
C PHE A 30 2.49 -5.57 3.27
N HIS A 31 2.07 -6.72 3.81
CA HIS A 31 2.56 -8.00 3.32
C HIS A 31 1.58 -8.53 2.28
N LEU A 32 2.10 -9.22 1.28
CA LEU A 32 1.27 -9.66 0.16
C LEU A 32 0.09 -10.49 0.63
N ALA A 33 0.38 -11.54 1.39
CA ALA A 33 -0.65 -12.47 1.86
C ALA A 33 -1.50 -11.86 2.98
N CYS A 34 -1.02 -10.80 3.60
CA CYS A 34 -1.76 -10.14 4.67
C CYS A 34 -2.84 -9.23 4.10
N LEU A 35 -2.68 -8.83 2.85
CA LEU A 35 -3.68 -8.03 2.16
C LEU A 35 -4.89 -8.87 1.77
N SER A 36 -6.01 -8.18 1.64
CA SER A 36 -7.23 -8.78 1.12
C SER A 36 -7.92 -7.76 0.21
N PRO A 37 -7.88 -7.98 -1.11
CA PRO A 37 -7.31 -9.19 -1.71
C PRO A 37 -5.78 -9.18 -1.73
N PRO A 38 -5.17 -10.35 -1.53
CA PRO A 38 -3.72 -10.50 -1.49
C PRO A 38 -3.10 -10.42 -2.87
N LEU A 39 -1.92 -9.81 -2.95
CA LEU A 39 -1.19 -9.70 -4.20
C LEU A 39 -0.16 -10.82 -4.31
N ARG A 40 -0.14 -11.48 -5.45
CA ARG A 40 0.83 -12.55 -5.68
C ARG A 40 2.12 -11.98 -6.24
N GLU A 41 2.00 -10.85 -6.91
CA GLU A 41 3.15 -10.17 -7.50
C GLU A 41 3.05 -8.67 -7.24
N ILE A 42 4.19 -8.00 -7.35
CA ILE A 42 4.25 -6.57 -7.07
C ILE A 42 3.76 -5.75 -8.25
N PRO A 43 2.73 -4.91 -8.00
CA PRO A 43 2.13 -4.05 -9.00
C PRO A 43 3.13 -3.09 -9.64
N SER A 44 3.00 -2.91 -10.95
CA SER A 44 3.98 -2.16 -11.74
C SER A 44 3.63 -0.68 -11.80
N GLY A 45 3.14 -0.15 -10.68
CA GLY A 45 2.77 1.24 -10.63
C GLY A 45 2.56 1.69 -9.20
N THR A 46 2.05 2.90 -9.04
CA THR A 46 1.78 3.44 -7.73
C THR A 46 0.68 2.65 -7.04
N TRP A 47 1.04 1.94 -5.98
CA TRP A 47 0.09 1.08 -5.29
C TRP A 47 -0.70 1.89 -4.28
N ARG A 48 -1.97 1.52 -4.10
CA ARG A 48 -2.85 2.24 -3.20
C ARG A 48 -3.35 1.31 -2.11
N CYS A 49 -3.28 1.77 -0.87
CA CYS A 49 -3.79 1.02 0.27
C CYS A 49 -5.30 1.15 0.37
N SER A 50 -5.90 0.45 1.33
CA SER A 50 -7.35 0.45 1.50
C SER A 50 -7.91 1.87 1.59
N SER A 51 -7.23 2.74 2.35
CA SER A 51 -7.64 4.13 2.51
C SER A 51 -7.74 4.82 1.15
N CYS A 52 -6.68 4.71 0.36
CA CYS A 52 -6.61 5.36 -0.94
C CYS A 52 -7.72 4.83 -1.87
N LEU A 53 -7.94 3.52 -1.84
CA LEU A 53 -8.94 2.90 -2.69
C LEU A 53 -10.34 3.35 -2.27
N GLN A 54 -10.58 3.39 -0.97
CA GLN A 54 -11.90 3.71 -0.45
C GLN A 54 -12.24 5.18 -0.61
N ALA A 55 -11.22 6.02 -0.66
CA ALA A 55 -11.45 7.46 -0.75
C ALA A 55 -11.53 7.93 -2.20
N THR A 56 -11.43 6.98 -3.12
CA THR A 56 -11.45 7.31 -4.54
C THR A 56 -12.59 6.59 -5.24
N VAL A 57 -13.76 6.59 -4.61
CA VAL A 57 -14.93 5.95 -5.18
C VAL A 57 -15.73 6.93 -6.01
N GLN A 58 -16.32 7.92 -5.35
CA GLN A 58 -17.15 8.94 -6.00
C GLN A 58 -18.46 8.36 -6.53
N GLU A 59 -19.56 9.01 -6.20
CA GLU A 59 -20.87 8.57 -6.65
C GLU A 59 -21.05 8.85 -8.15
N VAL A 60 -21.70 7.90 -8.82
CA VAL A 60 -22.02 8.05 -10.23
C VAL A 60 -23.53 7.94 -10.42
N GLN A 61 -24.26 8.48 -9.45
CA GLN A 61 -25.73 8.42 -9.40
C GLN A 61 -26.22 7.01 -9.10
N PRO A 62 -27.43 6.91 -8.51
CA PRO A 62 -28.02 5.62 -8.12
C PRO A 62 -28.45 4.76 -9.31
N ARG A 63 -27.47 4.26 -10.05
CA ARG A 63 -27.73 3.37 -11.17
C ARG A 63 -26.76 2.21 -11.13
N ALA A 64 -25.53 2.46 -11.57
CA ALA A 64 -24.42 1.51 -11.45
C ALA A 64 -24.79 0.11 -11.96
N GLU A 65 -24.75 -0.07 -13.26
CA GLU A 65 -25.04 -1.37 -13.88
C GLU A 65 -23.83 -2.31 -13.77
N GLU A 66 -23.01 -2.07 -12.76
CA GLU A 66 -21.81 -2.87 -12.48
C GLU A 66 -20.80 -2.75 -13.61
N ALA B 1 5.11 -0.04 -7.30
CA ALA B 1 4.82 -0.08 -5.86
C ALA B 1 6.09 0.15 -5.07
N ARG B 2 5.96 0.79 -3.92
CA ARG B 2 7.12 1.08 -3.08
C ARG B 2 7.47 -0.14 -2.23
N THR B 3 8.16 -1.08 -2.83
CA THR B 3 8.53 -2.32 -2.17
C THR B 3 9.65 -2.12 -1.16
N LYS B 4 9.65 -2.96 -0.13
CA LYS B 4 10.67 -2.92 0.90
C LYS B 4 11.16 -4.34 1.21
N GLN B 5 12.47 -4.50 1.23
CA GLN B 5 13.05 -5.78 1.64
C GLN B 5 13.65 -5.63 3.03
N THR B 6 12.80 -5.80 4.04
CA THR B 6 13.21 -5.58 5.42
C THR B 6 13.32 -6.90 6.15
N ALA B 7 13.71 -6.83 7.42
CA ALA B 7 13.81 -8.01 8.27
C ALA B 7 12.51 -8.23 9.01
N ARG B 8 12.02 -9.47 9.00
CA ARG B 8 10.74 -9.82 9.60
C ARG B 8 10.78 -9.64 11.12
N LYS B 9 9.62 -9.44 11.70
CA LYS B 9 9.51 -9.25 13.14
C LYS B 9 8.97 -10.52 13.79
N SER B 10 8.89 -11.57 12.98
CA SER B 10 8.43 -12.86 13.42
C SER B 10 9.36 -13.43 14.49
ZN ZN C . 1.21 -8.23 7.55
ZN ZN D . -2.20 5.12 0.83
N GLY A 1 0.80 16.63 -3.35
CA GLY A 1 2.16 16.19 -2.93
C GLY A 1 2.58 14.92 -3.65
N ALA A 2 2.52 13.81 -2.92
CA ALA A 2 2.88 12.49 -3.46
C ALA A 2 4.36 12.44 -3.85
N MET A 3 5.17 13.21 -3.14
CA MET A 3 6.61 13.26 -3.39
C MET A 3 7.37 13.31 -2.07
N ALA A 4 8.56 12.71 -2.03
CA ALA A 4 9.36 12.63 -0.82
C ALA A 4 8.61 11.88 0.27
N GLN A 5 7.91 10.83 -0.14
CA GLN A 5 7.13 10.01 0.77
C GLN A 5 8.04 9.12 1.60
N LYS A 6 7.50 8.60 2.68
CA LYS A 6 8.23 7.67 3.53
C LYS A 6 7.44 6.38 3.64
N ASN A 7 8.11 5.28 3.88
CA ASN A 7 7.45 4.00 3.97
C ASN A 7 7.71 3.33 5.32
N GLU A 8 6.67 2.76 5.89
CA GLU A 8 6.79 2.03 7.13
C GLU A 8 7.56 0.74 6.90
N ASP A 9 8.43 0.40 7.84
CA ASP A 9 9.14 -0.86 7.78
C ASP A 9 8.34 -1.92 8.50
N GLU A 10 7.09 -1.58 8.79
CA GLU A 10 6.17 -2.46 9.50
C GLU A 10 4.88 -2.56 8.70
N CYS A 11 4.33 -3.75 8.61
CA CYS A 11 3.09 -3.97 7.90
C CYS A 11 1.90 -3.38 8.66
N ALA A 12 0.99 -2.75 7.94
CA ALA A 12 -0.22 -2.16 8.52
C ALA A 12 -1.18 -3.24 9.01
N VAL A 13 -0.92 -4.47 8.59
CA VAL A 13 -1.76 -5.61 8.98
C VAL A 13 -1.36 -6.16 10.34
N CYS A 14 -0.11 -6.60 10.46
CA CYS A 14 0.34 -7.27 11.68
C CYS A 14 1.57 -6.60 12.30
N ARG A 15 1.92 -5.42 11.75
CA ARG A 15 3.06 -4.64 12.23
C ARG A 15 4.36 -5.45 12.18
N ASP A 16 4.44 -6.36 11.22
CA ASP A 16 5.61 -7.20 11.04
C ASP A 16 6.44 -6.66 9.88
N GLY A 17 7.61 -7.24 9.66
CA GLY A 17 8.49 -6.75 8.61
C GLY A 17 8.81 -7.85 7.60
N GLY A 18 9.69 -7.55 6.66
CA GLY A 18 10.05 -8.54 5.66
C GLY A 18 9.66 -8.11 4.26
N GLU A 19 8.81 -8.90 3.63
CA GLU A 19 8.34 -8.61 2.28
C GLU A 19 7.19 -7.61 2.31
N LEU A 20 7.55 -6.33 2.30
CA LEU A 20 6.58 -5.25 2.43
C LEU A 20 6.28 -4.60 1.08
N ILE A 21 5.07 -4.11 0.96
CA ILE A 21 4.67 -3.31 -0.19
C ILE A 21 3.93 -2.05 0.31
N CYS A 22 4.49 -0.90 0.00
CA CYS A 22 3.97 0.36 0.51
C CYS A 22 3.18 1.10 -0.55
N CYS A 23 2.16 1.83 -0.09
CA CYS A 23 1.29 2.60 -0.96
C CYS A 23 1.99 3.88 -1.43
N ASP A 24 1.59 4.38 -2.60
CA ASP A 24 2.09 5.65 -3.09
C ASP A 24 1.74 6.79 -2.13
N GLY A 25 0.45 7.09 -2.01
CA GLY A 25 0.03 8.24 -1.23
C GLY A 25 -0.04 7.99 0.26
N CYS A 26 0.27 6.79 0.70
CA CYS A 26 0.23 6.47 2.13
C CYS A 26 1.47 5.67 2.54
N PRO A 27 2.09 6.08 3.66
CA PRO A 27 3.35 5.49 4.15
C PRO A 27 3.20 4.05 4.62
N ARG A 28 1.98 3.59 4.77
CA ARG A 28 1.72 2.23 5.22
C ARG A 28 2.29 1.21 4.24
N ALA A 29 2.98 0.22 4.79
CA ALA A 29 3.45 -0.90 3.99
C ALA A 29 2.72 -2.15 4.47
N PHE A 30 2.58 -3.12 3.58
CA PHE A 30 1.81 -4.33 3.89
C PHE A 30 2.59 -5.56 3.45
N HIS A 31 2.13 -6.72 3.88
CA HIS A 31 2.63 -7.97 3.35
C HIS A 31 1.69 -8.45 2.25
N LEU A 32 2.22 -9.08 1.22
CA LEU A 32 1.42 -9.42 0.05
C LEU A 32 0.21 -10.27 0.43
N ALA A 33 0.47 -11.34 1.17
CA ALA A 33 -0.58 -12.28 1.59
C ALA A 33 -1.47 -11.67 2.68
N CYS A 34 -0.91 -10.78 3.50
CA CYS A 34 -1.67 -10.17 4.59
C CYS A 34 -2.69 -9.19 4.06
N LEU A 35 -2.49 -8.72 2.84
CA LEU A 35 -3.43 -7.84 2.18
C LEU A 35 -4.69 -8.58 1.78
N SER A 36 -5.77 -7.83 1.66
CA SER A 36 -7.01 -8.35 1.12
C SER A 36 -7.65 -7.27 0.24
N PRO A 37 -7.75 -7.51 -1.07
CA PRO A 37 -7.29 -8.74 -1.71
C PRO A 37 -5.76 -8.83 -1.79
N PRO A 38 -5.20 -9.99 -1.41
CA PRO A 38 -3.76 -10.22 -1.41
C PRO A 38 -3.15 -10.17 -2.81
N LEU A 39 -1.96 -9.60 -2.90
CA LEU A 39 -1.22 -9.52 -4.14
C LEU A 39 -0.29 -10.72 -4.27
N ARG A 40 -0.27 -11.32 -5.45
CA ARG A 40 0.62 -12.47 -5.70
C ARG A 40 1.97 -11.98 -6.22
N GLU A 41 1.95 -10.80 -6.84
CA GLU A 41 3.15 -10.21 -7.39
C GLU A 41 3.11 -8.70 -7.24
N ILE A 42 4.28 -8.08 -7.28
CA ILE A 42 4.42 -6.65 -7.06
C ILE A 42 3.96 -5.85 -8.26
N PRO A 43 2.98 -4.95 -8.03
CA PRO A 43 2.46 -4.05 -9.06
C PRO A 43 3.55 -3.19 -9.69
N SER A 44 3.48 -3.04 -11.01
CA SER A 44 4.48 -2.29 -11.75
C SER A 44 4.05 -0.84 -11.89
N GLY A 45 3.50 -0.30 -10.81
CA GLY A 45 3.09 1.08 -10.78
C GLY A 45 2.68 1.49 -9.40
N THR A 46 2.13 2.68 -9.27
CA THR A 46 1.73 3.21 -7.98
C THR A 46 0.61 2.39 -7.37
N TRP A 47 0.91 1.74 -6.25
CA TRP A 47 -0.05 0.91 -5.55
C TRP A 47 -0.83 1.75 -4.56
N ARG A 48 -2.11 1.45 -4.40
CA ARG A 48 -2.97 2.20 -3.50
C ARG A 48 -3.59 1.28 -2.45
N CYS A 49 -3.61 1.75 -1.21
CA CYS A 49 -4.27 1.03 -0.13
C CYS A 49 -5.78 1.26 -0.20
N SER A 50 -6.55 0.57 0.64
CA SER A 50 -8.01 0.68 0.61
C SER A 50 -8.48 2.14 0.72
N SER A 51 -7.86 2.91 1.62
CA SER A 51 -8.25 4.30 1.81
C SER A 51 -8.06 5.12 0.53
N CYS A 52 -6.94 4.91 -0.15
CA CYS A 52 -6.65 5.60 -1.40
C CYS A 52 -7.70 5.28 -2.46
N LEU A 53 -8.11 4.03 -2.52
CA LEU A 53 -9.13 3.60 -3.49
C LEU A 53 -10.44 4.34 -3.23
N GLN A 54 -10.77 4.51 -1.96
CA GLN A 54 -11.99 5.21 -1.55
C GLN A 54 -11.87 6.71 -1.78
N ALA A 55 -10.64 7.19 -1.90
CA ALA A 55 -10.39 8.61 -2.06
C ALA A 55 -10.36 8.98 -3.53
N THR A 56 -10.43 7.97 -4.38
CA THR A 56 -10.42 8.17 -5.82
C THR A 56 -11.58 7.43 -6.49
N VAL A 57 -12.76 7.58 -5.92
CA VAL A 57 -13.96 6.92 -6.45
C VAL A 57 -14.66 7.83 -7.45
N GLN A 58 -15.06 9.01 -6.98
CA GLN A 58 -15.78 9.96 -7.82
C GLN A 58 -14.81 10.77 -8.68
N GLU A 59 -14.08 10.07 -9.53
CA GLU A 59 -13.18 10.67 -10.51
C GLU A 59 -12.31 11.79 -9.95
N VAL A 60 -11.84 11.61 -8.71
CA VAL A 60 -10.99 12.57 -8.03
C VAL A 60 -11.62 13.97 -8.01
N GLN A 61 -12.61 14.12 -7.11
CA GLN A 61 -13.32 15.40 -6.95
C GLN A 61 -14.07 15.80 -8.21
N PRO A 62 -15.35 15.39 -8.30
CA PRO A 62 -16.19 15.72 -9.46
C PRO A 62 -16.67 17.17 -9.42
N ARG A 63 -17.09 17.67 -10.57
CA ARG A 63 -17.62 19.02 -10.66
C ARG A 63 -19.06 19.05 -10.15
N ALA A 64 -19.18 19.16 -8.83
CA ALA A 64 -20.48 19.14 -8.18
C ALA A 64 -20.86 20.56 -7.78
N GLU A 65 -20.92 21.42 -8.78
CA GLU A 65 -21.12 22.84 -8.56
C GLU A 65 -22.60 23.18 -8.65
N GLU A 66 -23.18 23.04 -9.83
CA GLU A 66 -24.59 23.27 -10.03
C GLU A 66 -25.31 21.95 -10.32
N ALA B 1 5.03 -0.12 -7.22
CA ALA B 1 4.68 -0.19 -5.78
C ALA B 1 5.92 0.08 -4.94
N ARG B 2 5.73 0.67 -3.77
CA ARG B 2 6.85 1.02 -2.90
C ARG B 2 7.28 -0.20 -2.09
N THR B 3 7.86 -1.17 -2.77
CA THR B 3 8.23 -2.43 -2.16
C THR B 3 9.43 -2.26 -1.21
N LYS B 4 9.39 -2.99 -0.10
CA LYS B 4 10.46 -2.95 0.88
C LYS B 4 10.85 -4.37 1.28
N GLN B 5 12.13 -4.64 1.25
CA GLN B 5 12.65 -5.91 1.73
C GLN B 5 13.39 -5.70 3.04
N THR B 6 12.64 -5.63 4.12
CA THR B 6 13.22 -5.33 5.43
C THR B 6 13.41 -6.61 6.23
N ALA B 7 13.80 -6.46 7.49
CA ALA B 7 13.96 -7.59 8.37
C ALA B 7 12.63 -7.90 9.05
N ARG B 8 12.28 -9.18 9.10
CA ARG B 8 11.02 -9.60 9.70
C ARG B 8 10.99 -9.24 11.17
N LYS B 9 9.80 -8.94 11.66
CA LYS B 9 9.62 -8.43 13.02
C LYS B 9 9.07 -9.52 13.92
N SER B 10 9.09 -9.27 15.22
CA SER B 10 8.52 -10.20 16.17
C SER B 10 8.14 -9.46 17.45
ZN ZN C . 1.19 -8.39 7.45
ZN ZN D . -2.34 4.86 0.61
N GLY A 1 11.02 19.16 -8.37
CA GLY A 1 11.79 18.05 -7.75
C GLY A 1 11.08 17.50 -6.53
N ALA A 2 10.37 16.41 -6.71
CA ALA A 2 9.63 15.80 -5.63
C ALA A 2 10.57 14.95 -4.77
N MET A 3 10.04 14.43 -3.67
CA MET A 3 10.82 13.59 -2.78
C MET A 3 9.89 12.58 -2.11
N ALA A 4 9.40 11.65 -2.91
CA ALA A 4 8.47 10.65 -2.42
C ALA A 4 9.20 9.41 -1.94
N GLN A 5 9.75 9.49 -0.75
CA GLN A 5 10.46 8.37 -0.15
C GLN A 5 9.98 8.17 1.28
N LYS A 6 8.74 7.74 1.41
CA LYS A 6 8.13 7.54 2.70
C LYS A 6 7.49 6.16 2.76
N ASN A 7 8.13 5.24 3.47
CA ASN A 7 7.59 3.92 3.68
C ASN A 7 7.85 3.45 5.09
N GLU A 8 6.84 2.89 5.72
CA GLU A 8 6.95 2.35 7.05
C GLU A 8 7.52 0.93 7.00
N ASP A 9 8.21 0.53 8.05
CA ASP A 9 8.96 -0.72 8.02
C ASP A 9 8.23 -1.82 8.76
N GLU A 10 6.93 -1.63 8.95
CA GLU A 10 6.09 -2.66 9.52
C GLU A 10 4.69 -2.60 8.91
N CYS A 11 4.17 -3.77 8.58
CA CYS A 11 2.90 -3.89 7.89
C CYS A 11 1.75 -3.39 8.75
N ALA A 12 0.84 -2.65 8.11
CA ALA A 12 -0.34 -2.12 8.78
C ALA A 12 -1.25 -3.24 9.28
N VAL A 13 -1.09 -4.42 8.70
CA VAL A 13 -1.91 -5.58 9.05
C VAL A 13 -1.46 -6.23 10.36
N CYS A 14 -0.27 -6.83 10.36
CA CYS A 14 0.20 -7.61 11.49
C CYS A 14 1.38 -6.95 12.21
N ARG A 15 1.80 -5.79 11.71
CA ARG A 15 2.90 -5.03 12.29
C ARG A 15 4.21 -5.83 12.25
N ASP A 16 4.32 -6.70 11.27
CA ASP A 16 5.55 -7.43 11.02
C ASP A 16 6.30 -6.76 9.87
N GLY A 17 7.46 -7.27 9.52
CA GLY A 17 8.28 -6.65 8.51
C GLY A 17 8.80 -7.63 7.50
N GLY A 18 9.75 -7.21 6.68
CA GLY A 18 10.30 -8.08 5.67
C GLY A 18 9.92 -7.65 4.27
N GLU A 19 9.24 -8.53 3.57
CA GLU A 19 8.79 -8.26 2.20
C GLU A 19 7.56 -7.36 2.22
N LEU A 20 7.81 -6.06 2.35
CA LEU A 20 6.74 -5.07 2.46
C LEU A 20 6.40 -4.45 1.11
N ILE A 21 5.14 -4.06 0.97
CA ILE A 21 4.70 -3.30 -0.18
C ILE A 21 3.93 -2.06 0.30
N CYS A 22 4.49 -0.91 0.03
CA CYS A 22 3.97 0.34 0.55
C CYS A 22 3.18 1.09 -0.51
N CYS A 23 2.17 1.82 -0.05
CA CYS A 23 1.34 2.63 -0.93
C CYS A 23 2.08 3.87 -1.41
N ASP A 24 1.70 4.36 -2.57
CA ASP A 24 2.25 5.60 -3.10
C ASP A 24 1.95 6.77 -2.14
N GLY A 25 0.68 7.11 -2.03
CA GLY A 25 0.26 8.30 -1.30
C GLY A 25 0.37 8.18 0.21
N CYS A 26 0.52 6.97 0.73
CA CYS A 26 0.64 6.78 2.16
C CYS A 26 1.74 5.78 2.48
N PRO A 27 2.63 6.12 3.43
CA PRO A 27 3.81 5.32 3.77
C PRO A 27 3.48 3.93 4.34
N ARG A 28 2.19 3.64 4.56
CA ARG A 28 1.79 2.33 5.07
C ARG A 28 2.27 1.22 4.16
N ALA A 29 3.02 0.30 4.74
CA ALA A 29 3.49 -0.86 4.02
C ALA A 29 2.72 -2.09 4.47
N PHE A 30 2.58 -3.06 3.59
CA PHE A 30 1.82 -4.26 3.89
C PHE A 30 2.58 -5.49 3.46
N HIS A 31 2.08 -6.64 3.87
CA HIS A 31 2.58 -7.89 3.35
C HIS A 31 1.65 -8.40 2.27
N LEU A 32 2.20 -9.06 1.27
CA LEU A 32 1.42 -9.46 0.10
C LEU A 32 0.19 -10.27 0.49
N ALA A 33 0.40 -11.31 1.29
CA ALA A 33 -0.67 -12.21 1.69
C ALA A 33 -1.57 -11.59 2.76
N CYS A 34 -1.06 -10.57 3.44
CA CYS A 34 -1.82 -9.90 4.49
C CYS A 34 -2.86 -8.97 3.89
N LEU A 35 -2.64 -8.55 2.65
CA LEU A 35 -3.60 -7.72 1.94
C LEU A 35 -4.83 -8.52 1.53
N SER A 36 -5.92 -7.81 1.29
CA SER A 36 -7.13 -8.42 0.78
C SER A 36 -7.77 -7.49 -0.25
N PRO A 37 -7.83 -7.91 -1.53
CA PRO A 37 -7.30 -9.20 -2.00
C PRO A 37 -5.77 -9.20 -2.00
N PRO A 38 -5.17 -10.33 -1.59
CA PRO A 38 -3.71 -10.47 -1.48
C PRO A 38 -3.03 -10.44 -2.83
N LEU A 39 -1.87 -9.81 -2.89
CA LEU A 39 -1.08 -9.74 -4.10
C LEU A 39 -0.08 -10.88 -4.15
N ARG A 40 -0.09 -11.61 -5.26
CA ARG A 40 0.87 -12.68 -5.46
C ARG A 40 2.19 -12.13 -5.97
N GLU A 41 2.11 -10.95 -6.57
CA GLU A 41 3.28 -10.29 -7.14
C GLU A 41 3.12 -8.78 -7.06
N ILE A 42 4.23 -8.07 -7.13
CA ILE A 42 4.24 -6.62 -6.97
C ILE A 42 3.66 -5.91 -8.18
N PRO A 43 2.67 -5.03 -7.95
CA PRO A 43 2.09 -4.21 -8.99
C PRO A 43 3.09 -3.21 -9.58
N SER A 44 3.06 -3.09 -10.89
CA SER A 44 4.07 -2.32 -11.60
C SER A 44 3.59 -0.87 -11.80
N GLY A 45 3.19 -0.25 -10.71
CA GLY A 45 2.78 1.14 -10.75
C GLY A 45 2.44 1.63 -9.37
N THR A 46 1.87 2.81 -9.28
CA THR A 46 1.50 3.39 -7.99
C THR A 46 0.40 2.56 -7.34
N TRP A 47 0.70 2.05 -6.15
CA TRP A 47 -0.23 1.19 -5.44
C TRP A 47 -0.96 2.00 -4.36
N ARG A 48 -2.22 1.65 -4.12
CA ARG A 48 -3.02 2.35 -3.12
C ARG A 48 -3.60 1.35 -2.12
N CYS A 49 -3.55 1.72 -0.84
CA CYS A 49 -4.10 0.88 0.22
C CYS A 49 -5.62 1.00 0.26
N SER A 50 -6.25 0.25 1.15
CA SER A 50 -7.69 0.26 1.28
C SER A 50 -8.22 1.67 1.55
N SER A 51 -7.58 2.38 2.48
CA SER A 51 -7.98 3.74 2.83
C SER A 51 -7.97 4.66 1.60
N CYS A 52 -6.92 4.53 0.78
CA CYS A 52 -6.79 5.34 -0.43
C CYS A 52 -7.95 5.06 -1.39
N LEU A 53 -8.30 3.80 -1.56
CA LEU A 53 -9.37 3.41 -2.47
C LEU A 53 -10.73 3.83 -1.91
N GLN A 54 -10.87 3.68 -0.60
CA GLN A 54 -12.09 4.04 0.11
C GLN A 54 -12.39 5.52 -0.05
N ALA A 55 -11.36 6.32 -0.27
CA ALA A 55 -11.50 7.76 -0.42
C ALA A 55 -12.01 8.13 -1.81
N THR A 56 -12.34 7.12 -2.61
CA THR A 56 -12.86 7.34 -3.95
C THR A 56 -14.09 6.46 -4.17
N VAL A 57 -14.79 6.21 -3.08
CA VAL A 57 -15.97 5.36 -3.08
C VAL A 57 -17.17 6.11 -2.49
N GLN A 58 -16.90 6.84 -1.40
CA GLN A 58 -17.94 7.61 -0.71
C GLN A 58 -18.53 8.68 -1.62
N GLU A 59 -19.76 9.07 -1.34
CA GLU A 59 -20.42 10.13 -2.11
C GLU A 59 -21.31 10.96 -1.19
N VAL A 60 -20.69 11.92 -0.54
CA VAL A 60 -21.38 12.84 0.34
C VAL A 60 -20.45 14.04 0.57
N GLN A 61 -19.65 14.31 -0.44
CA GLN A 61 -18.66 15.36 -0.37
C GLN A 61 -19.25 16.69 -0.82
N PRO A 62 -18.97 17.77 -0.08
CA PRO A 62 -19.33 19.12 -0.49
C PRO A 62 -18.71 19.45 -1.84
N ARG A 63 -19.58 19.71 -2.81
CA ARG A 63 -19.16 20.00 -4.18
C ARG A 63 -18.16 21.15 -4.22
N ALA A 64 -18.30 22.09 -3.29
CA ALA A 64 -17.36 23.19 -3.11
C ALA A 64 -16.94 23.81 -4.44
N GLU A 65 -17.93 24.28 -5.19
CA GLU A 65 -17.68 24.84 -6.51
C GLU A 65 -16.83 26.09 -6.44
N GLU A 66 -16.17 26.40 -7.54
CA GLU A 66 -15.32 27.57 -7.64
C GLU A 66 -16.12 28.79 -8.08
N ALA B 1 4.88 -0.08 -7.25
CA ALA B 1 4.59 -0.24 -5.81
C ALA B 1 5.86 -0.10 -4.99
N ARG B 2 5.76 0.57 -3.85
CA ARG B 2 6.92 0.86 -3.02
C ARG B 2 7.33 -0.37 -2.23
N THR B 3 8.15 -1.21 -2.83
CA THR B 3 8.49 -2.49 -2.23
C THR B 3 9.72 -2.36 -1.34
N LYS B 4 9.69 -3.03 -0.20
CA LYS B 4 10.79 -2.99 0.76
C LYS B 4 11.24 -4.40 1.09
N GLN B 5 12.55 -4.59 1.14
CA GLN B 5 13.11 -5.83 1.67
C GLN B 5 13.69 -5.53 3.05
N THR B 6 12.79 -5.37 4.01
CA THR B 6 13.16 -4.89 5.33
C THR B 6 13.39 -6.05 6.29
N ALA B 7 13.84 -5.72 7.50
CA ALA B 7 14.00 -6.71 8.56
C ALA B 7 12.64 -7.16 9.05
N ARG B 8 12.48 -8.47 9.23
CA ARG B 8 11.23 -9.02 9.70
C ARG B 8 11.05 -8.75 11.18
N LYS B 9 9.80 -8.69 11.60
CA LYS B 9 9.48 -8.35 12.98
C LYS B 9 8.85 -9.56 13.66
N SER B 10 9.14 -10.73 13.10
CA SER B 10 8.61 -11.98 13.60
C SER B 10 9.37 -12.40 14.85
ZN ZN C . 1.23 -8.13 7.34
ZN ZN D . -2.60 3.55 0.46
N GLY A 1 16.80 13.64 -1.02
CA GLY A 1 16.49 14.40 0.22
C GLY A 1 15.28 13.84 0.93
N ALA A 2 14.58 14.69 1.65
CA ALA A 2 13.37 14.28 2.37
C ALA A 2 12.12 14.72 1.62
N MET A 3 12.30 15.16 0.38
CA MET A 3 11.19 15.61 -0.43
C MET A 3 10.65 14.46 -1.28
N ALA A 4 10.25 13.41 -0.60
CA ALA A 4 9.64 12.26 -1.22
C ALA A 4 8.64 11.64 -0.27
N GLN A 5 8.07 10.51 -0.64
CA GLN A 5 7.18 9.80 0.24
C GLN A 5 8.00 8.99 1.24
N LYS A 6 7.35 8.49 2.27
CA LYS A 6 8.01 7.71 3.31
C LYS A 6 7.29 6.39 3.43
N ASN A 7 8.02 5.32 3.64
CA ASN A 7 7.42 4.01 3.79
C ASN A 7 7.73 3.45 5.18
N GLU A 8 6.72 2.89 5.80
CA GLU A 8 6.85 2.30 7.12
C GLU A 8 7.46 0.91 7.02
N ASP A 9 8.30 0.56 7.98
CA ASP A 9 9.05 -0.71 7.91
C ASP A 9 8.27 -1.87 8.50
N GLU A 10 6.98 -1.66 8.76
CA GLU A 10 6.15 -2.71 9.31
C GLU A 10 4.76 -2.66 8.70
N CYS A 11 4.20 -3.84 8.54
CA CYS A 11 2.90 -4.01 7.89
C CYS A 11 1.76 -3.57 8.79
N ALA A 12 0.79 -2.87 8.20
CA ALA A 12 -0.38 -2.40 8.93
C ALA A 12 -1.27 -3.56 9.40
N VAL A 13 -1.02 -4.74 8.82
CA VAL A 13 -1.80 -5.93 9.14
C VAL A 13 -1.32 -6.60 10.42
N CYS A 14 -0.09 -7.11 10.40
CA CYS A 14 0.42 -7.91 11.52
C CYS A 14 1.58 -7.23 12.24
N ARG A 15 1.88 -5.99 11.84
CA ARG A 15 2.98 -5.21 12.44
C ARG A 15 4.32 -5.90 12.20
N ASP A 16 4.34 -6.77 11.19
CA ASP A 16 5.53 -7.53 10.85
C ASP A 16 6.35 -6.79 9.81
N GLY A 17 7.59 -7.21 9.65
CA GLY A 17 8.45 -6.65 8.62
C GLY A 17 8.79 -7.70 7.58
N GLY A 18 9.65 -7.36 6.62
CA GLY A 18 10.00 -8.31 5.59
C GLY A 18 9.72 -7.77 4.21
N GLU A 19 9.15 -8.62 3.36
CA GLU A 19 8.76 -8.22 2.02
C GLU A 19 7.56 -7.28 2.07
N LEU A 20 7.83 -5.99 2.12
CA LEU A 20 6.80 -4.99 2.28
C LEU A 20 6.44 -4.32 0.96
N ILE A 21 5.19 -3.92 0.86
CA ILE A 21 4.70 -3.17 -0.28
C ILE A 21 3.97 -1.91 0.21
N CYS A 22 4.59 -0.77 0.01
CA CYS A 22 4.06 0.50 0.50
C CYS A 22 3.26 1.22 -0.57
N CYS A 23 2.23 1.93 -0.13
CA CYS A 23 1.35 2.66 -1.01
C CYS A 23 2.01 3.94 -1.55
N ASP A 24 1.54 4.41 -2.69
CA ASP A 24 2.01 5.67 -3.26
C ASP A 24 1.74 6.83 -2.31
N GLY A 25 0.47 7.16 -2.13
CA GLY A 25 0.11 8.34 -1.36
C GLY A 25 0.04 8.09 0.15
N CYS A 26 0.22 6.85 0.56
CA CYS A 26 0.17 6.52 1.98
C CYS A 26 1.39 5.72 2.41
N PRO A 27 2.01 6.12 3.52
CA PRO A 27 3.28 5.55 3.99
C PRO A 27 3.17 4.10 4.43
N ARG A 28 1.95 3.62 4.65
CA ARG A 28 1.73 2.26 5.12
C ARG A 28 2.30 1.23 4.15
N ALA A 29 3.07 0.31 4.69
CA ALA A 29 3.55 -0.82 3.93
C ALA A 29 2.81 -2.06 4.40
N PHE A 30 2.60 -3.00 3.49
CA PHE A 30 1.86 -4.20 3.82
C PHE A 30 2.61 -5.43 3.34
N HIS A 31 2.13 -6.59 3.73
CA HIS A 31 2.62 -7.84 3.17
C HIS A 31 1.66 -8.34 2.13
N LEU A 32 2.18 -8.97 1.08
CA LEU A 32 1.36 -9.37 -0.05
C LEU A 32 0.16 -10.21 0.39
N ALA A 33 0.46 -11.30 1.11
CA ALA A 33 -0.56 -12.25 1.53
C ALA A 33 -1.44 -11.69 2.65
N CYS A 34 -0.95 -10.68 3.36
CA CYS A 34 -1.69 -10.10 4.47
C CYS A 34 -2.78 -9.16 3.98
N LEU A 35 -2.60 -8.60 2.79
CA LEU A 35 -3.59 -7.71 2.20
C LEU A 35 -4.89 -8.45 1.87
N SER A 36 -5.97 -7.69 1.72
CA SER A 36 -7.23 -8.26 1.30
C SER A 36 -7.91 -7.33 0.29
N PRO A 37 -8.00 -7.74 -0.98
CA PRO A 37 -7.47 -9.03 -1.46
C PRO A 37 -5.95 -9.04 -1.52
N PRO A 38 -5.34 -10.19 -1.22
CA PRO A 38 -3.88 -10.34 -1.20
C PRO A 38 -3.27 -10.22 -2.58
N LEU A 39 -2.15 -9.52 -2.66
CA LEU A 39 -1.42 -9.38 -3.91
C LEU A 39 -0.48 -10.57 -4.10
N ARG A 40 -0.57 -11.21 -5.24
CA ARG A 40 0.28 -12.35 -5.54
C ARG A 40 1.61 -11.89 -6.10
N GLU A 41 1.63 -10.65 -6.57
CA GLU A 41 2.76 -10.10 -7.28
C GLU A 41 2.99 -8.64 -6.90
N ILE A 42 4.20 -8.16 -7.10
CA ILE A 42 4.50 -6.76 -6.92
C ILE A 42 4.08 -5.96 -8.14
N PRO A 43 3.08 -5.09 -7.97
CA PRO A 43 2.56 -4.26 -9.05
C PRO A 43 3.59 -3.29 -9.61
N SER A 44 3.68 -3.25 -10.93
CA SER A 44 4.68 -2.41 -11.59
C SER A 44 4.10 -1.03 -11.87
N GLY A 45 3.71 -0.35 -10.80
CA GLY A 45 3.18 0.99 -10.90
C GLY A 45 2.79 1.52 -9.55
N THR A 46 2.09 2.64 -9.53
CA THR A 46 1.62 3.25 -8.30
C THR A 46 0.58 2.35 -7.62
N TRP A 47 0.93 1.85 -6.45
CA TRP A 47 0.03 0.98 -5.70
C TRP A 47 -0.74 1.79 -4.66
N ARG A 48 -1.98 1.38 -4.41
CA ARG A 48 -2.86 2.09 -3.49
C ARG A 48 -3.37 1.16 -2.40
N CYS A 49 -3.32 1.63 -1.16
CA CYS A 49 -3.85 0.88 -0.03
C CYS A 49 -5.38 1.00 0.01
N SER A 50 -6.01 0.28 0.94
CA SER A 50 -7.46 0.27 1.05
C SER A 50 -8.04 1.69 1.13
N SER A 51 -7.40 2.55 1.90
CA SER A 51 -7.85 3.93 2.09
C SER A 51 -7.99 4.66 0.75
N CYS A 52 -6.96 4.57 -0.08
CA CYS A 52 -6.97 5.22 -1.39
C CYS A 52 -8.03 4.58 -2.29
N LEU A 53 -8.09 3.25 -2.27
CA LEU A 53 -9.03 2.51 -3.10
C LEU A 53 -10.48 2.85 -2.75
N GLN A 54 -10.71 3.14 -1.48
CA GLN A 54 -12.04 3.45 -1.00
C GLN A 54 -12.49 4.84 -1.45
N ALA A 55 -11.53 5.73 -1.66
CA ALA A 55 -11.83 7.13 -1.95
C ALA A 55 -12.02 7.38 -3.45
N THR A 56 -12.11 6.30 -4.23
CA THR A 56 -12.26 6.42 -5.67
C THR A 56 -13.70 6.74 -6.08
N VAL A 57 -14.32 7.64 -5.32
CA VAL A 57 -15.69 8.05 -5.60
C VAL A 57 -15.71 9.43 -6.26
N GLN A 58 -14.53 10.03 -6.35
CA GLN A 58 -14.36 11.38 -6.91
C GLN A 58 -14.92 12.44 -5.97
N GLU A 59 -14.28 13.59 -5.94
CA GLU A 59 -14.69 14.67 -5.04
C GLU A 59 -15.75 15.54 -5.72
N VAL A 60 -17.01 15.11 -5.58
CA VAL A 60 -18.18 15.78 -6.19
C VAL A 60 -17.86 16.28 -7.61
N GLN A 61 -17.66 15.35 -8.51
CA GLN A 61 -17.30 15.66 -9.88
C GLN A 61 -18.22 14.93 -10.86
N PRO A 62 -19.36 15.54 -11.18
CA PRO A 62 -20.31 14.96 -12.13
C PRO A 62 -19.79 15.06 -13.56
N ARG A 63 -19.34 13.94 -14.09
CA ARG A 63 -18.77 13.91 -15.42
C ARG A 63 -19.49 12.89 -16.29
N ALA A 64 -20.01 13.37 -17.41
CA ALA A 64 -20.66 12.50 -18.37
C ALA A 64 -19.61 11.84 -19.27
N GLU A 65 -18.80 10.98 -18.66
CA GLU A 65 -17.76 10.29 -19.38
C GLU A 65 -18.39 9.10 -20.11
N GLU A 66 -17.82 8.69 -21.23
CA GLU A 66 -18.49 7.74 -22.11
C GLU A 66 -17.45 6.99 -22.92
N ALA B 1 5.16 -0.26 -7.14
CA ALA B 1 4.84 -0.31 -5.70
C ALA B 1 6.08 0.02 -4.88
N ARG B 2 5.87 0.66 -3.73
CA ARG B 2 6.98 1.09 -2.89
C ARG B 2 7.46 -0.07 -2.01
N THR B 3 8.19 -0.99 -2.62
CA THR B 3 8.57 -2.22 -1.95
C THR B 3 9.73 -2.02 -0.97
N LYS B 4 9.71 -2.82 0.08
CA LYS B 4 10.75 -2.81 1.10
C LYS B 4 11.18 -4.24 1.41
N GLN B 5 12.40 -4.41 1.86
CA GLN B 5 12.90 -5.73 2.23
C GLN B 5 13.57 -5.68 3.59
N THR B 6 12.76 -5.53 4.63
CA THR B 6 13.25 -5.40 5.97
C THR B 6 13.32 -6.76 6.67
N ALA B 7 13.70 -6.75 7.93
CA ALA B 7 13.71 -7.97 8.72
C ALA B 7 12.29 -8.33 9.16
N ARG B 8 11.95 -9.60 9.06
CA ARG B 8 10.61 -10.06 9.40
C ARG B 8 10.31 -9.90 10.88
N LYS B 9 9.55 -8.86 11.19
CA LYS B 9 9.04 -8.59 12.53
C LYS B 9 10.11 -7.99 13.43
N SER B 10 9.91 -6.74 13.80
CA SER B 10 10.80 -6.09 14.72
C SER B 10 10.20 -6.09 16.13
ZN ZN C . 1.38 -8.31 7.17
ZN ZN D . -2.61 4.95 0.33
N GLY A 1 8.02 7.91 -4.80
CA GLY A 1 6.84 8.47 -5.51
C GLY A 1 6.56 9.90 -5.11
N ALA A 2 5.31 10.18 -4.75
CA ALA A 2 4.89 11.53 -4.41
C ALA A 2 5.65 12.10 -3.22
N MET A 3 6.39 13.19 -3.46
CA MET A 3 7.07 13.95 -2.42
C MET A 3 8.19 13.17 -1.76
N ALA A 4 8.65 12.11 -2.44
CA ALA A 4 9.65 11.20 -1.90
C ALA A 4 9.24 10.74 -0.50
N GLN A 5 7.99 10.29 -0.39
CA GLN A 5 7.42 9.92 0.89
C GLN A 5 8.07 8.64 1.41
N LYS A 6 8.41 8.65 2.69
CA LYS A 6 9.05 7.52 3.34
C LYS A 6 8.09 6.36 3.51
N ASN A 7 8.62 5.16 3.48
CA ASN A 7 7.83 3.96 3.71
C ASN A 7 8.05 3.44 5.12
N GLU A 8 6.98 3.06 5.78
CA GLU A 8 7.08 2.49 7.11
C GLU A 8 7.54 1.04 7.02
N ASP A 9 8.31 0.59 8.00
CA ASP A 9 8.88 -0.75 7.95
C ASP A 9 7.97 -1.74 8.64
N GLU A 10 6.66 -1.54 8.52
CA GLU A 10 5.70 -2.46 9.09
C GLU A 10 4.51 -2.64 8.18
N CYS A 11 3.88 -3.79 8.31
CA CYS A 11 2.61 -4.03 7.68
C CYS A 11 1.49 -3.58 8.61
N ALA A 12 0.49 -2.91 8.05
CA ALA A 12 -0.64 -2.41 8.84
C ALA A 12 -1.48 -3.55 9.39
N VAL A 13 -1.25 -4.75 8.86
CA VAL A 13 -1.97 -5.94 9.28
C VAL A 13 -1.41 -6.49 10.60
N CYS A 14 -0.12 -6.81 10.61
CA CYS A 14 0.46 -7.48 11.77
C CYS A 14 1.64 -6.72 12.39
N ARG A 15 1.89 -5.50 11.90
CA ARG A 15 2.96 -4.65 12.43
C ARG A 15 4.32 -5.33 12.31
N ASP A 16 4.49 -6.11 11.28
CA ASP A 16 5.73 -6.85 11.07
C ASP A 16 6.42 -6.34 9.81
N GLY A 17 7.59 -6.89 9.52
CA GLY A 17 8.37 -6.41 8.40
C GLY A 17 8.76 -7.53 7.46
N GLY A 18 9.68 -7.26 6.55
CA GLY A 18 10.08 -8.28 5.60
C GLY A 18 9.71 -7.91 4.19
N GLU A 19 8.90 -8.74 3.57
CA GLU A 19 8.42 -8.50 2.21
C GLU A 19 7.26 -7.51 2.23
N LEU A 20 7.60 -6.24 2.20
CA LEU A 20 6.63 -5.17 2.35
C LEU A 20 6.30 -4.52 1.01
N ILE A 21 5.04 -4.17 0.84
CA ILE A 21 4.59 -3.38 -0.28
C ILE A 21 3.89 -2.13 0.23
N CYS A 22 4.45 -0.97 -0.09
CA CYS A 22 3.97 0.29 0.47
C CYS A 22 3.20 1.09 -0.57
N CYS A 23 2.16 1.77 -0.09
CA CYS A 23 1.32 2.63 -0.93
C CYS A 23 2.08 3.91 -1.24
N ASP A 24 1.94 4.43 -2.44
CA ASP A 24 2.62 5.67 -2.79
C ASP A 24 2.19 6.83 -1.91
N GLY A 25 0.92 7.20 -2.01
CA GLY A 25 0.41 8.35 -1.27
C GLY A 25 0.24 8.12 0.22
N CYS A 26 0.50 6.90 0.69
CA CYS A 26 0.40 6.59 2.12
C CYS A 26 1.60 5.74 2.57
N PRO A 27 2.31 6.18 3.63
CA PRO A 27 3.58 5.56 4.06
C PRO A 27 3.42 4.13 4.58
N ARG A 28 2.18 3.71 4.79
CA ARG A 28 1.91 2.37 5.28
C ARG A 28 2.37 1.31 4.28
N ALA A 29 3.00 0.27 4.80
CA ALA A 29 3.40 -0.86 4.00
C ALA A 29 2.61 -2.09 4.44
N PHE A 30 2.59 -3.12 3.61
CA PHE A 30 1.80 -4.31 3.90
C PHE A 30 2.54 -5.56 3.44
N HIS A 31 2.07 -6.72 3.89
CA HIS A 31 2.57 -7.98 3.40
C HIS A 31 1.63 -8.50 2.32
N LEU A 32 2.17 -9.18 1.33
CA LEU A 32 1.36 -9.60 0.17
C LEU A 32 0.17 -10.43 0.61
N ALA A 33 0.42 -11.47 1.39
CA ALA A 33 -0.62 -12.39 1.84
C ALA A 33 -1.49 -11.80 2.94
N CYS A 34 -0.98 -10.77 3.62
CA CYS A 34 -1.73 -10.13 4.69
C CYS A 34 -2.77 -9.17 4.13
N LEU A 35 -2.59 -8.79 2.87
CA LEU A 35 -3.57 -7.97 2.18
C LEU A 35 -4.75 -8.81 1.73
N SER A 36 -5.90 -8.18 1.63
CA SER A 36 -7.09 -8.81 1.11
C SER A 36 -7.85 -7.82 0.22
N PRO A 37 -7.91 -8.08 -1.09
CA PRO A 37 -7.31 -9.26 -1.71
C PRO A 37 -5.79 -9.20 -1.74
N PRO A 38 -5.14 -10.34 -1.42
CA PRO A 38 -3.68 -10.44 -1.40
C PRO A 38 -3.07 -10.30 -2.79
N LEU A 39 -1.88 -9.74 -2.87
CA LEU A 39 -1.19 -9.60 -4.14
C LEU A 39 -0.21 -10.74 -4.36
N ARG A 40 -0.38 -11.43 -5.47
CA ARG A 40 0.49 -12.55 -5.83
C ARG A 40 1.81 -12.04 -6.41
N GLU A 41 1.75 -10.85 -7.00
CA GLU A 41 2.91 -10.26 -7.63
C GLU A 41 2.92 -8.76 -7.39
N ILE A 42 4.11 -8.16 -7.43
CA ILE A 42 4.26 -6.74 -7.15
C ILE A 42 3.88 -5.89 -8.35
N PRO A 43 2.88 -5.04 -8.16
CA PRO A 43 2.41 -4.12 -9.20
C PRO A 43 3.48 -3.12 -9.63
N SER A 44 3.56 -2.87 -10.92
CA SER A 44 4.62 -2.04 -11.47
C SER A 44 4.10 -0.62 -11.69
N GLY A 45 3.46 -0.08 -10.67
CA GLY A 45 2.96 1.27 -10.73
C GLY A 45 2.64 1.79 -9.35
N THR A 46 1.99 2.94 -9.29
CA THR A 46 1.57 3.50 -8.02
C THR A 46 0.50 2.63 -7.37
N TRP A 47 0.89 1.95 -6.30
CA TRP A 47 -0.04 1.07 -5.60
C TRP A 47 -0.79 1.85 -4.54
N ARG A 48 -2.06 1.52 -4.37
CA ARG A 48 -2.92 2.23 -3.43
C ARG A 48 -3.35 1.31 -2.30
N CYS A 49 -3.25 1.79 -1.07
CA CYS A 49 -3.72 1.05 0.09
C CYS A 49 -5.24 1.15 0.19
N SER A 50 -5.82 0.46 1.17
CA SER A 50 -7.28 0.42 1.34
C SER A 50 -7.87 1.83 1.38
N SER A 51 -7.24 2.72 2.15
CA SER A 51 -7.70 4.10 2.29
C SER A 51 -7.81 4.79 0.92
N CYS A 52 -6.76 4.63 0.12
CA CYS A 52 -6.72 5.21 -1.21
C CYS A 52 -7.75 4.57 -2.14
N LEU A 53 -7.87 3.24 -2.07
CA LEU A 53 -8.79 2.50 -2.93
C LEU A 53 -10.24 2.91 -2.67
N GLN A 54 -10.52 3.26 -1.42
CA GLN A 54 -11.86 3.64 -1.02
C GLN A 54 -12.20 5.05 -1.49
N ALA A 55 -11.21 5.76 -2.02
CA ALA A 55 -11.40 7.12 -2.48
C ALA A 55 -11.59 7.16 -4.00
N THR A 56 -11.82 6.01 -4.59
CA THR A 56 -12.06 5.91 -6.02
C THR A 56 -13.30 5.08 -6.29
N VAL A 57 -14.46 5.73 -6.26
CA VAL A 57 -15.74 5.04 -6.36
C VAL A 57 -16.18 4.93 -7.82
N GLN A 58 -15.68 5.83 -8.66
CA GLN A 58 -16.03 5.83 -10.07
C GLN A 58 -15.16 4.83 -10.84
N GLU A 59 -15.29 3.57 -10.45
CA GLU A 59 -14.56 2.48 -11.08
C GLU A 59 -15.55 1.47 -11.64
N VAL A 60 -15.19 0.80 -12.71
CA VAL A 60 -16.09 -0.15 -13.37
C VAL A 60 -15.31 -1.34 -13.93
N GLN A 61 -14.12 -1.57 -13.35
CA GLN A 61 -13.22 -2.64 -13.77
C GLN A 61 -12.62 -2.33 -15.14
N PRO A 62 -11.33 -1.99 -15.19
CA PRO A 62 -10.66 -1.55 -16.40
C PRO A 62 -10.30 -2.69 -17.36
N ARG A 63 -11.29 -3.50 -17.71
CA ARG A 63 -11.10 -4.55 -18.70
C ARG A 63 -11.26 -4.01 -20.12
N ALA A 64 -11.44 -2.69 -20.22
CA ALA A 64 -11.55 -2.03 -21.50
C ALA A 64 -10.29 -1.20 -21.75
N GLU A 65 -9.26 -1.86 -22.25
CA GLU A 65 -7.97 -1.21 -22.46
C GLU A 65 -7.97 -0.50 -23.81
N GLU A 66 -8.07 0.83 -23.76
CA GLU A 66 -8.10 1.63 -24.97
C GLU A 66 -6.69 2.02 -25.38
N ALA B 1 5.05 -0.16 -7.31
CA ALA B 1 4.73 -0.17 -5.86
C ALA B 1 5.99 0.07 -5.04
N ARG B 2 5.85 0.73 -3.90
CA ARG B 2 6.99 1.03 -3.05
C ARG B 2 7.36 -0.19 -2.22
N THR B 3 8.13 -1.09 -2.81
CA THR B 3 8.45 -2.36 -2.18
C THR B 3 9.63 -2.24 -1.20
N LYS B 4 9.56 -3.05 -0.15
CA LYS B 4 10.58 -3.04 0.89
C LYS B 4 11.04 -4.46 1.16
N GLN B 5 12.33 -4.62 1.39
CA GLN B 5 12.91 -5.90 1.77
C GLN B 5 13.58 -5.78 3.13
N THR B 6 12.78 -5.48 4.13
CA THR B 6 13.29 -5.27 5.47
C THR B 6 13.44 -6.59 6.21
N ALA B 7 13.94 -6.52 7.42
CA ALA B 7 13.99 -7.67 8.29
C ALA B 7 12.69 -7.75 9.07
N ARG B 8 12.22 -8.97 9.30
CA ARG B 8 10.94 -9.17 9.97
C ARG B 8 10.98 -8.61 11.39
N LYS B 9 9.82 -8.20 11.87
CA LYS B 9 9.72 -7.53 13.16
C LYS B 9 9.28 -8.50 14.23
N SER B 10 9.48 -9.78 13.96
CA SER B 10 9.18 -10.81 14.91
C SER B 10 10.16 -10.74 16.09
ZN ZN C . 1.16 -8.34 7.54
ZN ZN D . -2.42 5.12 0.54
N GLY A 1 15.66 18.57 -5.94
CA GLY A 1 14.36 18.55 -5.21
C GLY A 1 14.50 17.92 -3.84
N ALA A 2 13.38 17.75 -3.16
CA ALA A 2 13.38 17.16 -1.83
C ALA A 2 12.26 16.15 -1.69
N MET A 3 12.32 15.10 -2.51
CA MET A 3 11.34 14.01 -2.43
C MET A 3 11.48 13.31 -1.10
N ALA A 4 10.36 12.86 -0.57
CA ALA A 4 10.35 12.24 0.73
C ALA A 4 9.56 10.94 0.69
N GLN A 5 10.25 9.85 0.42
CA GLN A 5 9.64 8.54 0.40
C GLN A 5 9.44 8.05 1.81
N LYS A 6 8.19 7.86 2.19
CA LYS A 6 7.86 7.46 3.54
C LYS A 6 7.15 6.13 3.50
N ASN A 7 7.75 5.13 4.10
CA ASN A 7 7.17 3.81 4.11
C ASN A 7 7.43 3.12 5.44
N GLU A 8 6.41 2.50 5.98
CA GLU A 8 6.52 1.79 7.24
C GLU A 8 7.40 0.57 7.07
N ASP A 9 8.22 0.29 8.07
CA ASP A 9 9.02 -0.92 8.08
C ASP A 9 8.24 -2.04 8.75
N GLU A 10 6.97 -1.75 9.04
CA GLU A 10 6.08 -2.76 9.57
C GLU A 10 4.79 -2.71 8.77
N CYS A 11 4.23 -3.87 8.54
CA CYS A 11 2.98 -4.00 7.82
C CYS A 11 1.83 -3.44 8.67
N ALA A 12 0.93 -2.70 8.01
CA ALA A 12 -0.25 -2.15 8.68
C ALA A 12 -1.12 -3.26 9.27
N VAL A 13 -0.99 -4.45 8.70
CA VAL A 13 -1.75 -5.60 9.15
C VAL A 13 -1.20 -6.17 10.46
N CYS A 14 0.02 -6.68 10.44
CA CYS A 14 0.54 -7.42 11.61
C CYS A 14 1.73 -6.72 12.27
N ARG A 15 2.07 -5.53 11.78
CA ARG A 15 3.20 -4.74 12.30
C ARG A 15 4.50 -5.53 12.23
N ASP A 16 4.63 -6.37 11.23
CA ASP A 16 5.84 -7.16 11.03
C ASP A 16 6.67 -6.57 9.91
N GLY A 17 7.82 -7.15 9.63
CA GLY A 17 8.69 -6.61 8.61
C GLY A 17 9.03 -7.63 7.55
N GLY A 18 9.95 -7.28 6.68
CA GLY A 18 10.38 -8.19 5.65
C GLY A 18 10.04 -7.69 4.26
N GLU A 19 9.35 -8.53 3.51
CA GLU A 19 8.95 -8.20 2.15
C GLU A 19 7.70 -7.34 2.15
N LEU A 20 7.90 -6.03 2.30
CA LEU A 20 6.81 -5.08 2.42
C LEU A 20 6.47 -4.43 1.08
N ILE A 21 5.20 -4.14 0.90
CA ILE A 21 4.73 -3.35 -0.23
C ILE A 21 3.94 -2.16 0.29
N CYS A 22 4.49 -0.97 0.09
CA CYS A 22 3.93 0.25 0.64
C CYS A 22 3.17 1.01 -0.43
N CYS A 23 2.14 1.72 -0.02
CA CYS A 23 1.34 2.50 -0.94
C CYS A 23 2.08 3.77 -1.35
N ASP A 24 1.79 4.25 -2.55
CA ASP A 24 2.35 5.51 -3.02
C ASP A 24 1.92 6.67 -2.12
N GLY A 25 0.63 6.97 -2.14
CA GLY A 25 0.11 8.16 -1.45
C GLY A 25 0.11 8.07 0.07
N CYS A 26 0.29 6.89 0.63
CA CYS A 26 0.29 6.71 2.08
C CYS A 26 1.42 5.80 2.52
N PRO A 27 2.16 6.20 3.57
CA PRO A 27 3.38 5.50 4.03
C PRO A 27 3.15 4.06 4.51
N ARG A 28 1.90 3.64 4.60
CA ARG A 28 1.59 2.29 5.08
C ARG A 28 2.16 1.21 4.18
N ALA A 29 2.83 0.25 4.79
CA ALA A 29 3.36 -0.89 4.06
C ALA A 29 2.58 -2.13 4.45
N PHE A 30 2.55 -3.12 3.58
CA PHE A 30 1.80 -4.34 3.84
C PHE A 30 2.57 -5.56 3.41
N HIS A 31 2.10 -6.72 3.82
CA HIS A 31 2.58 -7.98 3.30
C HIS A 31 1.62 -8.47 2.23
N LEU A 32 2.14 -9.12 1.19
CA LEU A 32 1.32 -9.50 0.04
C LEU A 32 0.08 -10.28 0.46
N ALA A 33 0.29 -11.34 1.24
CA ALA A 33 -0.79 -12.23 1.65
C ALA A 33 -1.69 -11.60 2.72
N CYS A 34 -1.15 -10.63 3.44
CA CYS A 34 -1.90 -9.99 4.53
C CYS A 34 -2.95 -9.03 3.98
N LEU A 35 -2.73 -8.55 2.77
CA LEU A 35 -3.70 -7.71 2.08
C LEU A 35 -4.96 -8.48 1.74
N SER A 36 -6.05 -7.76 1.55
CA SER A 36 -7.30 -8.35 1.10
C SER A 36 -7.96 -7.42 0.08
N PRO A 37 -8.07 -7.83 -1.19
CA PRO A 37 -7.55 -9.10 -1.68
C PRO A 37 -6.03 -9.14 -1.70
N PRO A 38 -5.44 -10.30 -1.35
CA PRO A 38 -3.99 -10.46 -1.29
C PRO A 38 -3.33 -10.37 -2.66
N LEU A 39 -2.15 -9.78 -2.71
CA LEU A 39 -1.40 -9.65 -3.94
C LEU A 39 -0.50 -10.85 -4.15
N ARG A 40 -0.49 -11.35 -5.37
CA ARG A 40 0.34 -12.50 -5.73
C ARG A 40 1.64 -12.03 -6.36
N GLU A 41 1.62 -10.82 -6.88
CA GLU A 41 2.78 -10.25 -7.55
C GLU A 41 2.90 -8.77 -7.23
N ILE A 42 4.09 -8.22 -7.44
CA ILE A 42 4.34 -6.82 -7.19
C ILE A 42 3.98 -5.96 -8.39
N PRO A 43 3.01 -5.05 -8.20
CA PRO A 43 2.59 -4.14 -9.26
C PRO A 43 3.68 -3.14 -9.64
N SER A 44 3.81 -2.90 -10.93
CA SER A 44 4.88 -2.08 -11.46
C SER A 44 4.38 -0.66 -11.72
N GLY A 45 3.68 -0.11 -10.73
CA GLY A 45 3.16 1.23 -10.84
C GLY A 45 2.73 1.76 -9.50
N THR A 46 2.05 2.90 -9.50
CA THR A 46 1.58 3.50 -8.27
C THR A 46 0.51 2.63 -7.61
N TRP A 47 0.86 2.02 -6.48
CA TRP A 47 -0.06 1.14 -5.80
C TRP A 47 -0.80 1.90 -4.70
N ARG A 48 -2.04 1.50 -4.46
CA ARG A 48 -2.87 2.14 -3.45
C ARG A 48 -3.40 1.13 -2.46
N CYS A 49 -3.37 1.49 -1.19
CA CYS A 49 -3.91 0.64 -0.13
C CYS A 49 -5.43 0.79 -0.06
N SER A 50 -6.06 0.05 0.83
CA SER A 50 -7.50 0.12 1.02
C SER A 50 -7.96 1.55 1.31
N SER A 51 -7.25 2.21 2.24
CA SER A 51 -7.56 3.58 2.62
C SER A 51 -7.55 4.51 1.42
N CYS A 52 -6.53 4.37 0.57
CA CYS A 52 -6.42 5.16 -0.64
C CYS A 52 -7.52 4.81 -1.64
N LEU A 53 -7.84 3.53 -1.74
CA LEU A 53 -8.92 3.09 -2.63
C LEU A 53 -10.26 3.67 -2.17
N GLN A 54 -10.35 3.99 -0.88
CA GLN A 54 -11.55 4.56 -0.31
C GLN A 54 -11.42 6.09 -0.21
N ALA A 55 -10.39 6.64 -0.87
CA ALA A 55 -10.16 8.07 -0.84
C ALA A 55 -10.75 8.75 -2.07
N THR A 56 -11.33 7.95 -2.94
CA THR A 56 -11.99 8.46 -4.13
C THR A 56 -13.51 8.50 -3.91
N VAL A 57 -14.21 9.20 -4.78
CA VAL A 57 -15.64 9.43 -4.60
C VAL A 57 -16.44 8.57 -5.58
N GLN A 58 -15.71 7.86 -6.44
CA GLN A 58 -16.29 6.95 -7.43
C GLN A 58 -17.14 7.71 -8.46
N GLU A 59 -18.41 7.89 -8.15
CA GLU A 59 -19.33 8.55 -9.07
C GLU A 59 -20.05 9.68 -8.35
N VAL A 60 -19.53 10.89 -8.45
CA VAL A 60 -20.09 12.03 -7.72
C VAL A 60 -20.72 13.02 -8.71
N GLN A 61 -21.07 12.50 -9.89
CA GLN A 61 -21.54 13.31 -11.01
C GLN A 61 -20.54 14.42 -11.32
N PRO A 62 -19.57 14.16 -12.22
CA PRO A 62 -18.57 15.14 -12.59
C PRO A 62 -19.17 16.26 -13.42
N ARG A 63 -18.68 17.48 -13.23
CA ARG A 63 -19.20 18.63 -13.95
C ARG A 63 -18.09 19.30 -14.76
N ALA A 64 -17.22 18.48 -15.32
CA ALA A 64 -16.12 18.96 -16.13
C ALA A 64 -16.64 19.66 -17.39
N GLU A 65 -16.40 20.96 -17.49
CA GLU A 65 -16.83 21.73 -18.63
C GLU A 65 -15.87 21.51 -19.80
N GLU A 66 -16.40 21.02 -20.90
CA GLU A 66 -15.58 20.68 -22.05
C GLU A 66 -16.16 21.31 -23.30
N ALA B 1 4.97 -0.06 -7.17
CA ALA B 1 4.67 -0.30 -5.75
C ALA B 1 5.91 -0.08 -4.92
N ARG B 2 5.73 0.57 -3.77
CA ARG B 2 6.85 0.95 -2.91
C ARG B 2 7.34 -0.25 -2.10
N THR B 3 8.18 -1.08 -2.72
CA THR B 3 8.64 -2.29 -2.07
C THR B 3 9.80 -2.02 -1.11
N LYS B 4 9.76 -2.65 0.05
CA LYS B 4 10.83 -2.52 1.03
C LYS B 4 11.45 -3.87 1.33
N GLN B 5 12.77 -3.92 1.32
CA GLN B 5 13.49 -5.13 1.68
C GLN B 5 13.99 -5.00 3.11
N THR B 6 13.09 -5.19 4.06
CA THR B 6 13.42 -5.04 5.46
C THR B 6 13.62 -6.39 6.12
N ALA B 7 14.10 -6.38 7.36
CA ALA B 7 14.22 -7.59 8.15
C ALA B 7 12.89 -7.92 8.79
N ARG B 8 12.57 -9.21 8.85
CA ARG B 8 11.31 -9.65 9.42
C ARG B 8 11.30 -9.42 10.92
N LYS B 9 10.11 -9.22 11.47
CA LYS B 9 9.99 -8.70 12.82
C LYS B 9 9.21 -9.67 13.72
N SER B 10 9.00 -9.25 14.95
CA SER B 10 8.24 -10.03 15.92
C SER B 10 7.63 -9.10 16.96
ZN ZN C . 1.15 -8.25 7.38
ZN ZN D . -2.67 3.55 0.24
N GLY A 1 2.24 18.64 -3.01
CA GLY A 1 3.67 19.04 -3.02
C GLY A 1 4.58 17.87 -3.31
N ALA A 2 5.88 18.11 -3.30
CA ALA A 2 6.86 17.07 -3.54
C ALA A 2 7.71 16.87 -2.30
N MET A 3 8.77 16.09 -2.42
CA MET A 3 9.65 15.75 -1.29
C MET A 3 8.87 14.96 -0.26
N ALA A 4 7.86 14.24 -0.73
CA ALA A 4 7.04 13.40 0.12
C ALA A 4 7.11 11.96 -0.37
N GLN A 5 8.00 11.19 0.23
CA GLN A 5 8.21 9.82 -0.18
C GLN A 5 8.74 9.03 1.01
N LYS A 6 7.83 8.43 1.74
CA LYS A 6 8.17 7.72 2.96
C LYS A 6 7.52 6.36 2.97
N ASN A 7 8.16 5.40 3.63
CA ASN A 7 7.62 4.07 3.74
C ASN A 7 7.88 3.52 5.13
N GLU A 8 6.87 2.94 5.71
CA GLU A 8 6.96 2.35 7.05
C GLU A 8 7.61 0.98 6.96
N ASP A 9 8.20 0.53 8.05
CA ASP A 9 8.96 -0.72 8.03
C ASP A 9 8.18 -1.84 8.69
N GLU A 10 6.91 -1.61 8.96
CA GLU A 10 6.04 -2.64 9.49
C GLU A 10 4.68 -2.60 8.80
N CYS A 11 4.13 -3.78 8.59
CA CYS A 11 2.85 -3.92 7.93
C CYS A 11 1.72 -3.43 8.82
N ALA A 12 0.77 -2.72 8.22
CA ALA A 12 -0.39 -2.20 8.93
C ALA A 12 -1.28 -3.32 9.44
N VAL A 13 -1.01 -4.53 8.98
CA VAL A 13 -1.79 -5.71 9.35
C VAL A 13 -1.26 -6.37 10.62
N CYS A 14 -0.06 -6.95 10.55
CA CYS A 14 0.47 -7.72 11.68
C CYS A 14 1.63 -7.00 12.37
N ARG A 15 1.88 -5.75 11.98
CA ARG A 15 2.90 -4.91 12.60
C ARG A 15 4.29 -5.54 12.55
N ASP A 16 4.55 -6.29 11.49
CA ASP A 16 5.85 -6.90 11.29
C ASP A 16 6.45 -6.43 9.99
N GLY A 17 7.69 -6.81 9.72
CA GLY A 17 8.39 -6.35 8.55
C GLY A 17 8.72 -7.47 7.60
N GLY A 18 9.49 -7.19 6.58
CA GLY A 18 9.86 -8.20 5.61
C GLY A 18 9.49 -7.79 4.21
N GLU A 19 8.85 -8.68 3.47
CA GLU A 19 8.44 -8.40 2.11
C GLU A 19 7.26 -7.43 2.11
N LEU A 20 7.57 -6.16 2.30
CA LEU A 20 6.57 -5.12 2.40
C LEU A 20 6.26 -4.50 1.05
N ILE A 21 5.05 -4.01 0.92
CA ILE A 21 4.63 -3.27 -0.25
C ILE A 21 3.91 -1.98 0.18
N CYS A 22 4.60 -0.87 0.03
CA CYS A 22 4.12 0.41 0.53
C CYS A 22 3.28 1.13 -0.52
N CYS A 23 2.27 1.86 -0.03
CA CYS A 23 1.38 2.62 -0.88
C CYS A 23 2.06 3.88 -1.42
N ASP A 24 1.59 4.36 -2.56
CA ASP A 24 2.14 5.57 -3.16
C ASP A 24 1.97 6.77 -2.21
N GLY A 25 0.74 7.21 -2.03
CA GLY A 25 0.46 8.40 -1.25
C GLY A 25 0.42 8.15 0.25
N CYS A 26 0.52 6.90 0.67
CA CYS A 26 0.49 6.56 2.08
C CYS A 26 1.69 5.69 2.44
N PRO A 27 2.45 6.11 3.48
CA PRO A 27 3.68 5.42 3.89
C PRO A 27 3.46 4.00 4.42
N ARG A 28 2.21 3.63 4.67
CA ARG A 28 1.90 2.28 5.14
C ARG A 28 2.38 1.23 4.15
N ALA A 29 3.12 0.26 4.65
CA ALA A 29 3.58 -0.87 3.87
C ALA A 29 2.88 -2.13 4.36
N PHE A 30 2.59 -3.05 3.46
CA PHE A 30 1.83 -4.24 3.82
C PHE A 30 2.54 -5.52 3.39
N HIS A 31 2.13 -6.64 3.95
CA HIS A 31 2.58 -7.93 3.48
C HIS A 31 1.63 -8.43 2.40
N LEU A 32 2.15 -9.14 1.40
CA LEU A 32 1.33 -9.54 0.26
C LEU A 32 0.10 -10.34 0.70
N ALA A 33 0.33 -11.40 1.47
CA ALA A 33 -0.74 -12.29 1.91
C ALA A 33 -1.66 -11.62 2.92
N CYS A 34 -1.15 -10.61 3.62
CA CYS A 34 -1.92 -9.90 4.62
C CYS A 34 -2.94 -8.98 3.97
N LEU A 35 -2.67 -8.57 2.74
CA LEU A 35 -3.58 -7.72 1.98
C LEU A 35 -4.80 -8.48 1.52
N SER A 36 -5.86 -7.74 1.21
CA SER A 36 -7.07 -8.30 0.65
C SER A 36 -7.61 -7.36 -0.43
N PRO A 37 -7.63 -7.80 -1.70
CA PRO A 37 -7.09 -9.10 -2.12
C PRO A 37 -5.56 -9.12 -2.08
N PRO A 38 -4.99 -10.28 -1.69
CA PRO A 38 -3.55 -10.43 -1.60
C PRO A 38 -2.88 -10.48 -2.96
N LEU A 39 -1.92 -9.58 -3.18
CA LEU A 39 -1.18 -9.54 -4.43
C LEU A 39 -0.23 -10.73 -4.51
N ARG A 40 -0.25 -11.42 -5.65
CA ARG A 40 0.61 -12.57 -5.85
C ARG A 40 1.97 -12.11 -6.36
N GLU A 41 1.98 -10.95 -7.00
CA GLU A 41 3.20 -10.36 -7.53
C GLU A 41 3.20 -8.86 -7.31
N ILE A 42 4.37 -8.25 -7.33
CA ILE A 42 4.51 -6.82 -7.07
C ILE A 42 4.09 -5.99 -8.28
N PRO A 43 3.05 -5.19 -8.10
CA PRO A 43 2.51 -4.33 -9.16
C PRO A 43 3.43 -3.19 -9.54
N SER A 44 3.54 -2.95 -10.83
CA SER A 44 4.31 -1.85 -11.35
C SER A 44 3.39 -0.66 -11.58
N GLY A 45 3.55 0.38 -10.76
CA GLY A 45 2.64 1.51 -10.81
C GLY A 45 2.35 2.04 -9.43
N THR A 46 1.40 2.95 -9.35
CA THR A 46 1.00 3.53 -8.08
C THR A 46 0.05 2.61 -7.33
N TRP A 47 0.59 1.90 -6.34
CA TRP A 47 -0.23 1.01 -5.54
C TRP A 47 -0.90 1.77 -4.42
N ARG A 48 -2.13 1.40 -4.13
CA ARG A 48 -2.94 2.10 -3.15
C ARG A 48 -3.46 1.16 -2.08
N CYS A 49 -3.43 1.59 -0.84
CA CYS A 49 -4.00 0.82 0.26
C CYS A 49 -5.53 0.89 0.20
N SER A 50 -6.21 0.12 1.05
CA SER A 50 -7.67 0.03 1.04
C SER A 50 -8.32 1.41 1.16
N SER A 51 -7.80 2.25 2.06
CA SER A 51 -8.34 3.59 2.28
C SER A 51 -8.35 4.41 0.98
N CYS A 52 -7.23 4.39 0.28
CA CYS A 52 -7.09 5.16 -0.96
C CYS A 52 -8.08 4.66 -2.02
N LEU A 53 -8.24 3.34 -2.10
CA LEU A 53 -9.14 2.76 -3.09
C LEU A 53 -10.60 3.06 -2.75
N GLN A 54 -10.94 3.00 -1.47
CA GLN A 54 -12.31 3.19 -1.04
C GLN A 54 -12.71 4.67 -1.08
N ALA A 55 -11.70 5.55 -1.02
CA ALA A 55 -11.95 6.99 -0.99
C ALA A 55 -12.22 7.55 -2.39
N THR A 56 -12.58 6.66 -3.30
CA THR A 56 -12.95 7.06 -4.64
C THR A 56 -14.42 7.46 -4.68
N VAL A 57 -14.99 7.52 -5.88
CA VAL A 57 -16.41 7.86 -6.03
C VAL A 57 -17.29 6.81 -5.32
N GLN A 58 -16.70 5.63 -5.10
CA GLN A 58 -17.38 4.56 -4.38
C GLN A 58 -17.82 5.03 -3.00
N GLU A 59 -16.88 5.60 -2.25
CA GLU A 59 -17.18 6.16 -0.95
C GLU A 59 -16.45 7.49 -0.77
N VAL A 60 -17.22 8.56 -0.86
CA VAL A 60 -16.65 9.90 -0.82
C VAL A 60 -16.56 10.40 0.63
N GLN A 61 -16.66 9.45 1.55
CA GLN A 61 -16.49 9.71 2.96
C GLN A 61 -16.04 8.42 3.67
N PRO A 62 -14.74 8.11 3.53
CA PRO A 62 -14.17 6.86 4.04
C PRO A 62 -14.22 6.79 5.56
N ARG A 63 -14.83 5.74 6.07
CA ARG A 63 -15.03 5.59 7.50
C ARG A 63 -14.19 4.44 8.06
N ALA A 64 -13.05 4.20 7.46
CA ALA A 64 -12.11 3.21 7.96
C ALA A 64 -11.39 3.77 9.18
N GLU A 65 -11.03 2.87 10.11
CA GLU A 65 -10.36 3.26 11.35
C GLU A 65 -11.25 4.16 12.22
N GLU A 66 -12.55 4.17 11.93
CA GLU A 66 -13.52 4.87 12.74
C GLU A 66 -14.16 3.89 13.72
N ALA B 1 4.80 -0.01 -7.17
CA ALA B 1 4.57 -0.35 -5.75
C ALA B 1 5.87 -0.19 -4.96
N ARG B 2 5.76 0.37 -3.76
CA ARG B 2 6.94 0.71 -2.98
C ARG B 2 7.37 -0.50 -2.13
N THR B 3 7.94 -1.49 -2.80
CA THR B 3 8.35 -2.73 -2.14
C THR B 3 9.56 -2.52 -1.24
N LYS B 4 9.59 -3.22 -0.12
CA LYS B 4 10.67 -3.13 0.85
C LYS B 4 11.09 -4.52 1.31
N GLN B 5 12.28 -4.60 1.88
CA GLN B 5 12.78 -5.85 2.44
C GLN B 5 13.00 -5.68 3.94
N THR B 6 13.79 -4.68 4.32
CA THR B 6 14.00 -4.29 5.72
C THR B 6 14.35 -5.46 6.64
N ALA B 7 14.35 -5.17 7.94
CA ALA B 7 14.44 -6.19 8.96
C ALA B 7 13.05 -6.37 9.56
N ARG B 8 12.75 -7.57 10.02
CA ARG B 8 11.41 -7.88 10.48
C ARG B 8 11.23 -7.47 11.93
N LYS B 9 9.98 -7.23 12.30
CA LYS B 9 9.64 -6.68 13.60
C LYS B 9 9.24 -7.79 14.57
N SER B 10 9.68 -9.00 14.24
CA SER B 10 9.40 -10.17 15.06
C SER B 10 10.21 -10.11 16.35
ZN ZN C . 1.11 -8.11 7.61
ZN ZN D . -2.50 4.85 0.78
N GLY A 1 8.71 14.17 7.06
CA GLY A 1 10.14 14.26 7.43
C GLY A 1 10.87 15.31 6.62
N ALA A 2 12.20 15.27 6.67
CA ALA A 2 13.03 16.17 5.88
C ALA A 2 13.05 15.71 4.43
N MET A 3 12.69 14.45 4.24
CA MET A 3 12.51 13.89 2.91
C MET A 3 11.05 13.96 2.53
N ALA A 4 10.76 13.86 1.24
CA ALA A 4 9.39 14.03 0.74
C ALA A 4 8.69 12.69 0.59
N GLN A 5 9.30 11.63 1.10
CA GLN A 5 8.72 10.31 1.01
C GLN A 5 9.15 9.45 2.20
N LYS A 6 8.23 8.65 2.71
CA LYS A 6 8.51 7.76 3.83
C LYS A 6 7.68 6.49 3.69
N ASN A 7 8.25 5.37 4.10
CA ASN A 7 7.57 4.08 4.09
C ASN A 7 7.80 3.35 5.39
N GLU A 8 6.73 2.77 5.94
CA GLU A 8 6.80 2.07 7.21
C GLU A 8 7.55 0.76 7.08
N ASP A 9 8.17 0.33 8.18
CA ASP A 9 8.99 -0.88 8.18
C ASP A 9 8.20 -2.04 8.75
N GLU A 10 6.91 -1.79 8.98
CA GLU A 10 6.04 -2.83 9.50
C GLU A 10 4.73 -2.78 8.72
N CYS A 11 4.20 -3.95 8.44
CA CYS A 11 2.93 -4.07 7.74
C CYS A 11 1.81 -3.47 8.58
N ALA A 12 0.92 -2.71 7.93
CA ALA A 12 -0.20 -2.10 8.64
C ALA A 12 -1.22 -3.15 9.09
N VAL A 13 -1.07 -4.35 8.57
CA VAL A 13 -1.93 -5.46 8.94
C VAL A 13 -1.56 -6.03 10.32
N CYS A 14 -0.32 -6.49 10.45
CA CYS A 14 0.09 -7.17 11.68
C CYS A 14 1.36 -6.58 12.29
N ARG A 15 1.84 -5.51 11.68
CA ARG A 15 3.03 -4.80 12.16
C ARG A 15 4.25 -5.70 12.25
N ASP A 16 4.40 -6.57 11.26
CA ASP A 16 5.60 -7.36 11.13
C ASP A 16 6.40 -6.82 9.95
N GLY A 17 7.56 -7.41 9.68
CA GLY A 17 8.42 -6.89 8.63
C GLY A 17 8.74 -7.94 7.60
N GLY A 18 9.57 -7.58 6.63
CA GLY A 18 9.94 -8.50 5.59
C GLY A 18 9.66 -7.96 4.21
N GLU A 19 8.96 -8.73 3.39
CA GLU A 19 8.60 -8.33 2.04
C GLU A 19 7.46 -7.32 2.07
N LEU A 20 7.81 -6.05 2.26
CA LEU A 20 6.81 -5.00 2.39
C LEU A 20 6.49 -4.35 1.04
N ILE A 21 5.21 -4.10 0.84
CA ILE A 21 4.73 -3.33 -0.30
C ILE A 21 3.97 -2.11 0.21
N CYS A 22 4.45 -0.93 -0.15
CA CYS A 22 3.93 0.30 0.41
C CYS A 22 3.12 1.07 -0.63
N CYS A 23 2.10 1.77 -0.16
CA CYS A 23 1.25 2.59 -1.01
C CYS A 23 1.98 3.85 -1.44
N ASP A 24 1.61 4.40 -2.58
CA ASP A 24 2.20 5.65 -3.04
C ASP A 24 1.92 6.78 -2.07
N GLY A 25 0.66 7.19 -1.97
CA GLY A 25 0.30 8.38 -1.22
C GLY A 25 0.33 8.23 0.28
N CYS A 26 0.52 7.02 0.79
CA CYS A 26 0.55 6.81 2.22
C CYS A 26 1.70 5.87 2.60
N PRO A 27 2.46 6.23 3.64
CA PRO A 27 3.68 5.53 4.04
C PRO A 27 3.43 4.09 4.51
N ARG A 28 2.18 3.74 4.73
CA ARG A 28 1.84 2.40 5.21
C ARG A 28 2.29 1.33 4.24
N ALA A 29 3.01 0.35 4.76
CA ALA A 29 3.47 -0.78 3.98
C ALA A 29 2.76 -2.04 4.45
N PHE A 30 2.67 -3.03 3.58
CA PHE A 30 1.91 -4.23 3.88
C PHE A 30 2.65 -5.48 3.42
N HIS A 31 2.17 -6.64 3.86
CA HIS A 31 2.63 -7.92 3.34
C HIS A 31 1.68 -8.38 2.25
N LEU A 32 2.20 -9.05 1.24
CA LEU A 32 1.39 -9.44 0.09
C LEU A 32 0.16 -10.24 0.51
N ALA A 33 0.39 -11.31 1.27
CA ALA A 33 -0.68 -12.21 1.70
C ALA A 33 -1.55 -11.60 2.80
N CYS A 34 -1.00 -10.63 3.53
CA CYS A 34 -1.75 -9.98 4.60
C CYS A 34 -2.78 -9.02 4.03
N LEU A 35 -2.57 -8.61 2.79
CA LEU A 35 -3.52 -7.77 2.09
C LEU A 35 -4.74 -8.57 1.65
N SER A 36 -5.86 -7.87 1.51
CA SER A 36 -7.06 -8.44 0.97
C SER A 36 -7.73 -7.42 0.06
N PRO A 37 -7.83 -7.71 -1.26
CA PRO A 37 -7.31 -8.95 -1.85
C PRO A 37 -5.78 -8.98 -1.87
N PRO A 38 -5.19 -10.13 -1.54
CA PRO A 38 -3.74 -10.30 -1.48
C PRO A 38 -3.08 -10.29 -2.85
N LEU A 39 -1.87 -9.76 -2.90
CA LEU A 39 -1.10 -9.70 -4.13
C LEU A 39 -0.18 -10.90 -4.25
N ARG A 40 -0.20 -11.55 -5.41
CA ARG A 40 0.71 -12.65 -5.68
C ARG A 40 2.06 -12.13 -6.16
N GLU A 41 2.04 -10.96 -6.78
CA GLU A 41 3.24 -10.35 -7.32
C GLU A 41 3.13 -8.84 -7.28
N ILE A 42 4.28 -8.17 -7.33
CA ILE A 42 4.33 -6.73 -7.17
C ILE A 42 3.78 -5.99 -8.40
N PRO A 43 2.80 -5.11 -8.17
CA PRO A 43 2.19 -4.28 -9.23
C PRO A 43 3.19 -3.30 -9.83
N SER A 44 3.02 -3.03 -11.13
CA SER A 44 3.98 -2.24 -11.89
C SER A 44 3.58 -0.76 -11.94
N GLY A 45 2.97 -0.27 -10.87
CA GLY A 45 2.54 1.10 -10.84
C GLY A 45 2.26 1.56 -9.42
N THR A 46 1.70 2.75 -9.31
CA THR A 46 1.36 3.33 -8.02
C THR A 46 0.27 2.51 -7.34
N TRP A 47 0.67 1.79 -6.30
CA TRP A 47 -0.24 0.92 -5.58
C TRP A 47 -0.98 1.70 -4.50
N ARG A 48 -2.24 1.34 -4.28
CA ARG A 48 -3.08 2.03 -3.30
C ARG A 48 -3.52 1.08 -2.20
N CYS A 49 -3.43 1.53 -0.95
CA CYS A 49 -3.88 0.73 0.18
C CYS A 49 -5.42 0.69 0.22
N SER A 50 -5.97 -0.11 1.13
CA SER A 50 -7.42 -0.23 1.26
C SER A 50 -8.07 1.15 1.46
N SER A 51 -7.46 1.96 2.31
CA SER A 51 -7.95 3.31 2.60
C SER A 51 -8.07 4.13 1.32
N CYS A 52 -7.06 4.04 0.47
CA CYS A 52 -7.04 4.78 -0.78
C CYS A 52 -8.18 4.33 -1.71
N LEU A 53 -8.39 3.02 -1.76
CA LEU A 53 -9.41 2.45 -2.65
C LEU A 53 -10.81 2.85 -2.18
N GLN A 54 -11.02 2.79 -0.87
CA GLN A 54 -12.33 3.04 -0.30
C GLN A 54 -12.65 4.54 -0.26
N ALA A 55 -11.62 5.37 -0.15
CA ALA A 55 -11.83 6.81 -0.01
C ALA A 55 -11.98 7.50 -1.37
N THR A 56 -12.06 6.70 -2.43
CA THR A 56 -12.18 7.18 -3.81
C THR A 56 -11.15 8.25 -4.16
N VAL A 57 -10.03 7.81 -4.72
CA VAL A 57 -8.95 8.71 -5.12
C VAL A 57 -9.25 9.30 -6.50
N GLN A 58 -10.03 8.57 -7.28
CA GLN A 58 -10.33 8.97 -8.64
C GLN A 58 -11.65 9.74 -8.69
N GLU A 59 -11.74 10.69 -9.61
CA GLU A 59 -12.88 11.58 -9.70
C GLU A 59 -14.14 10.84 -10.14
N VAL A 60 -15.13 10.82 -9.27
CA VAL A 60 -16.42 10.22 -9.58
C VAL A 60 -17.47 11.31 -9.71
N GLN A 61 -17.05 12.42 -10.31
CA GLN A 61 -17.91 13.58 -10.48
C GLN A 61 -17.60 14.31 -11.78
N PRO A 62 -18.22 13.90 -12.88
CA PRO A 62 -18.03 14.54 -14.18
C PRO A 62 -18.89 15.80 -14.32
N ARG A 63 -18.25 16.92 -14.65
CA ARG A 63 -18.98 18.17 -14.86
C ARG A 63 -19.46 18.26 -16.29
N ALA A 64 -20.48 17.48 -16.63
CA ALA A 64 -21.01 17.45 -17.98
C ALA A 64 -22.46 17.89 -18.03
N GLU A 65 -22.88 18.60 -16.98
CA GLU A 65 -24.26 19.07 -16.82
C GLU A 65 -25.27 17.98 -17.16
N GLU A 66 -25.29 16.95 -16.33
CA GLU A 66 -26.17 15.82 -16.55
C GLU A 66 -27.46 15.99 -15.76
N ALA B 1 4.88 -0.26 -7.49
CA ALA B 1 4.56 -0.30 -6.04
C ALA B 1 5.81 -0.08 -5.22
N ARG B 2 5.67 0.55 -4.05
CA ARG B 2 6.80 0.78 -3.19
C ARG B 2 7.16 -0.54 -2.50
N THR B 3 8.44 -0.82 -2.36
CA THR B 3 8.85 -2.08 -1.77
C THR B 3 10.02 -1.89 -0.81
N LYS B 4 10.00 -2.65 0.28
CA LYS B 4 11.04 -2.57 1.29
C LYS B 4 11.55 -3.94 1.68
N GLN B 5 12.86 -4.05 1.86
CA GLN B 5 13.46 -5.24 2.43
C GLN B 5 13.78 -4.98 3.89
N THR B 6 12.94 -5.49 4.78
CA THR B 6 13.06 -5.15 6.19
C THR B 6 13.25 -6.40 7.06
N ALA B 7 13.85 -6.20 8.21
CA ALA B 7 13.97 -7.25 9.21
C ALA B 7 12.60 -7.57 9.79
N ARG B 8 12.29 -8.85 9.89
CA ARG B 8 11.00 -9.29 10.40
C ARG B 8 10.86 -8.93 11.87
N LYS B 9 9.62 -8.65 12.28
CA LYS B 9 9.34 -8.14 13.61
C LYS B 9 8.82 -9.25 14.51
N SER B 10 8.84 -10.46 13.99
CA SER B 10 8.33 -11.63 14.70
C SER B 10 9.10 -11.85 16.01
ZN ZN C . 1.19 -8.23 7.57
ZN ZN D . -2.71 4.13 0.49
N GLY A 1 5.19 21.51 -0.12
CA GLY A 1 6.54 21.09 -0.60
C GLY A 1 7.44 20.71 0.54
N ALA A 2 8.62 20.18 0.21
CA ALA A 2 9.61 19.78 1.21
C ALA A 2 9.03 18.75 2.17
N MET A 3 8.32 17.79 1.61
CA MET A 3 7.66 16.76 2.41
C MET A 3 8.57 15.56 2.54
N ALA A 4 8.42 14.84 3.65
CA ALA A 4 9.14 13.60 3.83
C ALA A 4 8.32 12.47 3.22
N GLN A 5 8.99 11.56 2.55
CA GLN A 5 8.33 10.45 1.91
C GLN A 5 8.86 9.17 2.49
N LYS A 6 8.21 8.67 3.51
CA LYS A 6 8.73 7.57 4.29
C LYS A 6 7.77 6.40 4.20
N ASN A 7 8.32 5.23 4.05
CA ASN A 7 7.52 4.02 4.03
C ASN A 7 7.62 3.32 5.37
N GLU A 8 6.50 2.88 5.88
CA GLU A 8 6.43 2.24 7.17
C GLU A 8 7.08 0.87 7.11
N ASP A 9 7.95 0.58 8.06
CA ASP A 9 8.80 -0.60 8.00
C ASP A 9 8.13 -1.79 8.65
N GLU A 10 6.88 -1.62 9.05
CA GLU A 10 6.11 -2.72 9.62
C GLU A 10 4.69 -2.69 9.06
N CYS A 11 4.24 -3.85 8.62
CA CYS A 11 2.97 -3.99 7.93
C CYS A 11 1.81 -3.54 8.82
N ALA A 12 0.87 -2.81 8.22
CA ALA A 12 -0.30 -2.31 8.92
C ALA A 12 -1.23 -3.44 9.37
N VAL A 13 -1.00 -4.64 8.83
CA VAL A 13 -1.80 -5.80 9.17
C VAL A 13 -1.31 -6.46 10.47
N CYS A 14 -0.11 -7.01 10.44
CA CYS A 14 0.40 -7.79 11.57
C CYS A 14 1.60 -7.13 12.24
N ARG A 15 1.92 -5.91 11.80
CA ARG A 15 3.03 -5.14 12.37
C ARG A 15 4.37 -5.87 12.24
N ASP A 16 4.48 -6.66 11.18
CA ASP A 16 5.70 -7.40 10.87
C ASP A 16 6.41 -6.74 9.70
N GLY A 17 7.70 -7.01 9.55
CA GLY A 17 8.47 -6.40 8.48
C GLY A 17 8.93 -7.42 7.46
N GLY A 18 9.87 -7.03 6.62
CA GLY A 18 10.38 -7.94 5.62
C GLY A 18 9.87 -7.64 4.24
N GLU A 19 9.04 -8.55 3.73
CA GLU A 19 8.49 -8.45 2.38
C GLU A 19 7.32 -7.47 2.37
N LEU A 20 7.65 -6.18 2.37
CA LEU A 20 6.66 -5.14 2.47
C LEU A 20 6.34 -4.53 1.10
N ILE A 21 5.12 -4.07 0.96
CA ILE A 21 4.69 -3.30 -0.20
C ILE A 21 3.97 -2.03 0.26
N CYS A 22 4.59 -0.90 0.02
CA CYS A 22 4.09 0.37 0.50
C CYS A 22 3.24 1.08 -0.55
N CYS A 23 2.25 1.82 -0.08
CA CYS A 23 1.36 2.58 -0.94
C CYS A 23 2.07 3.81 -1.47
N ASP A 24 1.71 4.23 -2.67
CA ASP A 24 2.36 5.38 -3.28
C ASP A 24 2.18 6.63 -2.43
N GLY A 25 0.95 7.12 -2.33
CA GLY A 25 0.69 8.35 -1.62
C GLY A 25 0.52 8.16 -0.11
N CYS A 26 0.61 6.93 0.37
CA CYS A 26 0.44 6.65 1.78
C CYS A 26 1.58 5.79 2.31
N PRO A 27 2.23 6.26 3.39
CA PRO A 27 3.44 5.64 3.96
C PRO A 27 3.28 4.18 4.38
N ARG A 28 2.05 3.73 4.61
CA ARG A 28 1.81 2.36 5.06
C ARG A 28 2.36 1.32 4.09
N ALA A 29 3.00 0.30 4.65
CA ALA A 29 3.45 -0.84 3.88
C ALA A 29 2.76 -2.10 4.40
N PHE A 30 2.59 -3.07 3.53
CA PHE A 30 1.84 -4.28 3.89
C PHE A 30 2.57 -5.52 3.43
N HIS A 31 2.10 -6.68 3.88
CA HIS A 31 2.59 -7.93 3.35
C HIS A 31 1.63 -8.41 2.26
N LEU A 32 2.17 -9.07 1.25
CA LEU A 32 1.37 -9.45 0.09
C LEU A 32 0.15 -10.28 0.50
N ALA A 33 0.40 -11.36 1.23
CA ALA A 33 -0.66 -12.29 1.63
C ALA A 33 -1.54 -11.69 2.73
N CYS A 34 -1.03 -10.69 3.44
CA CYS A 34 -1.78 -10.07 4.53
C CYS A 34 -2.85 -9.12 3.99
N LEU A 35 -2.63 -8.64 2.76
CA LEU A 35 -3.61 -7.78 2.10
C LEU A 35 -4.85 -8.56 1.71
N SER A 36 -5.96 -7.86 1.59
CA SER A 36 -7.21 -8.43 1.18
C SER A 36 -7.93 -7.50 0.20
N PRO A 37 -8.00 -7.86 -1.10
CA PRO A 37 -7.42 -9.09 -1.64
C PRO A 37 -5.89 -9.05 -1.67
N PRO A 38 -5.26 -10.20 -1.44
CA PRO A 38 -3.80 -10.30 -1.41
C PRO A 38 -3.19 -10.15 -2.80
N LEU A 39 -2.05 -9.47 -2.86
CA LEU A 39 -1.31 -9.35 -4.10
C LEU A 39 -0.29 -10.46 -4.20
N ARG A 40 -0.34 -11.22 -5.27
CA ARG A 40 0.57 -12.34 -5.44
C ARG A 40 1.87 -11.85 -6.07
N GLU A 41 1.78 -10.72 -6.73
CA GLU A 41 2.89 -10.16 -7.47
C GLU A 41 2.98 -8.66 -7.23
N ILE A 42 4.20 -8.13 -7.35
CA ILE A 42 4.44 -6.72 -7.10
C ILE A 42 4.09 -5.88 -8.32
N PRO A 43 3.10 -4.98 -8.17
CA PRO A 43 2.66 -4.09 -9.23
C PRO A 43 3.71 -3.05 -9.61
N SER A 44 3.85 -2.82 -10.89
CA SER A 44 4.84 -1.89 -11.41
C SER A 44 4.20 -0.53 -11.67
N GLY A 45 3.39 -0.10 -10.72
CA GLY A 45 2.71 1.17 -10.83
C GLY A 45 2.34 1.72 -9.47
N THR A 46 1.57 2.79 -9.46
CA THR A 46 1.17 3.41 -8.21
C THR A 46 0.18 2.52 -7.47
N TRP A 47 0.66 1.88 -6.42
CA TRP A 47 -0.17 0.96 -5.65
C TRP A 47 -0.91 1.71 -4.55
N ARG A 48 -2.14 1.30 -4.30
CA ARG A 48 -2.99 1.96 -3.32
C ARG A 48 -3.28 1.06 -2.14
N CYS A 49 -3.23 1.62 -0.93
CA CYS A 49 -3.65 0.88 0.26
C CYS A 49 -5.16 1.04 0.48
N SER A 50 -5.67 0.50 1.58
CA SER A 50 -7.09 0.51 1.87
C SER A 50 -7.69 1.92 1.87
N SER A 51 -7.02 2.86 2.54
CA SER A 51 -7.52 4.23 2.67
C SER A 51 -7.77 4.87 1.31
N CYS A 52 -6.84 4.64 0.38
CA CYS A 52 -6.96 5.19 -0.97
C CYS A 52 -8.16 4.60 -1.71
N LEU A 53 -8.35 3.29 -1.55
CA LEU A 53 -9.40 2.56 -2.25
C LEU A 53 -10.78 3.08 -1.85
N GLN A 54 -10.93 3.43 -0.57
CA GLN A 54 -12.21 3.89 -0.07
C GLN A 54 -12.50 5.32 -0.52
N ALA A 55 -11.49 6.00 -1.05
CA ALA A 55 -11.65 7.38 -1.48
C ALA A 55 -11.93 7.44 -2.98
N THR A 56 -12.16 6.28 -3.59
CA THR A 56 -12.42 6.22 -5.01
C THR A 56 -13.73 5.51 -5.32
N VAL A 57 -14.79 5.92 -4.63
CA VAL A 57 -16.12 5.39 -4.88
C VAL A 57 -16.79 6.17 -6.01
N GLN A 58 -17.16 7.41 -5.70
CA GLN A 58 -17.74 8.34 -6.67
C GLN A 58 -18.89 7.73 -7.46
N GLU A 59 -20.04 7.68 -6.81
CA GLU A 59 -21.24 7.15 -7.44
C GLU A 59 -22.17 8.30 -7.83
N VAL A 60 -23.01 8.07 -8.83
CA VAL A 60 -23.90 9.10 -9.34
C VAL A 60 -25.22 9.04 -8.59
N GLN A 61 -25.12 9.42 -7.32
CA GLN A 61 -26.28 9.49 -6.42
C GLN A 61 -26.89 8.11 -6.19
N PRO A 62 -26.30 7.31 -5.30
CA PRO A 62 -26.83 6.00 -4.96
C PRO A 62 -27.92 6.11 -3.91
N ARG A 63 -28.70 5.04 -3.73
CA ARG A 63 -29.71 5.01 -2.68
C ARG A 63 -29.07 5.30 -1.33
N ALA A 64 -28.24 4.37 -0.86
CA ALA A 64 -27.51 4.55 0.40
C ALA A 64 -28.47 4.67 1.57
N GLU A 65 -29.60 3.98 1.44
CA GLU A 65 -30.60 3.94 2.50
C GLU A 65 -30.69 2.52 3.03
N GLU A 66 -30.59 1.56 2.12
CA GLU A 66 -30.63 0.16 2.47
C GLU A 66 -29.42 -0.55 1.90
N ALA B 1 4.84 0.21 -7.15
CA ALA B 1 4.64 -0.13 -5.72
C ALA B 1 5.94 0.05 -4.96
N ARG B 2 5.84 0.50 -3.71
CA ARG B 2 7.02 0.78 -2.91
C ARG B 2 7.41 -0.44 -2.11
N THR B 3 7.97 -1.43 -2.79
CA THR B 3 8.36 -2.67 -2.16
C THR B 3 9.57 -2.49 -1.25
N LYS B 4 9.48 -3.07 -0.07
CA LYS B 4 10.52 -2.92 0.94
C LYS B 4 11.09 -4.29 1.31
N GLN B 5 12.31 -4.28 1.83
CA GLN B 5 12.93 -5.48 2.35
C GLN B 5 13.62 -5.16 3.67
N THR B 6 12.85 -5.18 4.75
CA THR B 6 13.36 -4.80 6.05
C THR B 6 13.57 -6.01 6.94
N ALA B 7 14.02 -5.77 8.16
CA ALA B 7 14.17 -6.82 9.15
C ALA B 7 12.79 -7.35 9.54
N ARG B 8 12.65 -8.66 9.55
CA ARG B 8 11.36 -9.26 9.85
C ARG B 8 11.18 -9.39 11.35
N LYS B 9 9.96 -9.13 11.81
CA LYS B 9 9.65 -9.09 13.22
C LYS B 9 8.98 -10.40 13.63
N SER B 10 9.26 -11.45 12.89
CA SER B 10 8.70 -12.76 13.16
C SER B 10 9.38 -13.38 14.38
ZN ZN C . 1.18 -8.26 7.40
ZN ZN D . -2.60 4.90 0.45
N GLY A 1 19.11 11.45 2.53
CA GLY A 1 18.77 11.49 1.09
C GLY A 1 17.45 12.21 0.84
N ALA A 2 16.93 12.10 -0.36
CA ALA A 2 15.69 12.76 -0.72
C ALA A 2 14.60 11.75 -1.04
N MET A 3 13.57 11.72 -0.20
CA MET A 3 12.42 10.85 -0.41
C MET A 3 11.22 11.40 0.33
N ALA A 4 10.14 11.64 -0.39
CA ALA A 4 8.92 12.13 0.20
C ALA A 4 8.05 10.97 0.65
N GLN A 5 7.29 11.17 1.72
CA GLN A 5 6.48 10.12 2.32
C GLN A 5 7.32 8.93 2.80
N LYS A 6 7.54 8.85 4.10
CA LYS A 6 8.23 7.72 4.69
C LYS A 6 7.37 6.47 4.57
N ASN A 7 8.01 5.35 4.35
CA ASN A 7 7.32 4.09 4.21
C ASN A 7 7.46 3.29 5.50
N GLU A 8 6.37 2.68 5.94
CA GLU A 8 6.38 1.91 7.16
C GLU A 8 7.34 0.74 7.05
N ASP A 9 7.90 0.32 8.17
CA ASP A 9 8.84 -0.78 8.20
C ASP A 9 8.17 -1.97 8.85
N GLU A 10 6.89 -1.79 9.14
CA GLU A 10 6.06 -2.82 9.71
C GLU A 10 4.69 -2.77 9.05
N CYS A 11 4.28 -3.89 8.48
CA CYS A 11 3.02 -3.98 7.75
C CYS A 11 1.85 -3.48 8.60
N ALA A 12 0.96 -2.71 7.97
CA ALA A 12 -0.21 -2.16 8.64
C ALA A 12 -1.14 -3.26 9.15
N VAL A 13 -0.95 -4.47 8.64
CA VAL A 13 -1.77 -5.61 9.02
C VAL A 13 -1.28 -6.24 10.32
N CYS A 14 -0.04 -6.72 10.34
CA CYS A 14 0.46 -7.46 11.51
C CYS A 14 1.70 -6.80 12.12
N ARG A 15 2.08 -5.65 11.59
CA ARG A 15 3.23 -4.88 12.07
C ARG A 15 4.52 -5.69 12.01
N ASP A 16 4.64 -6.54 11.01
CA ASP A 16 5.86 -7.30 10.77
C ASP A 16 6.58 -6.71 9.56
N GLY A 17 7.84 -7.06 9.39
CA GLY A 17 8.63 -6.51 8.31
C GLY A 17 8.94 -7.55 7.25
N GLY A 18 9.91 -7.25 6.40
CA GLY A 18 10.28 -8.16 5.35
C GLY A 18 9.97 -7.61 3.99
N GLU A 19 9.33 -8.43 3.16
CA GLU A 19 8.94 -8.02 1.82
C GLU A 19 7.69 -7.14 1.88
N LEU A 20 7.91 -5.86 2.13
CA LEU A 20 6.82 -4.90 2.28
C LEU A 20 6.44 -4.27 0.95
N ILE A 21 5.16 -3.97 0.82
CA ILE A 21 4.64 -3.22 -0.32
C ILE A 21 3.91 -1.98 0.18
N CYS A 22 4.52 -0.83 -0.02
CA CYS A 22 4.00 0.42 0.53
C CYS A 22 3.22 1.20 -0.54
N CYS A 23 2.19 1.89 -0.08
CA CYS A 23 1.36 2.71 -0.93
C CYS A 23 2.08 4.00 -1.34
N ASP A 24 1.72 4.54 -2.49
CA ASP A 24 2.28 5.81 -2.94
C ASP A 24 1.95 6.95 -1.97
N GLY A 25 0.67 7.30 -1.90
CA GLY A 25 0.26 8.46 -1.14
C GLY A 25 0.09 8.18 0.35
N CYS A 26 0.24 6.93 0.74
CA CYS A 26 0.11 6.56 2.14
C CYS A 26 1.31 5.74 2.60
N PRO A 27 1.94 6.16 3.71
CA PRO A 27 3.15 5.54 4.25
C PRO A 27 3.01 4.05 4.56
N ARG A 28 1.78 3.61 4.74
CA ARG A 28 1.52 2.23 5.14
C ARG A 28 2.05 1.23 4.13
N ALA A 29 2.84 0.29 4.65
CA ALA A 29 3.36 -0.80 3.86
C ALA A 29 2.71 -2.09 4.33
N PHE A 30 2.53 -3.03 3.43
CA PHE A 30 1.82 -4.25 3.77
C PHE A 30 2.58 -5.48 3.32
N HIS A 31 2.09 -6.64 3.72
CA HIS A 31 2.57 -7.90 3.20
C HIS A 31 1.58 -8.40 2.15
N LEU A 32 2.08 -9.07 1.12
CA LEU A 32 1.23 -9.46 -0.01
C LEU A 32 0.01 -10.28 0.45
N ALA A 33 0.27 -11.32 1.21
CA ALA A 33 -0.80 -12.22 1.67
C ALA A 33 -1.68 -11.56 2.74
N CYS A 34 -1.14 -10.57 3.42
CA CYS A 34 -1.87 -9.90 4.49
C CYS A 34 -2.93 -8.95 3.92
N LEU A 35 -2.72 -8.49 2.70
CA LEU A 35 -3.67 -7.65 2.01
C LEU A 35 -4.96 -8.39 1.69
N SER A 36 -6.03 -7.64 1.46
CA SER A 36 -7.29 -8.21 1.03
C SER A 36 -7.92 -7.32 -0.04
N PRO A 37 -8.01 -7.80 -1.30
CA PRO A 37 -7.53 -9.13 -1.70
C PRO A 37 -6.02 -9.20 -1.78
N PRO A 38 -5.43 -10.32 -1.35
CA PRO A 38 -3.98 -10.51 -1.29
C PRO A 38 -3.34 -10.58 -2.68
N LEU A 39 -2.18 -9.98 -2.81
CA LEU A 39 -1.44 -9.98 -4.06
C LEU A 39 -0.48 -11.16 -4.11
N ARG A 40 -0.36 -11.79 -5.28
CA ARG A 40 0.58 -12.88 -5.48
C ARG A 40 1.90 -12.33 -6.00
N GLU A 41 1.82 -11.17 -6.62
CA GLU A 41 2.98 -10.53 -7.23
C GLU A 41 2.94 -9.03 -6.99
N ILE A 42 4.08 -8.39 -7.22
CA ILE A 42 4.21 -6.95 -7.01
C ILE A 42 3.72 -6.15 -8.21
N PRO A 43 2.78 -5.22 -7.96
CA PRO A 43 2.26 -4.31 -8.99
C PRO A 43 3.34 -3.42 -9.59
N SER A 44 3.28 -3.24 -10.91
CA SER A 44 4.31 -2.53 -11.63
C SER A 44 3.96 -1.05 -11.79
N GLY A 45 3.54 -0.44 -10.69
CA GLY A 45 3.19 0.96 -10.70
C GLY A 45 2.89 1.46 -9.31
N THR A 46 2.38 2.67 -9.20
CA THR A 46 2.03 3.24 -7.92
C THR A 46 0.86 2.49 -7.29
N TRP A 47 1.10 1.95 -6.11
CA TRP A 47 0.10 1.13 -5.45
C TRP A 47 -0.69 1.97 -4.45
N ARG A 48 -1.96 1.62 -4.26
CA ARG A 48 -2.84 2.34 -3.37
C ARG A 48 -3.44 1.42 -2.32
N CYS A 49 -3.41 1.86 -1.06
CA CYS A 49 -3.96 1.07 0.04
C CYS A 49 -5.48 1.21 0.10
N SER A 50 -6.10 0.53 1.06
CA SER A 50 -7.54 0.55 1.22
C SER A 50 -8.10 1.97 1.31
N SER A 51 -7.45 2.80 2.14
CA SER A 51 -7.90 4.18 2.35
C SER A 51 -7.97 4.94 1.04
N CYS A 52 -6.96 4.76 0.19
CA CYS A 52 -6.90 5.46 -1.10
C CYS A 52 -8.08 5.07 -1.98
N LEU A 53 -8.41 3.79 -1.99
CA LEU A 53 -9.47 3.28 -2.85
C LEU A 53 -10.84 3.68 -2.31
N GLN A 54 -10.98 3.65 -0.99
CA GLN A 54 -12.25 3.92 -0.34
C GLN A 54 -12.53 5.44 -0.27
N ALA A 55 -11.50 6.24 -0.48
CA ALA A 55 -11.63 7.69 -0.39
C ALA A 55 -11.89 8.30 -1.77
N THR A 56 -11.90 7.47 -2.80
CA THR A 56 -12.07 7.94 -4.16
C THR A 56 -13.34 7.37 -4.77
N VAL A 57 -14.47 7.89 -4.33
CA VAL A 57 -15.78 7.45 -4.81
C VAL A 57 -16.52 8.60 -5.47
N GLN A 58 -16.37 9.80 -4.90
CA GLN A 58 -17.11 10.98 -5.34
C GLN A 58 -18.60 10.75 -5.15
N GLU A 59 -19.09 11.09 -3.97
CA GLU A 59 -20.49 10.86 -3.60
C GLU A 59 -21.43 11.61 -4.55
N VAL A 60 -22.46 10.92 -5.00
CA VAL A 60 -23.39 11.50 -5.95
C VAL A 60 -24.81 10.96 -5.72
N GLN A 61 -25.44 11.41 -4.65
CA GLN A 61 -26.85 11.10 -4.41
C GLN A 61 -27.71 12.30 -4.78
N PRO A 62 -28.47 12.16 -5.88
CA PRO A 62 -29.33 13.22 -6.38
C PRO A 62 -30.72 13.15 -5.76
N ARG A 63 -31.68 13.84 -6.39
CA ARG A 63 -33.06 13.87 -5.93
C ARG A 63 -33.16 14.64 -4.62
N ALA A 64 -32.40 15.73 -4.53
CA ALA A 64 -32.46 16.61 -3.38
C ALA A 64 -33.65 17.55 -3.52
N GLU A 65 -34.84 16.95 -3.56
CA GLU A 65 -36.05 17.70 -3.84
C GLU A 65 -36.52 18.47 -2.62
N GLU A 66 -36.80 19.75 -2.84
CA GLU A 66 -37.30 20.65 -1.81
C GLU A 66 -37.54 22.02 -2.43
N ALA B 1 5.26 -0.43 -7.16
CA ALA B 1 4.86 -0.39 -5.74
C ALA B 1 6.07 -0.13 -4.87
N ARG B 2 5.88 0.59 -3.77
CA ARG B 2 6.99 0.97 -2.89
C ARG B 2 7.45 -0.23 -2.07
N THR B 3 8.20 -1.12 -2.70
CA THR B 3 8.65 -2.34 -2.06
C THR B 3 9.89 -2.09 -1.20
N LYS B 4 9.91 -2.75 -0.04
CA LYS B 4 10.98 -2.54 0.92
C LYS B 4 11.61 -3.87 1.32
N GLN B 5 12.92 -3.83 1.61
CA GLN B 5 13.62 -4.98 2.15
C GLN B 5 13.95 -4.74 3.60
N THR B 6 12.98 -4.96 4.46
CA THR B 6 13.15 -4.71 5.88
C THR B 6 13.40 -6.00 6.64
N ALA B 7 14.04 -5.87 7.78
CA ALA B 7 14.25 -7.00 8.67
C ALA B 7 12.91 -7.46 9.24
N ARG B 8 12.71 -8.77 9.29
CA ARG B 8 11.48 -9.33 9.83
C ARG B 8 11.40 -9.07 11.32
N LYS B 9 10.23 -8.64 11.76
CA LYS B 9 10.02 -8.22 13.13
C LYS B 9 9.47 -9.37 13.94
N SER B 10 8.47 -10.03 13.36
CA SER B 10 7.80 -11.19 13.95
C SER B 10 7.55 -11.03 15.45
ZN ZN C . 1.21 -8.15 7.39
ZN ZN D . -2.47 4.87 0.57
N GLY A 1 0.24 18.73 -6.46
CA GLY A 1 1.06 19.03 -5.26
C GLY A 1 1.00 17.90 -4.24
N ALA A 2 1.86 16.91 -4.44
CA ALA A 2 1.93 15.77 -3.52
C ALA A 2 3.29 15.09 -3.61
N MET A 3 4.18 15.47 -2.71
CA MET A 3 5.50 14.85 -2.64
C MET A 3 5.54 13.81 -1.53
N ALA A 4 5.11 12.60 -1.85
CA ALA A 4 5.10 11.52 -0.87
C ALA A 4 6.30 10.61 -1.07
N GLN A 5 7.14 10.55 -0.05
CA GLN A 5 8.34 9.73 -0.11
C GLN A 5 8.64 9.14 1.27
N LYS A 6 7.67 8.40 1.79
CA LYS A 6 7.79 7.78 3.10
C LYS A 6 7.25 6.36 3.05
N ASN A 7 7.91 5.45 3.77
CA ASN A 7 7.44 4.09 3.88
C ASN A 7 7.77 3.55 5.26
N GLU A 8 6.78 2.89 5.87
CA GLU A 8 6.94 2.32 7.20
C GLU A 8 7.65 0.97 7.10
N ASP A 9 8.17 0.49 8.22
CA ASP A 9 9.00 -0.71 8.20
C ASP A 9 8.24 -1.90 8.76
N GLU A 10 6.93 -1.78 8.84
CA GLU A 10 6.10 -2.87 9.30
C GLU A 10 4.72 -2.80 8.66
N CYS A 11 4.12 -3.97 8.50
CA CYS A 11 2.82 -4.09 7.87
C CYS A 11 1.71 -3.59 8.79
N ALA A 12 0.78 -2.84 8.20
CA ALA A 12 -0.37 -2.31 8.93
C ALA A 12 -1.29 -3.44 9.41
N VAL A 13 -1.09 -4.62 8.84
CA VAL A 13 -1.89 -5.78 9.17
C VAL A 13 -1.38 -6.49 10.44
N CYS A 14 -0.17 -7.05 10.37
CA CYS A 14 0.34 -7.87 11.46
C CYS A 14 1.48 -7.19 12.21
N ARG A 15 1.83 -5.97 11.77
CA ARG A 15 2.88 -5.17 12.42
C ARG A 15 4.25 -5.84 12.34
N ASP A 16 4.41 -6.75 11.36
CA ASP A 16 5.69 -7.41 11.14
C ASP A 16 6.37 -6.77 9.93
N GLY A 17 7.62 -7.14 9.69
CA GLY A 17 8.38 -6.51 8.62
C GLY A 17 8.79 -7.51 7.56
N GLY A 18 9.69 -7.11 6.69
CA GLY A 18 10.14 -7.99 5.62
C GLY A 18 9.80 -7.43 4.26
N GLU A 19 9.40 -8.31 3.34
CA GLU A 19 9.05 -7.90 1.98
C GLU A 19 7.77 -7.08 2.00
N LEU A 20 7.92 -5.78 2.18
CA LEU A 20 6.79 -4.88 2.31
C LEU A 20 6.39 -4.28 0.96
N ILE A 21 5.10 -4.04 0.80
CA ILE A 21 4.59 -3.31 -0.33
C ILE A 21 3.86 -2.07 0.19
N CYS A 22 4.47 -0.92 -0.01
CA CYS A 22 3.99 0.32 0.55
C CYS A 22 3.20 1.11 -0.50
N CYS A 23 2.21 1.84 -0.02
CA CYS A 23 1.35 2.64 -0.88
C CYS A 23 2.08 3.87 -1.41
N ASP A 24 1.69 4.32 -2.59
CA ASP A 24 2.28 5.51 -3.17
C ASP A 24 2.05 6.72 -2.26
N GLY A 25 0.79 7.14 -2.15
CA GLY A 25 0.49 8.35 -1.41
C GLY A 25 0.30 8.13 0.08
N CYS A 26 0.56 6.92 0.55
CA CYS A 26 0.44 6.60 1.98
C CYS A 26 1.63 5.79 2.45
N PRO A 27 2.29 6.23 3.53
CA PRO A 27 3.53 5.62 4.02
C PRO A 27 3.36 4.19 4.56
N ARG A 28 2.12 3.76 4.75
CA ARG A 28 1.87 2.41 5.25
C ARG A 28 2.38 1.36 4.28
N ALA A 29 3.04 0.35 4.83
CA ALA A 29 3.51 -0.78 4.06
C ALA A 29 2.77 -2.03 4.51
N PHE A 30 2.59 -2.98 3.60
CA PHE A 30 1.83 -4.18 3.91
C PHE A 30 2.57 -5.41 3.43
N HIS A 31 2.09 -6.57 3.85
CA HIS A 31 2.58 -7.82 3.31
C HIS A 31 1.64 -8.31 2.23
N LEU A 32 2.17 -8.95 1.20
CA LEU A 32 1.38 -9.35 0.04
C LEU A 32 0.14 -10.16 0.45
N ALA A 33 0.37 -11.20 1.25
CA ALA A 33 -0.69 -12.12 1.62
C ALA A 33 -1.58 -11.55 2.72
N CYS A 34 -1.10 -10.54 3.41
CA CYS A 34 -1.85 -9.92 4.50
C CYS A 34 -2.94 -9.01 3.95
N LEU A 35 -2.72 -8.51 2.74
CA LEU A 35 -3.72 -7.70 2.05
C LEU A 35 -4.91 -8.53 1.60
N SER A 36 -6.05 -7.88 1.42
CA SER A 36 -7.21 -8.52 0.83
C SER A 36 -7.91 -7.54 -0.10
N PRO A 37 -7.98 -7.85 -1.40
CA PRO A 37 -7.42 -9.08 -1.97
C PRO A 37 -5.89 -9.06 -1.98
N PRO A 38 -5.27 -10.17 -1.56
CA PRO A 38 -3.82 -10.27 -1.46
C PRO A 38 -3.14 -10.29 -2.82
N LEU A 39 -2.00 -9.62 -2.92
CA LEU A 39 -1.24 -9.60 -4.14
C LEU A 39 -0.25 -10.75 -4.16
N ARG A 40 -0.28 -11.54 -5.23
CA ARG A 40 0.67 -12.63 -5.38
C ARG A 40 1.99 -12.10 -5.91
N GLU A 41 1.90 -10.98 -6.60
CA GLU A 41 3.05 -10.36 -7.23
C GLU A 41 2.99 -8.85 -7.07
N ILE A 42 4.12 -8.21 -7.28
CA ILE A 42 4.23 -6.77 -7.11
C ILE A 42 3.70 -6.02 -8.33
N PRO A 43 2.73 -5.13 -8.11
CA PRO A 43 2.19 -4.28 -9.17
C PRO A 43 3.23 -3.31 -9.71
N SER A 44 3.31 -3.22 -11.03
CA SER A 44 4.32 -2.40 -11.68
C SER A 44 3.83 -0.96 -11.85
N GLY A 45 3.40 -0.37 -10.76
CA GLY A 45 2.92 1.00 -10.79
C GLY A 45 2.56 1.49 -9.41
N THR A 46 1.90 2.63 -9.35
CA THR A 46 1.48 3.20 -8.08
C THR A 46 0.45 2.33 -7.40
N TRP A 47 0.79 1.83 -6.22
CA TRP A 47 -0.11 0.98 -5.47
C TRP A 47 -0.85 1.81 -4.43
N ARG A 48 -2.10 1.44 -4.18
CA ARG A 48 -2.96 2.18 -3.25
C ARG A 48 -3.49 1.27 -2.16
N CYS A 49 -3.46 1.75 -0.91
CA CYS A 49 -3.94 0.97 0.23
C CYS A 49 -5.47 0.99 0.29
N SER A 50 -6.03 0.26 1.24
CA SER A 50 -7.48 0.15 1.39
C SER A 50 -8.16 1.53 1.44
N SER A 51 -7.59 2.42 2.25
CA SER A 51 -8.14 3.76 2.42
C SER A 51 -8.23 4.49 1.08
N CYS A 52 -7.17 4.37 0.28
CA CYS A 52 -7.10 5.02 -1.01
C CYS A 52 -8.15 4.46 -1.97
N LEU A 53 -8.31 3.13 -1.96
CA LEU A 53 -9.26 2.48 -2.85
C LEU A 53 -10.69 2.86 -2.48
N GLN A 54 -10.95 2.99 -1.20
CA GLN A 54 -12.27 3.37 -0.72
C GLN A 54 -12.41 4.90 -0.70
N ALA A 55 -11.37 5.60 -1.13
CA ALA A 55 -11.40 7.06 -1.18
C ALA A 55 -12.00 7.53 -2.49
N THR A 56 -12.60 6.59 -3.20
CA THR A 56 -13.32 6.88 -4.43
C THR A 56 -14.63 7.63 -4.14
N VAL A 57 -14.48 8.82 -3.57
CA VAL A 57 -15.60 9.71 -3.29
C VAL A 57 -16.42 9.95 -4.55
N GLN A 58 -15.74 10.02 -5.69
CA GLN A 58 -16.40 10.19 -6.97
C GLN A 58 -15.91 9.15 -7.96
N GLU A 59 -16.73 8.14 -8.22
CA GLU A 59 -16.45 7.18 -9.26
C GLU A 59 -16.65 7.81 -10.63
N VAL A 60 -16.59 7.00 -11.68
CA VAL A 60 -16.55 7.49 -13.04
C VAL A 60 -15.42 8.51 -13.19
N GLN A 61 -14.21 8.00 -13.03
CA GLN A 61 -13.02 8.83 -13.13
C GLN A 61 -12.72 9.14 -14.59
N PRO A 62 -12.74 10.44 -14.94
CA PRO A 62 -12.61 10.89 -16.32
C PRO A 62 -11.30 10.47 -16.97
N ARG A 63 -11.41 9.79 -18.10
CA ARG A 63 -10.26 9.47 -18.92
C ARG A 63 -9.84 10.72 -19.69
N ALA A 64 -10.81 11.61 -19.86
CA ALA A 64 -10.59 12.91 -20.44
C ALA A 64 -11.37 13.95 -19.65
N GLU A 65 -10.72 15.04 -19.28
CA GLU A 65 -11.37 16.07 -18.46
C GLU A 65 -10.63 17.39 -18.56
N GLU A 66 -11.38 18.47 -18.52
CA GLU A 66 -10.81 19.80 -18.44
C GLU A 66 -11.29 20.49 -17.17
N ALA B 1 5.06 -0.31 -7.21
CA ALA B 1 4.69 -0.37 -5.79
C ALA B 1 5.92 -0.15 -4.93
N ARG B 2 5.75 0.57 -3.82
CA ARG B 2 6.87 0.96 -2.97
C ARG B 2 7.35 -0.26 -2.17
N THR B 3 8.19 -1.06 -2.79
CA THR B 3 8.62 -2.32 -2.20
C THR B 3 9.85 -2.14 -1.30
N LYS B 4 9.85 -2.84 -0.18
CA LYS B 4 10.92 -2.75 0.80
C LYS B 4 11.41 -4.14 1.19
N GLN B 5 12.72 -4.27 1.36
CA GLN B 5 13.32 -5.51 1.82
C GLN B 5 13.20 -5.61 3.33
N THR B 6 13.71 -4.59 4.03
CA THR B 6 13.45 -4.39 5.45
C THR B 6 13.94 -5.57 6.32
N ALA B 7 13.87 -5.38 7.63
CA ALA B 7 14.10 -6.44 8.59
C ALA B 7 12.76 -6.85 9.19
N ARG B 8 12.61 -8.12 9.47
CA ARG B 8 11.34 -8.65 9.96
C ARG B 8 11.20 -8.42 11.46
N LYS B 9 9.96 -8.38 11.93
CA LYS B 9 9.66 -8.07 13.32
C LYS B 9 9.55 -9.34 14.14
N SER B 10 9.71 -10.47 13.48
CA SER B 10 9.66 -11.75 14.14
C SER B 10 10.82 -11.91 15.12
ZN ZN C . 1.10 -8.15 7.38
ZN ZN D . -2.49 4.70 0.66
N GLY A 1 6.07 14.37 -1.74
CA GLY A 1 6.03 13.68 -3.05
C GLY A 1 7.41 13.52 -3.67
N ALA A 2 7.45 13.22 -4.96
CA ALA A 2 8.70 13.06 -5.71
C ALA A 2 9.60 11.99 -5.09
N MET A 3 8.97 10.95 -4.54
CA MET A 3 9.70 9.89 -3.84
C MET A 3 10.54 10.49 -2.70
N ALA A 4 9.85 11.08 -1.75
CA ALA A 4 10.49 11.65 -0.57
C ALA A 4 9.68 11.30 0.66
N GLN A 5 8.94 10.21 0.55
CA GLN A 5 8.03 9.78 1.60
C GLN A 5 8.57 8.54 2.29
N LYS A 6 8.60 8.59 3.62
CA LYS A 6 9.04 7.45 4.40
C LYS A 6 8.04 6.33 4.33
N ASN A 7 8.54 5.13 4.08
CA ASN A 7 7.72 3.94 4.06
C ASN A 7 7.90 3.18 5.37
N GLU A 8 6.78 2.75 5.94
CA GLU A 8 6.79 2.13 7.25
C GLU A 8 7.45 0.76 7.17
N ASP A 9 8.24 0.44 8.20
CA ASP A 9 9.04 -0.78 8.19
C ASP A 9 8.27 -1.92 8.85
N GLU A 10 7.02 -1.66 9.19
CA GLU A 10 6.18 -2.67 9.77
C GLU A 10 4.79 -2.61 9.15
N CYS A 11 4.30 -3.78 8.78
CA CYS A 11 3.06 -3.91 8.03
C CYS A 11 1.86 -3.38 8.79
N ALA A 12 1.01 -2.65 8.08
CA ALA A 12 -0.23 -2.10 8.65
C ALA A 12 -1.20 -3.20 9.05
N VAL A 13 -0.96 -4.41 8.54
CA VAL A 13 -1.79 -5.56 8.86
C VAL A 13 -1.38 -6.18 10.20
N CYS A 14 -0.21 -6.82 10.22
CA CYS A 14 0.19 -7.63 11.38
C CYS A 14 1.29 -6.98 12.20
N ARG A 15 1.75 -5.81 11.73
CA ARG A 15 2.80 -5.05 12.42
C ARG A 15 4.11 -5.82 12.49
N ASP A 16 4.30 -6.69 11.52
CA ASP A 16 5.53 -7.42 11.38
C ASP A 16 6.32 -6.84 10.22
N GLY A 17 7.53 -7.35 9.99
CA GLY A 17 8.37 -6.79 8.95
C GLY A 17 8.67 -7.80 7.87
N GLY A 18 9.54 -7.46 6.95
CA GLY A 18 9.93 -8.39 5.91
C GLY A 18 9.63 -7.90 4.53
N GLU A 19 8.90 -8.71 3.78
CA GLU A 19 8.56 -8.40 2.40
C GLU A 19 7.41 -7.41 2.35
N LEU A 20 7.75 -6.14 2.45
CA LEU A 20 6.75 -5.08 2.54
C LEU A 20 6.51 -4.41 1.20
N ILE A 21 5.26 -4.09 0.95
CA ILE A 21 4.86 -3.32 -0.21
C ILE A 21 4.07 -2.10 0.27
N CYS A 22 4.54 -0.94 -0.11
CA CYS A 22 4.03 0.31 0.42
C CYS A 22 3.29 1.08 -0.66
N CYS A 23 2.23 1.75 -0.25
CA CYS A 23 1.43 2.57 -1.15
C CYS A 23 2.16 3.86 -1.51
N ASP A 24 1.89 4.36 -2.69
CA ASP A 24 2.46 5.64 -3.10
C ASP A 24 2.02 6.75 -2.15
N GLY A 25 0.73 7.05 -2.16
CA GLY A 25 0.21 8.18 -1.41
C GLY A 25 0.19 8.01 0.10
N CYS A 26 0.42 6.80 0.60
CA CYS A 26 0.39 6.58 2.04
C CYS A 26 1.58 5.75 2.49
N PRO A 27 2.26 6.18 3.58
CA PRO A 27 3.50 5.56 4.08
C PRO A 27 3.33 4.11 4.55
N ARG A 28 2.08 3.66 4.65
CA ARG A 28 1.80 2.30 5.13
C ARG A 28 2.39 1.25 4.19
N ALA A 29 2.97 0.22 4.77
CA ALA A 29 3.49 -0.88 4.01
C ALA A 29 2.81 -2.17 4.47
N PHE A 30 2.67 -3.11 3.55
CA PHE A 30 1.92 -4.33 3.83
C PHE A 30 2.70 -5.55 3.39
N HIS A 31 2.24 -6.72 3.81
CA HIS A 31 2.75 -7.96 3.28
C HIS A 31 1.81 -8.44 2.17
N LEU A 32 2.35 -9.08 1.15
CA LEU A 32 1.53 -9.48 0.00
C LEU A 32 0.32 -10.30 0.44
N ALA A 33 0.58 -11.34 1.23
CA ALA A 33 -0.47 -12.25 1.65
C ALA A 33 -1.34 -11.65 2.76
N CYS A 34 -0.83 -10.63 3.43
CA CYS A 34 -1.57 -9.99 4.51
C CYS A 34 -2.65 -9.07 3.98
N LEU A 35 -2.47 -8.61 2.74
CA LEU A 35 -3.49 -7.81 2.07
C LEU A 35 -4.71 -8.64 1.74
N SER A 36 -5.85 -7.98 1.67
CA SER A 36 -7.08 -8.60 1.26
C SER A 36 -7.85 -7.66 0.34
N PRO A 37 -7.98 -8.00 -0.95
CA PRO A 37 -7.42 -9.23 -1.53
C PRO A 37 -5.90 -9.17 -1.64
N PRO A 38 -5.23 -10.30 -1.33
CA PRO A 38 -3.77 -10.38 -1.34
C PRO A 38 -3.18 -10.28 -2.73
N LEU A 39 -2.00 -9.70 -2.81
CA LEU A 39 -1.29 -9.54 -4.07
C LEU A 39 -0.34 -10.71 -4.30
N ARG A 40 -0.41 -11.30 -5.49
CA ARG A 40 0.46 -12.41 -5.81
C ARG A 40 1.77 -11.90 -6.38
N GLU A 41 1.75 -10.68 -6.89
CA GLU A 41 2.91 -10.09 -7.51
C GLU A 41 2.93 -8.58 -7.24
N ILE A 42 4.09 -7.98 -7.44
CA ILE A 42 4.27 -6.55 -7.19
C ILE A 42 3.74 -5.73 -8.36
N PRO A 43 2.72 -4.90 -8.09
CA PRO A 43 2.09 -4.01 -9.08
C PRO A 43 3.11 -3.19 -9.87
N SER A 44 2.83 -3.03 -11.15
CA SER A 44 3.77 -2.40 -12.07
C SER A 44 3.47 -0.91 -12.23
N GLY A 45 2.99 -0.30 -11.16
CA GLY A 45 2.67 1.11 -11.18
C GLY A 45 2.36 1.64 -9.80
N THR A 46 1.75 2.81 -9.77
CA THR A 46 1.35 3.44 -8.53
C THR A 46 0.30 2.63 -7.79
N TRP A 47 0.70 2.04 -6.68
CA TRP A 47 -0.18 1.19 -5.91
C TRP A 47 -0.81 1.96 -4.76
N ARG A 48 -2.06 1.61 -4.46
CA ARG A 48 -2.80 2.26 -3.39
C ARG A 48 -3.28 1.23 -2.37
N CYS A 49 -3.23 1.59 -1.09
CA CYS A 49 -3.76 0.73 -0.04
C CYS A 49 -5.28 0.75 -0.08
N SER A 50 -5.93 -0.10 0.72
CA SER A 50 -7.38 -0.16 0.74
C SER A 50 -7.98 1.22 1.00
N SER A 51 -7.43 1.93 1.99
CA SER A 51 -7.92 3.26 2.35
C SER A 51 -7.77 4.23 1.17
N CYS A 52 -6.63 4.18 0.49
CA CYS A 52 -6.38 5.03 -0.66
C CYS A 52 -7.32 4.70 -1.82
N LEU A 53 -7.57 3.42 -2.05
CA LEU A 53 -8.51 3.00 -3.08
C LEU A 53 -9.91 3.51 -2.74
N GLN A 54 -10.22 3.51 -1.46
CA GLN A 54 -11.51 3.96 -0.95
C GLN A 54 -11.57 5.49 -0.89
N ALA A 55 -10.47 6.15 -1.21
CA ALA A 55 -10.41 7.61 -1.21
C ALA A 55 -10.84 8.15 -2.56
N THR A 56 -11.24 7.25 -3.44
CA THR A 56 -11.74 7.63 -4.74
C THR A 56 -13.27 7.56 -4.75
N VAL A 57 -13.91 8.14 -5.76
CA VAL A 57 -15.36 8.24 -5.77
C VAL A 57 -16.00 6.91 -6.18
N GLN A 58 -16.01 6.65 -7.48
CA GLN A 58 -16.62 5.44 -8.02
C GLN A 58 -15.62 4.71 -8.90
N GLU A 59 -14.83 5.46 -9.63
CA GLU A 59 -13.79 4.92 -10.49
C GLU A 59 -12.47 5.52 -10.07
N VAL A 60 -11.36 4.90 -10.46
CA VAL A 60 -10.04 5.40 -10.10
C VAL A 60 -9.57 6.44 -11.12
N GLN A 61 -10.54 7.06 -11.79
CA GLN A 61 -10.26 8.02 -12.84
C GLN A 61 -11.35 9.08 -12.90
N PRO A 62 -10.97 10.35 -12.77
CA PRO A 62 -11.87 11.48 -12.91
C PRO A 62 -11.88 11.98 -14.35
N ARG A 63 -13.02 11.82 -15.01
CA ARG A 63 -13.08 12.13 -16.42
C ARG A 63 -13.84 13.44 -16.65
N ALA A 64 -15.02 13.52 -16.04
CA ALA A 64 -15.88 14.68 -16.22
C ALA A 64 -16.36 15.20 -14.88
N GLU A 65 -15.45 15.84 -14.14
CA GLU A 65 -15.74 16.43 -12.82
C GLU A 65 -16.52 15.46 -11.92
N GLU A 66 -15.80 14.45 -11.44
CA GLU A 66 -16.40 13.40 -10.65
C GLU A 66 -15.69 13.31 -9.30
N ALA B 1 4.84 -0.22 -7.49
CA ALA B 1 4.52 -0.25 -6.05
C ALA B 1 5.78 -0.04 -5.23
N ARG B 2 5.68 0.73 -4.15
CA ARG B 2 6.82 0.95 -3.27
C ARG B 2 7.11 -0.38 -2.57
N THR B 3 8.37 -0.74 -2.43
CA THR B 3 8.68 -2.02 -1.83
C THR B 3 9.82 -1.88 -0.82
N LYS B 4 9.79 -2.71 0.20
CA LYS B 4 10.81 -2.74 1.23
C LYS B 4 11.20 -4.18 1.54
N GLN B 5 12.48 -4.42 1.74
CA GLN B 5 12.95 -5.73 2.14
C GLN B 5 13.58 -5.66 3.52
N THR B 6 12.75 -5.75 4.53
CA THR B 6 13.22 -5.75 5.90
C THR B 6 13.27 -7.17 6.46
N ALA B 7 13.66 -7.31 7.71
CA ALA B 7 13.64 -8.59 8.38
C ALA B 7 12.26 -8.84 8.97
N ARG B 8 11.75 -10.06 8.80
CA ARG B 8 10.43 -10.39 9.30
C ARG B 8 10.45 -10.52 10.82
N LYS B 9 9.97 -9.49 11.48
CA LYS B 9 9.89 -9.46 12.93
C LYS B 9 9.02 -10.60 13.45
N SER B 10 9.48 -11.25 14.51
CA SER B 10 8.75 -12.34 15.12
C SER B 10 9.15 -12.45 16.60
ZN ZN C . 1.24 -8.12 7.42
ZN ZN D . -2.48 3.43 0.25
N GLY A 1 12.55 20.66 -3.88
CA GLY A 1 11.72 19.46 -3.59
C GLY A 1 12.43 18.46 -2.72
N ALA A 2 12.71 18.86 -1.48
CA ALA A 2 13.39 17.99 -0.54
C ALA A 2 12.42 16.95 0.04
N MET A 3 11.93 16.10 -0.83
CA MET A 3 10.97 15.08 -0.46
C MET A 3 11.41 13.72 -0.97
N ALA A 4 10.90 12.66 -0.36
CA ALA A 4 11.21 11.31 -0.79
C ALA A 4 10.13 10.34 -0.33
N GLN A 5 9.03 10.92 0.16
CA GLN A 5 7.94 10.16 0.76
C GLN A 5 8.42 9.41 2.00
N LYS A 6 7.52 8.69 2.61
CA LYS A 6 7.84 7.87 3.77
C LYS A 6 7.20 6.51 3.63
N ASN A 7 7.91 5.47 4.01
CA ASN A 7 7.36 4.15 4.06
C ASN A 7 7.69 3.52 5.40
N GLU A 8 6.68 2.94 6.01
CA GLU A 8 6.84 2.36 7.33
C GLU A 8 7.32 0.92 7.23
N ASP A 9 8.24 0.55 8.10
CA ASP A 9 8.91 -0.75 8.01
C ASP A 9 8.13 -1.83 8.74
N GLU A 10 6.82 -1.74 8.68
CA GLU A 10 5.96 -2.78 9.22
C GLU A 10 4.60 -2.75 8.54
N CYS A 11 4.07 -3.93 8.34
CA CYS A 11 2.79 -4.10 7.68
C CYS A 11 1.66 -3.65 8.58
N ALA A 12 0.70 -2.93 8.01
CA ALA A 12 -0.46 -2.44 8.74
C ALA A 12 -1.33 -3.58 9.24
N VAL A 13 -1.11 -4.77 8.69
CA VAL A 13 -1.88 -5.95 9.05
C VAL A 13 -1.36 -6.59 10.33
N CYS A 14 -0.15 -7.15 10.27
CA CYS A 14 0.38 -7.91 11.39
C CYS A 14 1.53 -7.20 12.10
N ARG A 15 1.79 -5.96 11.69
CA ARG A 15 2.83 -5.13 12.30
C ARG A 15 4.20 -5.78 12.22
N ASP A 16 4.40 -6.56 11.16
CA ASP A 16 5.67 -7.25 10.93
C ASP A 16 6.35 -6.63 9.72
N GLY A 17 7.65 -6.83 9.61
CA GLY A 17 8.42 -6.24 8.53
C GLY A 17 8.91 -7.27 7.54
N GLY A 18 9.92 -6.91 6.77
CA GLY A 18 10.46 -7.83 5.80
C GLY A 18 10.14 -7.41 4.39
N GLU A 19 9.50 -8.30 3.64
CA GLU A 19 9.14 -8.06 2.26
C GLU A 19 7.85 -7.24 2.18
N LEU A 20 8.00 -5.95 2.38
CA LEU A 20 6.87 -5.04 2.44
C LEU A 20 6.52 -4.46 1.06
N ILE A 21 5.25 -4.11 0.91
CA ILE A 21 4.77 -3.37 -0.24
C ILE A 21 4.00 -2.15 0.26
N CYS A 22 4.54 -0.97 -0.01
CA CYS A 22 4.00 0.26 0.52
C CYS A 22 3.21 1.01 -0.54
N CYS A 23 2.17 1.68 -0.10
CA CYS A 23 1.33 2.49 -0.97
C CYS A 23 2.02 3.79 -1.36
N ASP A 24 1.67 4.31 -2.52
CA ASP A 24 2.14 5.63 -2.94
C ASP A 24 1.68 6.71 -1.98
N GLY A 25 0.37 6.93 -1.92
CA GLY A 25 -0.20 8.05 -1.20
C GLY A 25 -0.14 7.93 0.32
N CYS A 26 0.09 6.73 0.83
CA CYS A 26 0.13 6.54 2.28
C CYS A 26 1.33 5.68 2.69
N PRO A 27 2.06 6.13 3.72
CA PRO A 27 3.32 5.49 4.18
C PRO A 27 3.15 4.05 4.67
N ARG A 28 1.91 3.58 4.76
CA ARG A 28 1.65 2.22 5.20
C ARG A 28 2.23 1.20 4.23
N ALA A 29 2.98 0.25 4.76
CA ALA A 29 3.47 -0.87 3.98
C ALA A 29 2.74 -2.12 4.43
N PHE A 30 2.70 -3.13 3.57
CA PHE A 30 1.97 -4.35 3.87
C PHE A 30 2.75 -5.58 3.43
N HIS A 31 2.25 -6.74 3.81
CA HIS A 31 2.74 -8.00 3.28
C HIS A 31 1.79 -8.46 2.19
N LEU A 32 2.31 -9.11 1.15
CA LEU A 32 1.51 -9.48 -0.01
C LEU A 32 0.27 -10.29 0.38
N ALA A 33 0.49 -11.36 1.12
CA ALA A 33 -0.58 -12.27 1.50
C ALA A 33 -1.47 -11.69 2.59
N CYS A 34 -0.92 -10.74 3.34
CA CYS A 34 -1.64 -10.14 4.45
C CYS A 34 -2.68 -9.13 3.98
N LEU A 35 -2.47 -8.58 2.78
CA LEU A 35 -3.41 -7.64 2.19
C LEU A 35 -4.76 -8.27 1.92
N SER A 36 -5.78 -7.42 1.80
CA SER A 36 -7.09 -7.85 1.35
C SER A 36 -7.66 -6.81 0.39
N PRO A 37 -7.81 -7.16 -0.90
CA PRO A 37 -7.40 -8.45 -1.44
C PRO A 37 -5.88 -8.62 -1.46
N PRO A 38 -5.39 -9.84 -1.21
CA PRO A 38 -3.96 -10.13 -1.17
C PRO A 38 -3.33 -10.10 -2.56
N LEU A 39 -2.17 -9.46 -2.65
CA LEU A 39 -1.44 -9.38 -3.89
C LEU A 39 -0.52 -10.58 -4.05
N ARG A 40 -0.63 -11.28 -5.15
CA ARG A 40 0.21 -12.45 -5.40
C ARG A 40 1.48 -12.03 -6.14
N GLU A 41 1.41 -10.87 -6.75
CA GLU A 41 2.50 -10.36 -7.57
C GLU A 41 2.68 -8.86 -7.32
N ILE A 42 3.91 -8.38 -7.46
CA ILE A 42 4.22 -6.98 -7.24
C ILE A 42 3.78 -6.12 -8.41
N PRO A 43 2.88 -5.16 -8.13
CA PRO A 43 2.40 -4.20 -9.13
C PRO A 43 3.52 -3.39 -9.75
N SER A 44 3.44 -3.22 -11.06
CA SER A 44 4.48 -2.52 -11.80
C SER A 44 4.11 -1.05 -11.99
N GLY A 45 3.68 -0.43 -10.91
CA GLY A 45 3.29 0.97 -10.96
C GLY A 45 2.93 1.50 -9.60
N THR A 46 2.34 2.68 -9.56
CA THR A 46 1.92 3.30 -8.32
C THR A 46 0.80 2.50 -7.67
N TRP A 47 1.06 1.98 -6.48
CA TRP A 47 0.10 1.13 -5.80
C TRP A 47 -0.66 1.92 -4.73
N ARG A 48 -1.92 1.56 -4.52
CA ARG A 48 -2.75 2.20 -3.52
C ARG A 48 -3.35 1.16 -2.57
N CYS A 49 -3.34 1.46 -1.28
CA CYS A 49 -3.88 0.55 -0.27
C CYS A 49 -5.41 0.45 -0.40
N SER A 50 -6.00 -0.48 0.36
CA SER A 50 -7.45 -0.67 0.33
C SER A 50 -8.19 0.64 0.63
N SER A 51 -7.68 1.38 1.61
CA SER A 51 -8.28 2.64 2.03
C SER A 51 -8.33 3.64 0.87
N CYS A 52 -7.24 3.72 0.12
CA CYS A 52 -7.17 4.61 -1.03
C CYS A 52 -8.13 4.16 -2.13
N LEU A 53 -8.17 2.85 -2.37
CA LEU A 53 -9.01 2.30 -3.43
C LEU A 53 -10.48 2.47 -3.08
N GLN A 54 -10.78 2.47 -1.79
CA GLN A 54 -12.15 2.62 -1.32
C GLN A 54 -12.63 4.06 -1.54
N ALA A 55 -11.69 4.96 -1.80
CA ALA A 55 -12.02 6.36 -2.08
C ALA A 55 -12.25 6.55 -3.58
N THR A 56 -12.88 5.55 -4.19
CA THR A 56 -13.26 5.58 -5.60
C THR A 56 -14.14 6.79 -5.96
N VAL A 57 -13.54 7.97 -6.05
CA VAL A 57 -14.23 9.16 -6.54
C VAL A 57 -14.01 9.29 -8.04
N GLN A 58 -13.18 8.39 -8.57
CA GLN A 58 -12.87 8.35 -9.99
C GLN A 58 -14.08 7.91 -10.80
N GLU A 59 -14.86 8.87 -11.26
CA GLU A 59 -15.99 8.59 -12.13
C GLU A 59 -15.54 7.83 -13.38
N VAL A 60 -16.38 6.92 -13.85
CA VAL A 60 -16.06 6.06 -14.97
C VAL A 60 -14.85 5.19 -14.66
N GLN A 61 -15.12 4.05 -14.03
CA GLN A 61 -14.10 3.08 -13.67
C GLN A 61 -13.37 2.61 -14.93
N PRO A 62 -12.06 2.34 -14.83
CA PRO A 62 -11.23 1.98 -15.97
C PRO A 62 -11.76 0.75 -16.69
N ARG A 63 -12.18 0.96 -17.93
CA ARG A 63 -12.76 -0.11 -18.71
C ARG A 63 -11.68 -0.81 -19.53
N ALA A 64 -11.07 -1.83 -18.95
CA ALA A 64 -10.05 -2.58 -19.64
C ALA A 64 -10.70 -3.68 -20.46
N GLU A 65 -11.24 -3.30 -21.60
CA GLU A 65 -11.94 -4.25 -22.46
C GLU A 65 -10.91 -4.91 -23.39
N GLU A 66 -10.01 -4.10 -23.90
CA GLU A 66 -8.91 -4.56 -24.72
C GLU A 66 -7.89 -3.43 -24.88
N ALA B 1 5.14 -0.49 -7.26
CA ALA B 1 4.76 -0.52 -5.83
C ALA B 1 5.99 -0.20 -4.97
N ARG B 2 5.77 0.51 -3.86
CA ARG B 2 6.87 0.93 -2.99
C ARG B 2 7.36 -0.25 -2.14
N THR B 3 8.10 -1.15 -2.75
CA THR B 3 8.55 -2.35 -2.08
C THR B 3 9.73 -2.06 -1.15
N LYS B 4 9.78 -2.81 -0.05
CA LYS B 4 10.85 -2.66 0.92
C LYS B 4 11.42 -4.02 1.27
N GLN B 5 12.74 -4.13 1.26
CA GLN B 5 13.41 -5.35 1.70
C GLN B 5 14.00 -5.14 3.09
N THR B 6 13.13 -5.09 4.07
CA THR B 6 13.54 -4.79 5.44
C THR B 6 13.75 -6.08 6.24
N ALA B 7 14.24 -5.93 7.46
CA ALA B 7 14.37 -7.05 8.37
C ALA B 7 13.02 -7.36 8.99
N ARG B 8 12.68 -8.65 9.06
CA ARG B 8 11.40 -9.05 9.61
C ARG B 8 11.34 -8.78 11.11
N LYS B 9 10.15 -8.49 11.61
CA LYS B 9 9.97 -8.09 12.99
C LYS B 9 9.48 -9.27 13.81
N SER B 10 10.27 -10.32 13.86
CA SER B 10 9.93 -11.52 14.61
C SER B 10 10.03 -11.25 16.10
ZN ZN C . 1.16 -8.43 7.15
ZN ZN D . -2.93 3.62 0.18
N GLY A 1 20.95 18.63 0.86
CA GLY A 1 20.05 17.73 1.63
C GLY A 1 19.10 16.98 0.72
N ALA A 2 19.00 15.67 0.90
CA ALA A 2 18.18 14.84 0.04
C ALA A 2 16.75 14.71 0.58
N MET A 3 15.80 14.59 -0.33
CA MET A 3 14.41 14.37 0.04
C MET A 3 13.98 12.97 -0.39
N ALA A 4 13.10 12.37 0.38
CA ALA A 4 12.60 11.03 0.09
C ALA A 4 11.22 10.84 0.69
N GLN A 5 10.42 9.98 0.07
CA GLN A 5 9.12 9.61 0.61
C GLN A 5 9.30 8.70 1.81
N LYS A 6 8.21 8.36 2.49
CA LYS A 6 8.32 7.63 3.76
C LYS A 6 7.46 6.38 3.72
N ASN A 7 8.05 5.27 4.10
CA ASN A 7 7.37 3.98 4.10
C ASN A 7 7.62 3.27 5.41
N GLU A 8 6.56 2.69 5.97
CA GLU A 8 6.69 1.94 7.21
C GLU A 8 7.42 0.64 6.96
N ASP A 9 8.32 0.29 7.86
CA ASP A 9 9.06 -0.95 7.75
C ASP A 9 8.31 -2.06 8.46
N GLU A 10 7.06 -1.79 8.77
CA GLU A 10 6.16 -2.77 9.33
C GLU A 10 4.85 -2.74 8.58
N CYS A 11 4.23 -3.89 8.44
CA CYS A 11 2.97 -4.02 7.75
C CYS A 11 1.85 -3.41 8.59
N ALA A 12 0.93 -2.70 7.92
CA ALA A 12 -0.22 -2.12 8.58
C ALA A 12 -1.12 -3.19 9.19
N VAL A 13 -1.01 -4.41 8.67
CA VAL A 13 -1.81 -5.53 9.13
C VAL A 13 -1.31 -6.06 10.47
N CYS A 14 -0.06 -6.54 10.51
CA CYS A 14 0.45 -7.21 11.70
C CYS A 14 1.66 -6.48 12.31
N ARG A 15 2.02 -5.34 11.74
CA ARG A 15 3.18 -4.55 12.17
C ARG A 15 4.47 -5.38 12.14
N ASP A 16 4.51 -6.34 11.22
CA ASP A 16 5.68 -7.17 11.01
C ASP A 16 6.45 -6.63 9.81
N GLY A 17 7.68 -7.06 9.63
CA GLY A 17 8.51 -6.52 8.58
C GLY A 17 8.88 -7.56 7.54
N GLY A 18 9.79 -7.21 6.64
CA GLY A 18 10.24 -8.16 5.66
C GLY A 18 9.82 -7.77 4.26
N GLU A 19 9.04 -8.64 3.64
CA GLU A 19 8.58 -8.43 2.28
C GLU A 19 7.35 -7.52 2.27
N LEU A 20 7.62 -6.23 2.18
CA LEU A 20 6.61 -5.20 2.31
C LEU A 20 6.27 -4.57 0.97
N ILE A 21 5.04 -4.12 0.86
CA ILE A 21 4.60 -3.33 -0.27
C ILE A 21 3.86 -2.10 0.23
N CYS A 22 4.44 -0.94 -0.02
CA CYS A 22 3.92 0.30 0.55
C CYS A 22 3.15 1.09 -0.50
N CYS A 23 2.13 1.80 -0.03
CA CYS A 23 1.31 2.62 -0.89
C CYS A 23 2.04 3.89 -1.31
N ASP A 24 1.68 4.41 -2.47
CA ASP A 24 2.28 5.66 -2.95
C ASP A 24 2.00 6.81 -1.98
N GLY A 25 0.74 7.22 -1.88
CA GLY A 25 0.38 8.40 -1.11
C GLY A 25 0.22 8.13 0.38
N CYS A 26 0.36 6.88 0.79
CA CYS A 26 0.22 6.53 2.19
C CYS A 26 1.40 5.68 2.65
N PRO A 27 2.03 6.07 3.77
CA PRO A 27 3.27 5.45 4.27
C PRO A 27 3.10 3.99 4.72
N ARG A 28 1.85 3.54 4.80
CA ARG A 28 1.57 2.17 5.21
C ARG A 28 2.16 1.18 4.23
N ALA A 29 2.87 0.20 4.77
CA ALA A 29 3.35 -0.93 3.99
C ALA A 29 2.62 -2.19 4.41
N PHE A 30 2.52 -3.15 3.52
CA PHE A 30 1.76 -4.36 3.81
C PHE A 30 2.51 -5.61 3.37
N HIS A 31 2.09 -6.75 3.86
CA HIS A 31 2.57 -8.02 3.36
C HIS A 31 1.61 -8.53 2.30
N LEU A 32 2.13 -9.23 1.30
CA LEU A 32 1.30 -9.63 0.16
C LEU A 32 0.08 -10.43 0.61
N ALA A 33 0.32 -11.49 1.37
CA ALA A 33 -0.75 -12.37 1.83
C ALA A 33 -1.62 -11.73 2.90
N CYS A 34 -1.07 -10.74 3.61
CA CYS A 34 -1.82 -10.05 4.65
C CYS A 34 -2.82 -9.07 4.05
N LEU A 35 -2.57 -8.67 2.82
CA LEU A 35 -3.49 -7.79 2.11
C LEU A 35 -4.75 -8.52 1.70
N SER A 36 -5.79 -7.75 1.48
CA SER A 36 -7.03 -8.26 0.93
C SER A 36 -7.59 -7.24 -0.05
N PRO A 37 -7.57 -7.54 -1.35
CA PRO A 37 -7.09 -8.82 -1.87
C PRO A 37 -5.57 -8.93 -1.83
N PRO A 38 -5.06 -10.14 -1.56
CA PRO A 38 -3.63 -10.41 -1.47
C PRO A 38 -2.97 -10.37 -2.85
N LEU A 39 -1.91 -9.58 -2.97
CA LEU A 39 -1.17 -9.47 -4.22
C LEU A 39 -0.25 -10.67 -4.38
N ARG A 40 -0.40 -11.36 -5.50
CA ARG A 40 0.42 -12.53 -5.79
C ARG A 40 1.83 -12.12 -6.20
N GLU A 41 1.93 -10.91 -6.73
CA GLU A 41 3.21 -10.36 -7.15
C GLU A 41 3.14 -8.84 -7.17
N ILE A 42 4.30 -8.21 -7.14
CA ILE A 42 4.39 -6.77 -7.00
C ILE A 42 3.90 -6.02 -8.24
N PRO A 43 2.95 -5.10 -8.02
CA PRO A 43 2.42 -4.22 -9.08
C PRO A 43 3.48 -3.27 -9.62
N SER A 44 3.43 -3.04 -10.91
CA SER A 44 4.48 -2.28 -11.61
C SER A 44 4.11 -0.80 -11.76
N GLY A 45 3.46 -0.27 -10.74
CA GLY A 45 3.03 1.11 -10.79
C GLY A 45 2.65 1.64 -9.42
N THR A 46 1.98 2.77 -9.40
CA THR A 46 1.52 3.37 -8.17
C THR A 46 0.48 2.49 -7.49
N TRP A 47 0.86 1.88 -6.37
CA TRP A 47 -0.04 1.02 -5.63
C TRP A 47 -0.78 1.83 -4.57
N ARG A 48 -2.05 1.51 -4.39
CA ARG A 48 -2.89 2.22 -3.45
C ARG A 48 -3.43 1.28 -2.38
N CYS A 49 -3.32 1.70 -1.13
CA CYS A 49 -3.83 0.91 -0.01
C CYS A 49 -5.35 1.09 0.13
N SER A 50 -5.93 0.43 1.13
CA SER A 50 -7.37 0.47 1.34
C SER A 50 -7.91 1.90 1.42
N SER A 51 -7.22 2.73 2.21
CA SER A 51 -7.62 4.13 2.39
C SER A 51 -7.77 4.85 1.06
N CYS A 52 -6.78 4.70 0.19
CA CYS A 52 -6.80 5.34 -1.13
C CYS A 52 -7.92 4.77 -2.00
N LEU A 53 -8.07 3.45 -1.96
CA LEU A 53 -9.10 2.77 -2.76
C LEU A 53 -10.49 3.20 -2.32
N GLN A 54 -10.63 3.51 -1.04
CA GLN A 54 -11.89 3.94 -0.47
C GLN A 54 -12.23 5.36 -0.93
N ALA A 55 -11.23 6.12 -1.33
CA ALA A 55 -11.42 7.50 -1.70
C ALA A 55 -11.12 7.73 -3.18
N THR A 56 -11.02 6.64 -3.93
CA THR A 56 -10.73 6.68 -5.38
C THR A 56 -9.46 7.47 -5.68
N VAL A 57 -9.30 7.86 -6.94
CA VAL A 57 -8.13 8.62 -7.37
C VAL A 57 -8.01 9.93 -6.59
N GLN A 58 -8.94 10.84 -6.84
CA GLN A 58 -8.97 12.13 -6.15
C GLN A 58 -10.43 12.52 -5.89
N GLU A 59 -11.08 13.02 -6.92
CA GLU A 59 -12.51 13.29 -6.88
C GLU A 59 -13.09 13.15 -8.28
N VAL A 60 -14.24 12.51 -8.38
CA VAL A 60 -14.84 12.24 -9.68
C VAL A 60 -15.85 13.33 -10.03
N GLN A 61 -15.36 14.56 -10.11
CA GLN A 61 -16.20 15.69 -10.46
C GLN A 61 -15.44 16.69 -11.33
N PRO A 62 -15.92 16.94 -12.55
CA PRO A 62 -15.40 18.01 -13.39
C PRO A 62 -15.87 19.37 -12.87
N ARG A 63 -15.09 20.41 -13.10
CA ARG A 63 -15.44 21.73 -12.61
C ARG A 63 -15.37 22.76 -13.73
N ALA A 64 -16.45 23.51 -13.89
CA ALA A 64 -16.52 24.52 -14.95
C ALA A 64 -15.81 25.80 -14.52
N GLU A 65 -14.71 26.09 -15.20
CA GLU A 65 -13.87 27.23 -14.90
C GLU A 65 -12.68 27.21 -15.85
N GLU A 66 -11.69 26.37 -15.51
CA GLU A 66 -10.56 26.04 -16.38
C GLU A 66 -9.96 27.28 -17.07
N ALA B 1 5.06 -0.22 -7.24
CA ALA B 1 4.70 -0.23 -5.80
C ALA B 1 5.91 0.09 -4.96
N ARG B 2 5.69 0.68 -3.79
CA ARG B 2 6.78 1.03 -2.91
C ARG B 2 7.23 -0.19 -2.12
N THR B 3 7.82 -1.13 -2.82
CA THR B 3 8.21 -2.41 -2.25
C THR B 3 9.41 -2.26 -1.30
N LYS B 4 9.38 -2.99 -0.21
CA LYS B 4 10.42 -2.95 0.79
C LYS B 4 10.88 -4.35 1.13
N GLN B 5 12.18 -4.56 1.23
CA GLN B 5 12.71 -5.82 1.73
C GLN B 5 13.44 -5.57 3.04
N THR B 6 12.69 -5.52 4.12
CA THR B 6 13.25 -5.23 5.43
C THR B 6 13.40 -6.49 6.26
N ALA B 7 13.68 -6.33 7.55
CA ALA B 7 13.83 -7.46 8.44
C ALA B 7 12.48 -7.86 9.03
N ARG B 8 12.19 -9.15 8.97
CA ARG B 8 10.94 -9.66 9.51
C ARG B 8 10.97 -9.64 11.02
N LYS B 9 9.81 -9.45 11.62
CA LYS B 9 9.67 -9.43 13.06
C LYS B 9 9.04 -10.74 13.50
N SER B 10 8.94 -11.65 12.54
CA SER B 10 8.33 -12.95 12.75
C SER B 10 9.25 -13.85 13.56
ZN ZN C . 1.20 -8.25 7.43
ZN ZN D . -2.49 4.95 0.51
N GLY A 1 21.34 10.51 -3.98
CA GLY A 1 20.26 11.38 -4.47
C GLY A 1 19.40 11.91 -3.34
N ALA A 2 18.45 12.76 -3.67
CA ALA A 2 17.57 13.34 -2.69
C ALA A 2 16.41 12.40 -2.41
N MET A 3 16.55 11.60 -1.37
CA MET A 3 15.55 10.61 -1.03
C MET A 3 14.56 11.16 -0.02
N ALA A 4 13.47 11.72 -0.54
CA ALA A 4 12.39 12.24 0.30
C ALA A 4 11.28 11.22 0.39
N GLN A 5 11.53 10.07 -0.22
CA GLN A 5 10.61 8.94 -0.19
C GLN A 5 10.41 8.47 1.24
N LYS A 6 9.19 8.07 1.57
CA LYS A 6 8.87 7.64 2.92
C LYS A 6 8.04 6.36 2.91
N ASN A 7 8.58 5.32 3.54
CA ASN A 7 7.87 4.07 3.71
C ASN A 7 8.14 3.53 5.11
N GLU A 8 7.09 3.07 5.76
CA GLU A 8 7.21 2.49 7.10
C GLU A 8 7.63 1.02 7.00
N ASP A 9 8.49 0.60 7.92
CA ASP A 9 9.05 -0.76 7.88
C ASP A 9 8.19 -1.73 8.67
N GLU A 10 6.89 -1.51 8.63
CA GLU A 10 5.95 -2.42 9.26
C GLU A 10 4.67 -2.48 8.47
N CYS A 11 4.09 -3.66 8.44
CA CYS A 11 2.82 -3.86 7.78
C CYS A 11 1.68 -3.35 8.66
N ALA A 12 0.73 -2.67 8.02
CA ALA A 12 -0.44 -2.13 8.72
C ALA A 12 -1.32 -3.26 9.27
N VAL A 13 -1.11 -4.45 8.74
CA VAL A 13 -1.90 -5.62 9.12
C VAL A 13 -1.42 -6.24 10.44
N CYS A 14 -0.17 -6.70 10.48
CA CYS A 14 0.32 -7.42 11.64
C CYS A 14 1.54 -6.76 12.29
N ARG A 15 1.85 -5.53 11.85
CA ARG A 15 2.97 -4.76 12.40
C ARG A 15 4.30 -5.49 12.23
N ASP A 16 4.39 -6.31 11.20
CA ASP A 16 5.59 -7.10 10.94
C ASP A 16 6.32 -6.53 9.74
N GLY A 17 7.56 -6.97 9.54
CA GLY A 17 8.36 -6.49 8.43
C GLY A 17 8.75 -7.62 7.50
N GLY A 18 9.67 -7.36 6.58
CA GLY A 18 10.08 -8.40 5.65
C GLY A 18 9.73 -8.03 4.23
N GLU A 19 8.89 -8.86 3.61
CA GLU A 19 8.39 -8.61 2.26
C GLU A 19 7.29 -7.56 2.30
N LEU A 20 7.70 -6.30 2.31
CA LEU A 20 6.75 -5.20 2.45
C LEU A 20 6.44 -4.56 1.10
N ILE A 21 5.20 -4.15 0.95
CA ILE A 21 4.78 -3.38 -0.20
C ILE A 21 4.06 -2.11 0.28
N CYS A 22 4.68 -0.98 0.04
CA CYS A 22 4.21 0.29 0.56
C CYS A 22 3.36 1.02 -0.48
N CYS A 23 2.28 1.62 0.02
CA CYS A 23 1.37 2.38 -0.81
C CYS A 23 1.97 3.74 -1.16
N ASP A 24 1.63 4.23 -2.35
CA ASP A 24 2.04 5.56 -2.76
C ASP A 24 1.43 6.62 -1.83
N GLY A 25 0.10 6.72 -1.87
CA GLY A 25 -0.61 7.75 -1.11
C GLY A 25 -0.32 7.76 0.38
N CYS A 26 0.02 6.61 0.95
CA CYS A 26 0.26 6.53 2.38
C CYS A 26 1.52 5.69 2.65
N PRO A 27 2.42 6.18 3.52
CA PRO A 27 3.70 5.52 3.82
C PRO A 27 3.56 4.14 4.46
N ARG A 28 2.31 3.69 4.66
CA ARG A 28 2.07 2.33 5.15
C ARG A 28 2.64 1.31 4.20
N ALA A 29 3.22 0.26 4.74
CA ALA A 29 3.63 -0.88 3.96
C ALA A 29 2.84 -2.10 4.43
N PHE A 30 2.71 -3.10 3.57
CA PHE A 30 1.92 -4.28 3.90
C PHE A 30 2.65 -5.54 3.46
N HIS A 31 2.11 -6.69 3.86
CA HIS A 31 2.58 -7.96 3.35
C HIS A 31 1.63 -8.45 2.28
N LEU A 32 2.15 -9.14 1.27
CA LEU A 32 1.34 -9.53 0.13
C LEU A 32 0.11 -10.33 0.55
N ALA A 33 0.34 -11.38 1.34
CA ALA A 33 -0.72 -12.28 1.76
C ALA A 33 -1.62 -11.65 2.83
N CYS A 34 -1.11 -10.62 3.51
CA CYS A 34 -1.87 -9.96 4.57
C CYS A 34 -2.91 -9.02 3.97
N LEU A 35 -2.66 -8.56 2.75
CA LEU A 35 -3.62 -7.72 2.04
C LEU A 35 -4.84 -8.53 1.61
N SER A 36 -5.96 -7.84 1.44
CA SER A 36 -7.15 -8.45 0.92
C SER A 36 -7.85 -7.47 -0.03
N PRO A 37 -7.98 -7.83 -1.32
CA PRO A 37 -7.45 -9.08 -1.86
C PRO A 37 -5.92 -9.07 -1.94
N PRO A 38 -5.29 -10.17 -1.53
CA PRO A 38 -3.83 -10.30 -1.51
C PRO A 38 -3.19 -10.23 -2.89
N LEU A 39 -2.00 -9.67 -2.95
CA LEU A 39 -1.25 -9.57 -4.19
C LEU A 39 -0.28 -10.74 -4.29
N ARG A 40 -0.33 -11.46 -5.41
CA ARG A 40 0.57 -12.60 -5.62
C ARG A 40 1.86 -12.13 -6.25
N GLU A 41 1.80 -10.96 -6.87
CA GLU A 41 2.95 -10.37 -7.53
C GLU A 41 3.02 -8.88 -7.24
N ILE A 42 4.22 -8.32 -7.29
CA ILE A 42 4.44 -6.91 -7.01
C ILE A 42 4.07 -6.05 -8.22
N PRO A 43 3.07 -5.17 -8.05
CA PRO A 43 2.62 -4.28 -9.11
C PRO A 43 3.64 -3.20 -9.44
N SER A 44 3.75 -2.86 -10.71
CA SER A 44 4.66 -1.82 -11.15
C SER A 44 3.88 -0.55 -11.46
N GLY A 45 4.01 0.43 -10.59
CA GLY A 45 3.22 1.64 -10.70
C GLY A 45 2.79 2.14 -9.34
N THR A 46 1.89 3.10 -9.31
CA THR A 46 1.40 3.63 -8.06
C THR A 46 0.37 2.68 -7.44
N TRP A 47 0.78 2.01 -6.38
CA TRP A 47 -0.11 1.09 -5.68
C TRP A 47 -0.80 1.81 -4.54
N ARG A 48 -2.05 1.47 -4.29
CA ARG A 48 -2.85 2.11 -3.26
C ARG A 48 -3.44 1.09 -2.30
N CYS A 49 -3.44 1.42 -1.02
CA CYS A 49 -4.03 0.57 0.01
C CYS A 49 -5.56 0.67 -0.04
N SER A 50 -6.23 -0.09 0.80
CA SER A 50 -7.69 -0.09 0.85
C SER A 50 -8.24 1.32 1.12
N SER A 51 -7.65 2.00 2.10
CA SER A 51 -8.07 3.36 2.46
C SER A 51 -7.93 4.31 1.27
N CYS A 52 -6.83 4.19 0.54
CA CYS A 52 -6.59 5.03 -0.63
C CYS A 52 -7.59 4.74 -1.74
N LEU A 53 -7.91 3.47 -1.95
CA LEU A 53 -8.89 3.08 -2.96
C LEU A 53 -10.28 3.61 -2.59
N GLN A 54 -10.60 3.52 -1.31
CA GLN A 54 -11.88 4.02 -0.81
C GLN A 54 -11.76 5.50 -0.45
N ALA A 55 -10.72 6.15 -0.95
CA ALA A 55 -10.56 7.58 -0.75
C ALA A 55 -11.41 8.34 -1.76
N THR A 56 -12.03 7.59 -2.65
CA THR A 56 -12.98 8.15 -3.59
C THR A 56 -14.38 8.05 -3.00
N VAL A 57 -15.21 9.05 -3.23
CA VAL A 57 -16.51 9.11 -2.56
C VAL A 57 -17.63 8.78 -3.55
N GLN A 58 -17.24 8.54 -4.80
CA GLN A 58 -18.20 8.20 -5.84
C GLN A 58 -18.79 6.82 -5.59
N GLU A 59 -17.93 5.89 -5.18
CA GLU A 59 -18.36 4.53 -4.86
C GLU A 59 -19.12 4.52 -3.53
N VAL A 60 -20.35 4.03 -3.56
CA VAL A 60 -21.19 4.00 -2.39
C VAL A 60 -21.94 2.66 -2.30
N GLN A 61 -21.18 1.61 -2.04
CA GLN A 61 -21.74 0.27 -1.94
C GLN A 61 -21.70 -0.22 -0.49
N PRO A 62 -22.87 -0.59 0.05
CA PRO A 62 -22.98 -1.11 1.42
C PRO A 62 -22.46 -2.54 1.53
N ARG A 63 -21.94 -2.87 2.70
CA ARG A 63 -21.44 -4.21 2.97
C ARG A 63 -22.59 -5.19 3.21
N ALA A 64 -23.17 -5.69 2.12
CA ALA A 64 -24.25 -6.65 2.19
C ALA A 64 -24.52 -7.27 0.83
N GLU A 65 -25.17 -8.42 0.85
CA GLU A 65 -25.57 -9.14 -0.37
C GLU A 65 -24.37 -9.62 -1.20
N GLU A 66 -24.67 -10.41 -2.22
CA GLU A 66 -23.66 -11.03 -3.06
C GLU A 66 -24.25 -11.32 -4.43
N ALA B 1 4.92 -0.22 -7.20
CA ALA B 1 4.66 -0.35 -5.76
C ALA B 1 5.94 -0.14 -4.98
N ARG B 2 5.87 0.65 -3.92
CA ARG B 2 7.04 0.98 -3.13
C ARG B 2 7.44 -0.22 -2.27
N THR B 3 8.20 -1.13 -2.86
CA THR B 3 8.49 -2.41 -2.23
C THR B 3 9.67 -2.29 -1.27
N LYS B 4 9.59 -3.01 -0.17
CA LYS B 4 10.62 -2.97 0.86
C LYS B 4 11.10 -4.38 1.18
N GLN B 5 12.41 -4.55 1.20
CA GLN B 5 13.00 -5.81 1.62
C GLN B 5 13.69 -5.63 2.97
N THR B 6 12.88 -5.52 4.02
CA THR B 6 13.41 -5.32 5.35
C THR B 6 13.49 -6.64 6.10
N ALA B 7 14.01 -6.61 7.31
CA ALA B 7 14.06 -7.79 8.16
C ALA B 7 12.71 -7.95 8.86
N ARG B 8 12.24 -9.19 8.92
CA ARG B 8 10.97 -9.48 9.57
C ARG B 8 11.05 -9.18 11.06
N LYS B 9 9.95 -8.69 11.60
CA LYS B 9 9.87 -8.31 13.01
C LYS B 9 9.47 -9.53 13.82
N SER B 10 9.01 -10.56 13.13
CA SER B 10 8.71 -11.84 13.75
C SER B 10 10.01 -12.62 13.97
ZN ZN C . 1.09 -8.17 7.48
ZN ZN D . -2.66 3.52 0.71
#